data_1LDY
#
_entry.id   1LDY
#
_cell.length_a   49.930
_cell.length_b   180.200
_cell.length_c   86.800
_cell.angle_alpha   90.00
_cell.angle_beta   106.00
_cell.angle_gamma   90.00
#
_symmetry.space_group_name_H-M   'P 1 21 1'
#
loop_
_entity.id
_entity.type
_entity.pdbx_description
1 polymer 'ALCOHOL DEHYDROGENASE'
2 non-polymer 'ZINC ION'
3 non-polymer NICOTINAMIDE-ADENINE-DINUCLEOTIDE
4 non-polymer CYCLOHEXYLFORMAMIDE
5 water water
#
_entity_poly.entity_id   1
_entity_poly.type   'polypeptide(L)'
_entity_poly.pdbx_seq_one_letter_code
;STAGKVIKCKAAVLWEEKKPFSIEEVEVAPPKAHEVRIKMVATGICRSDDHVVSGTLVTPLPVIAGHEAAGIVESIGEGV
TTVRPGDKVIPLFTPQCGKCRVCKHPEGNFCLKNDLSMPRGTMQDGTSRFTCRGKPIHHFLGTSTFSQYTVVDEISVAKI
DAASPLEKVCLIGCGFSTGYGSAVKVAKVTQGSTCAVFGLGGVGLSVIMGCKAAGAARIIGVDINKDKFAKAKEVGATEC
VNPQDYKKPIQEVLTEMSNGGVDFSFEVIGRLDTMVTALSCCQEAYGVSVIVGVPPDSQNLSMNPMLLLSGRTWKGAIFG
GFKSKDSVPKLVADFMAKKFALDPLITHVLPFEKINEGFDLLRSGESIRTILTF
;
_entity_poly.pdbx_strand_id   A,B,C,D
#
# COMPACT_ATOMS: atom_id res chain seq x y z
N SER A 1 34.09 45.14 17.39
CA SER A 1 33.99 46.09 16.23
C SER A 1 32.72 45.77 15.44
N THR A 2 32.43 44.51 15.11
CA THR A 2 31.19 44.25 14.40
C THR A 2 30.09 43.69 15.33
N ALA A 3 30.49 43.41 16.55
CA ALA A 3 29.56 42.80 17.50
C ALA A 3 28.30 43.61 17.56
N GLY A 4 27.18 42.89 17.68
CA GLY A 4 25.90 43.58 17.78
C GLY A 4 25.48 44.28 16.54
N LYS A 5 26.20 44.26 15.41
CA LYS A 5 25.77 44.97 14.22
C LYS A 5 25.52 43.98 13.08
N VAL A 6 24.73 44.45 12.13
CA VAL A 6 24.45 43.72 10.90
C VAL A 6 25.81 43.73 10.10
N ILE A 7 26.26 42.63 9.53
CA ILE A 7 27.49 42.61 8.79
C ILE A 7 27.11 42.46 7.30
N LYS A 8 27.85 43.19 6.46
CA LYS A 8 27.61 43.09 5.05
C LYS A 8 28.82 42.26 4.60
N CYS A 9 28.63 41.19 3.83
CA CYS A 9 29.81 40.39 3.40
C CYS A 9 29.37 39.64 2.13
N LYS A 10 30.29 38.87 1.58
CA LYS A 10 30.02 38.08 0.39
C LYS A 10 29.62 36.69 0.81
N ALA A 11 28.81 36.04 0.10
CA ALA A 11 28.26 34.69 0.30
C ALA A 11 27.88 34.11 -1.05
N ALA A 12 27.92 32.80 -1.21
CA ALA A 12 27.56 32.17 -2.47
C ALA A 12 26.07 31.86 -2.38
N VAL A 13 25.18 32.55 -3.07
CA VAL A 13 23.76 32.32 -3.00
C VAL A 13 23.30 31.42 -4.10
N LEU A 14 22.47 30.44 -3.74
CA LEU A 14 21.91 29.52 -4.68
C LEU A 14 20.46 30.04 -4.93
N TRP A 15 20.20 30.70 -6.04
CA TRP A 15 18.86 31.20 -6.25
C TRP A 15 17.94 30.17 -6.85
N GLU A 16 18.45 29.29 -7.70
CA GLU A 16 17.57 28.33 -8.34
C GLU A 16 18.23 26.99 -8.58
N GLU A 17 17.47 25.92 -8.71
CA GLU A 17 18.19 24.69 -8.95
C GLU A 17 18.98 24.72 -10.23
N LYS A 18 19.97 23.84 -10.33
CA LYS A 18 20.84 23.63 -11.47
C LYS A 18 21.40 24.92 -12.01
N LYS A 19 21.85 25.85 -11.19
CA LYS A 19 22.41 27.11 -11.66
C LYS A 19 23.68 27.26 -10.83
N PRO A 20 24.58 28.02 -11.36
CA PRO A 20 25.85 28.30 -10.71
C PRO A 20 25.53 29.14 -9.48
N PHE A 21 26.46 29.08 -8.56
CA PHE A 21 26.32 29.84 -7.34
C PHE A 21 26.52 31.33 -7.72
N SER A 22 25.82 32.23 -7.02
CA SER A 22 25.91 33.64 -7.24
C SER A 22 26.66 34.32 -6.10
N ILE A 23 27.90 34.71 -6.38
CA ILE A 23 28.70 35.38 -5.38
C ILE A 23 28.15 36.80 -5.19
N GLU A 24 27.48 37.06 -4.04
CA GLU A 24 26.98 38.43 -3.93
C GLU A 24 26.99 38.97 -2.52
N GLU A 25 26.63 40.25 -2.42
CA GLU A 25 26.59 40.86 -1.11
C GLU A 25 25.34 40.45 -0.32
N VAL A 26 25.59 40.05 0.93
CA VAL A 26 24.55 39.65 1.85
C VAL A 26 24.70 40.42 3.17
N GLU A 27 23.64 40.55 3.95
CA GLU A 27 23.51 41.18 5.22
C GLU A 27 23.27 39.99 6.20
N VAL A 28 24.11 39.82 7.16
CA VAL A 28 24.12 38.79 8.16
C VAL A 28 23.78 39.47 9.50
N ALA A 29 22.59 39.14 10.01
CA ALA A 29 22.18 39.72 11.27
C ALA A 29 23.04 39.28 12.43
N PRO A 30 23.08 40.08 13.47
CA PRO A 30 23.80 39.81 14.69
C PRO A 30 23.03 38.61 15.31
N PRO A 31 23.72 37.74 16.03
CA PRO A 31 23.24 36.55 16.67
C PRO A 31 22.23 36.83 17.74
N LYS A 32 21.15 36.10 17.85
CA LYS A 32 20.14 36.33 18.89
C LYS A 32 20.48 35.47 20.12
N ALA A 33 19.65 35.32 21.12
CA ALA A 33 19.96 34.48 22.26
C ALA A 33 20.32 33.06 21.89
N HIS A 34 21.39 32.54 22.47
CA HIS A 34 21.84 31.18 22.17
C HIS A 34 22.27 30.99 20.71
N GLU A 35 22.72 32.03 20.02
CA GLU A 35 23.14 31.96 18.65
C GLU A 35 24.61 32.37 18.56
N VAL A 36 25.37 31.88 17.62
CA VAL A 36 26.76 32.20 17.44
C VAL A 36 27.05 32.64 16.00
N ARG A 37 27.68 33.82 15.89
CA ARG A 37 28.05 34.34 14.59
C ARG A 37 29.53 33.98 14.41
N ILE A 38 29.82 33.27 13.34
CA ILE A 38 31.14 32.79 12.95
C ILE A 38 31.69 33.39 11.65
N LYS A 39 32.96 33.75 11.72
CA LYS A 39 33.64 34.28 10.52
C LYS A 39 34.28 32.99 9.90
N MET A 40 33.80 32.63 8.68
CA MET A 40 34.36 31.43 8.08
C MET A 40 35.84 31.51 7.65
N VAL A 41 36.58 30.45 7.97
CA VAL A 41 38.01 30.43 7.56
C VAL A 41 38.16 29.47 6.42
N ALA A 42 37.52 28.33 6.37
CA ALA A 42 37.63 27.36 5.30
C ALA A 42 36.42 26.46 5.18
N THR A 43 36.11 26.13 3.92
CA THR A 43 34.96 25.27 3.74
C THR A 43 35.17 24.29 2.64
N GLY A 44 34.82 23.00 2.82
CA GLY A 44 35.01 22.03 1.76
C GLY A 44 33.75 21.90 0.91
N ILE A 45 33.91 21.36 -0.27
CA ILE A 45 32.82 21.17 -1.21
C ILE A 45 32.44 19.70 -1.14
N CYS A 46 31.34 19.36 -0.48
CA CYS A 46 30.89 18.00 -0.34
C CYS A 46 29.84 17.77 -1.40
N ARG A 47 29.64 16.54 -1.85
CA ARG A 47 28.67 16.14 -2.84
C ARG A 47 27.27 16.50 -2.36
N SER A 48 26.97 16.49 -1.03
CA SER A 48 25.63 16.88 -0.56
C SER A 48 25.31 18.36 -0.94
N ASP A 49 26.34 19.20 -1.00
CA ASP A 49 26.13 20.58 -1.44
C ASP A 49 25.68 20.60 -2.93
N ASP A 50 26.32 19.77 -3.73
CA ASP A 50 26.03 19.61 -5.14
C ASP A 50 24.60 19.07 -5.30
N HIS A 51 24.18 18.19 -4.36
CA HIS A 51 22.85 17.59 -4.34
C HIS A 51 21.81 18.72 -4.21
N VAL A 52 22.10 19.82 -3.53
CA VAL A 52 21.17 20.93 -3.41
C VAL A 52 21.04 21.62 -4.77
N VAL A 53 22.15 21.76 -5.51
CA VAL A 53 22.13 22.39 -6.81
C VAL A 53 21.39 21.49 -7.82
N SER A 54 21.71 20.20 -7.87
CA SER A 54 21.06 19.28 -8.77
C SER A 54 19.62 18.92 -8.36
N GLY A 55 19.16 19.16 -7.17
CA GLY A 55 17.74 18.77 -6.87
C GLY A 55 17.69 17.39 -6.24
N THR A 56 18.84 16.69 -6.07
CA THR A 56 18.88 15.39 -5.46
C THR A 56 18.46 15.54 -3.98
N LEU A 57 18.99 16.57 -3.31
CA LEU A 57 18.68 16.86 -1.93
C LEU A 57 17.71 18.05 -1.89
N VAL A 58 16.45 17.89 -1.43
CA VAL A 58 15.55 19.05 -1.41
C VAL A 58 15.65 19.89 -0.15
N THR A 59 15.71 21.19 -0.28
CA THR A 59 15.78 22.16 0.83
C THR A 59 15.25 23.47 0.27
N PRO A 60 14.62 24.28 1.00
CA PRO A 60 14.07 25.56 0.53
C PRO A 60 15.02 26.51 -0.14
N LEU A 61 14.68 27.03 -1.32
CA LEU A 61 15.56 28.01 -2.01
C LEU A 61 14.90 29.37 -1.91
N PRO A 62 15.61 30.46 -2.07
CA PRO A 62 17.04 30.49 -2.34
C PRO A 62 17.73 30.12 -1.02
N VAL A 63 18.96 29.67 -1.13
CA VAL A 63 19.67 29.27 0.05
C VAL A 63 21.18 29.53 0.02
N ILE A 64 21.77 29.57 1.20
CA ILE A 64 23.21 29.72 1.33
C ILE A 64 23.61 28.28 1.73
N ALA A 65 24.10 27.48 0.82
CA ALA A 65 24.53 26.10 1.11
C ALA A 65 25.86 26.08 1.88
N GLY A 66 26.46 24.89 1.94
CA GLY A 66 27.74 24.68 2.65
C GLY A 66 27.53 24.13 4.04
N HIS A 67 28.19 22.98 4.36
CA HIS A 67 27.95 22.51 5.73
C HIS A 67 29.24 21.97 6.28
N GLU A 68 30.27 21.84 5.50
CA GLU A 68 31.60 21.27 5.92
C GLU A 68 32.58 22.44 6.08
N ALA A 69 32.82 22.91 7.26
CA ALA A 69 33.66 24.06 7.46
C ALA A 69 34.20 24.27 8.87
N ALA A 70 34.99 25.35 8.95
CA ALA A 70 35.61 25.74 10.20
C ALA A 70 35.83 27.25 10.17
N GLY A 71 35.66 27.86 11.34
CA GLY A 71 35.85 29.32 11.37
C GLY A 71 36.15 29.77 12.80
N ILE A 72 36.04 31.06 13.03
CA ILE A 72 36.31 31.68 14.31
C ILE A 72 35.09 32.43 14.83
N VAL A 73 34.73 32.28 16.10
CA VAL A 73 33.55 32.99 16.60
C VAL A 73 33.82 34.51 16.54
N GLU A 74 32.90 35.24 15.95
CA GLU A 74 32.98 36.68 15.83
C GLU A 74 32.28 37.29 17.04
N SER A 75 31.18 36.71 17.43
CA SER A 75 30.38 37.16 18.55
C SER A 75 29.34 36.12 18.94
N ILE A 76 28.76 36.24 20.13
CA ILE A 76 27.78 35.31 20.64
C ILE A 76 26.57 36.04 21.15
N GLY A 77 25.37 35.47 21.06
CA GLY A 77 24.12 36.04 21.52
C GLY A 77 24.02 35.81 23.01
N GLU A 78 23.01 36.45 23.63
CA GLU A 78 22.80 36.29 25.05
C GLU A 78 22.64 34.83 25.48
N GLY A 79 23.26 34.45 26.59
CA GLY A 79 23.07 33.06 27.02
C GLY A 79 24.04 32.01 26.47
N VAL A 80 24.83 32.30 25.44
CA VAL A 80 25.70 31.25 24.97
C VAL A 80 26.69 30.93 26.06
N THR A 81 26.96 29.64 26.30
CA THR A 81 27.92 29.29 27.31
C THR A 81 28.99 28.36 26.78
N THR A 82 28.76 27.73 25.64
CA THR A 82 29.80 26.80 25.14
C THR A 82 30.89 27.33 24.26
N VAL A 83 30.88 28.56 23.78
CA VAL A 83 31.94 29.07 22.92
C VAL A 83 32.15 30.56 23.21
N ARG A 84 33.28 31.06 22.77
CA ARG A 84 33.54 32.48 23.00
C ARG A 84 34.19 33.10 21.76
N PRO A 85 34.03 34.42 21.64
CA PRO A 85 34.60 35.15 20.52
C PRO A 85 36.07 34.78 20.47
N GLY A 86 36.62 34.47 19.31
CA GLY A 86 38.01 34.10 19.14
C GLY A 86 38.19 32.59 19.11
N ASP A 87 37.24 31.85 19.64
CA ASP A 87 37.39 30.38 19.62
C ASP A 87 37.35 29.82 18.19
N LYS A 88 38.06 28.76 17.90
CA LYS A 88 38.01 28.10 16.59
C LYS A 88 36.79 27.17 16.66
N VAL A 89 35.97 27.12 15.64
CA VAL A 89 34.77 26.28 15.81
C VAL A 89 34.41 25.51 14.55
N ILE A 90 33.60 24.49 14.73
CA ILE A 90 33.20 23.76 13.54
C ILE A 90 31.66 23.66 13.67
N PRO A 91 30.99 24.19 12.64
CA PRO A 91 29.54 24.20 12.54
C PRO A 91 29.07 22.74 12.42
N LEU A 92 28.01 22.41 13.11
CA LEU A 92 27.44 21.07 13.13
C LEU A 92 26.19 20.91 12.34
N PHE A 93 26.20 20.28 11.19
CA PHE A 93 25.04 20.08 10.33
C PHE A 93 24.02 19.22 11.02
N THR A 94 24.42 18.37 11.94
CA THR A 94 23.60 17.50 12.74
C THR A 94 23.80 18.07 14.12
N PRO A 95 22.79 18.69 14.68
CA PRO A 95 22.89 19.29 16.02
C PRO A 95 23.00 18.22 17.10
N GLN A 96 23.26 18.76 18.29
CA GLN A 96 23.36 17.96 19.48
C GLN A 96 22.68 18.73 20.63
N CYS A 97 21.33 18.75 20.71
CA CYS A 97 20.65 19.46 21.75
C CYS A 97 20.97 18.90 23.12
N GLY A 98 21.29 17.63 23.26
CA GLY A 98 21.62 16.95 24.47
C GLY A 98 20.41 16.77 25.37
N LYS A 99 19.18 17.04 25.05
CA LYS A 99 18.01 16.89 25.87
C LYS A 99 16.93 15.99 25.24
N CYS A 100 16.96 15.75 23.92
CA CYS A 100 15.89 14.92 23.35
C CYS A 100 16.15 13.42 23.54
N ARG A 101 15.13 12.62 23.32
CA ARG A 101 15.29 11.17 23.42
C ARG A 101 16.44 10.58 22.60
N VAL A 102 16.76 11.10 21.45
CA VAL A 102 17.88 10.54 20.64
C VAL A 102 19.21 10.98 21.25
N CYS A 103 19.29 12.25 21.67
CA CYS A 103 20.48 12.80 22.25
C CYS A 103 20.86 12.00 23.51
N LYS A 104 19.80 11.64 24.24
CA LYS A 104 19.91 10.90 25.47
C LYS A 104 20.18 9.45 25.25
N HIS A 105 19.91 8.90 24.09
CA HIS A 105 20.14 7.49 23.77
C HIS A 105 21.61 7.25 23.49
N PRO A 106 22.16 6.17 24.00
CA PRO A 106 23.56 5.77 23.85
C PRO A 106 24.00 5.58 22.41
N GLU A 107 23.07 5.12 21.57
CA GLU A 107 23.53 4.94 20.18
C GLU A 107 22.95 5.99 19.26
N GLY A 108 22.06 6.86 19.66
CA GLY A 108 21.53 7.82 18.67
C GLY A 108 22.32 9.11 18.50
N ASN A 109 22.22 9.68 17.29
CA ASN A 109 22.94 10.92 17.01
C ASN A 109 22.11 11.87 16.19
N PHE A 110 21.00 11.34 15.65
CA PHE A 110 20.16 12.16 14.76
C PHE A 110 19.22 12.98 15.62
N CYS A 111 19.78 13.96 16.31
CA CYS A 111 19.09 14.85 17.20
C CYS A 111 17.74 15.28 16.68
N LEU A 112 16.67 15.31 17.51
CA LEU A 112 15.36 15.71 17.05
C LEU A 112 15.26 17.18 16.62
N LYS A 113 16.27 18.01 16.87
CA LYS A 113 16.24 19.39 16.43
C LYS A 113 16.82 19.61 15.03
N ASN A 114 17.21 18.56 14.31
CA ASN A 114 17.79 18.63 12.98
C ASN A 114 16.88 19.30 11.97
N ASP A 115 17.43 19.78 10.90
CA ASP A 115 16.73 20.46 9.81
C ASP A 115 16.83 19.60 8.52
N LEU A 116 17.10 18.31 8.72
CA LEU A 116 17.22 17.35 7.65
C LEU A 116 15.93 16.62 7.26
N SER A 117 15.12 16.06 8.13
CA SER A 117 13.88 15.34 7.91
C SER A 117 12.81 16.19 7.25
N MET A 118 12.47 17.37 7.77
CA MET A 118 11.48 18.27 7.17
C MET A 118 12.17 19.64 7.12
N PRO A 119 13.01 19.82 6.12
CA PRO A 119 13.79 21.03 5.93
C PRO A 119 12.97 22.33 5.91
N ARG A 120 13.35 23.19 6.79
CA ARG A 120 12.72 24.49 6.95
C ARG A 120 13.68 25.54 6.40
N GLY A 121 14.96 25.31 6.43
CA GLY A 121 15.98 26.21 5.97
C GLY A 121 16.05 27.47 6.86
N THR A 122 15.89 27.34 8.15
CA THR A 122 15.93 28.48 9.04
C THR A 122 16.80 28.15 10.27
N MET A 123 16.79 29.09 11.20
CA MET A 123 17.45 28.97 12.47
C MET A 123 16.41 28.17 13.31
N GLN A 124 16.85 27.81 14.53
CA GLN A 124 15.95 27.06 15.40
C GLN A 124 14.68 27.87 15.57
N ASP A 125 14.69 29.18 15.72
CA ASP A 125 13.48 29.96 15.92
C ASP A 125 12.58 30.15 14.74
N GLY A 126 12.78 29.49 13.62
CA GLY A 126 11.95 29.59 12.43
C GLY A 126 12.21 30.78 11.54
N THR A 127 13.19 31.57 11.77
CA THR A 127 13.58 32.75 11.05
C THR A 127 15.02 32.63 10.50
N SER A 128 15.34 33.51 9.58
CA SER A 128 16.62 33.59 8.92
C SER A 128 17.43 34.81 9.34
N ARG A 129 18.75 34.58 9.31
CA ARG A 129 19.64 35.72 9.67
C ARG A 129 20.20 36.28 8.37
N PHE A 130 19.80 35.82 7.23
CA PHE A 130 20.33 36.30 5.99
C PHE A 130 19.36 37.09 5.12
N THR A 131 19.92 38.16 4.55
CA THR A 131 19.14 38.96 3.60
C THR A 131 19.96 39.18 2.35
N CYS A 132 19.34 39.16 1.21
CA CYS A 132 20.14 39.40 -0.01
C CYS A 132 19.16 40.06 -0.98
N ARG A 133 19.63 41.16 -1.58
CA ARG A 133 18.74 41.88 -2.51
C ARG A 133 17.42 42.21 -1.83
N GLY A 134 17.33 42.48 -0.53
CA GLY A 134 16.13 42.80 0.19
C GLY A 134 15.31 41.59 0.57
N LYS A 135 15.66 40.39 0.12
CA LYS A 135 14.94 39.18 0.42
C LYS A 135 15.65 38.26 1.40
N PRO A 136 14.87 37.60 2.24
CA PRO A 136 15.34 36.62 3.22
C PRO A 136 15.83 35.41 2.45
N ILE A 137 16.98 34.90 2.81
CA ILE A 137 17.61 33.74 2.19
C ILE A 137 17.63 32.61 3.19
N HIS A 138 17.31 31.39 2.77
CA HIS A 138 17.29 30.25 3.71
C HIS A 138 18.70 29.83 4.12
N HIS A 139 18.74 29.20 5.26
CA HIS A 139 19.86 28.62 5.90
C HIS A 139 19.84 27.15 5.39
N PHE A 140 20.90 26.39 5.59
CA PHE A 140 20.97 25.00 5.11
C PHE A 140 21.54 24.18 6.24
N LEU A 141 20.71 23.23 6.70
CA LEU A 141 21.12 22.36 7.80
C LEU A 141 21.64 23.12 9.04
N GLY A 142 21.17 24.35 9.29
CA GLY A 142 21.59 25.16 10.39
C GLY A 142 23.09 25.50 10.35
N THR A 143 23.70 25.54 9.20
CA THR A 143 25.11 25.81 9.00
C THR A 143 25.34 26.94 7.97
N SER A 144 25.05 26.75 6.69
CA SER A 144 25.24 27.83 5.74
C SER A 144 26.66 28.37 5.82
N THR A 145 27.62 27.60 5.35
CA THR A 145 29.02 27.93 5.41
C THR A 145 29.62 28.54 4.17
N PHE A 146 28.89 28.66 3.09
CA PHE A 146 29.37 29.27 1.86
C PHE A 146 29.07 30.79 1.90
N SER A 147 29.57 31.46 2.93
CA SER A 147 29.45 32.86 3.25
C SER A 147 30.64 33.21 4.14
N GLN A 148 31.08 34.44 4.05
CA GLN A 148 32.19 34.95 4.87
C GLN A 148 31.83 34.93 6.35
N TYR A 149 30.55 35.07 6.66
CA TYR A 149 30.00 35.06 8.00
C TYR A 149 28.70 34.25 8.07
N THR A 150 28.51 33.51 9.16
CA THR A 150 27.26 32.80 9.22
C THR A 150 26.76 32.90 10.66
N VAL A 151 25.49 32.54 10.88
CA VAL A 151 24.90 32.54 12.20
C VAL A 151 24.27 31.13 12.40
N VAL A 152 24.69 30.49 13.50
CA VAL A 152 24.28 29.16 13.89
C VAL A 152 23.77 29.08 15.36
N ASP A 153 22.87 28.10 15.52
CA ASP A 153 22.31 27.87 16.86
C ASP A 153 23.45 27.28 17.71
N GLU A 154 23.42 27.59 19.03
CA GLU A 154 24.40 27.08 19.95
C GLU A 154 24.50 25.54 19.87
N ILE A 155 23.36 24.85 19.75
CA ILE A 155 23.47 23.41 19.64
C ILE A 155 24.06 22.96 18.30
N SER A 156 24.34 23.80 17.35
CA SER A 156 24.90 23.47 16.04
C SER A 156 26.36 23.92 15.88
N VAL A 157 27.06 24.09 16.99
CA VAL A 157 28.44 24.49 16.90
C VAL A 157 29.27 23.86 18.02
N ALA A 158 30.48 23.48 17.67
CA ALA A 158 31.44 22.91 18.56
C ALA A 158 32.78 23.66 18.61
N LYS A 159 33.18 23.95 19.85
CA LYS A 159 34.44 24.62 20.13
C LYS A 159 35.54 23.61 19.89
N ILE A 160 36.56 23.91 19.12
CA ILE A 160 37.64 22.96 18.88
C ILE A 160 38.96 23.58 19.37
N ASP A 161 40.01 22.77 19.39
CA ASP A 161 41.33 23.18 19.81
C ASP A 161 41.78 24.48 19.14
N ALA A 162 42.39 25.38 19.93
CA ALA A 162 42.85 26.67 19.41
C ALA A 162 44.01 26.56 18.44
N ALA A 163 44.79 25.49 18.38
CA ALA A 163 45.89 25.42 17.43
C ALA A 163 45.60 24.61 16.16
N SER A 164 44.36 24.13 16.03
CA SER A 164 44.09 23.33 14.84
C SER A 164 44.09 24.13 13.54
N PRO A 165 44.55 23.46 12.50
CA PRO A 165 44.64 24.05 11.18
C PRO A 165 43.26 23.94 10.55
N LEU A 166 42.55 25.08 10.52
CA LEU A 166 41.19 25.20 10.04
C LEU A 166 41.09 24.81 8.59
N GLU A 167 42.08 24.99 7.74
CA GLU A 167 41.93 24.57 6.34
C GLU A 167 41.95 23.07 6.12
N LYS A 168 42.25 22.30 7.18
CA LYS A 168 42.27 20.86 7.12
C LYS A 168 41.14 20.36 7.98
N VAL A 169 41.02 20.76 9.24
CA VAL A 169 39.94 20.24 10.09
C VAL A 169 38.48 20.50 9.70
N CYS A 170 38.20 21.30 8.69
CA CYS A 170 36.87 21.56 8.20
C CYS A 170 36.33 20.19 7.69
N LEU A 171 37.18 19.30 7.16
CA LEU A 171 36.71 17.99 6.71
C LEU A 171 36.07 17.21 7.87
N ILE A 172 36.40 17.41 9.14
CA ILE A 172 35.79 16.75 10.26
C ILE A 172 34.33 17.19 10.47
N GLY A 173 33.89 18.25 9.89
CA GLY A 173 32.60 18.87 9.90
C GLY A 173 31.63 18.07 8.99
N CYS A 174 32.17 17.21 8.13
CA CYS A 174 31.35 16.37 7.30
C CYS A 174 32.00 15.08 6.75
N GLY A 175 32.60 15.13 5.57
CA GLY A 175 33.26 14.07 4.87
C GLY A 175 34.05 13.03 5.63
N PHE A 176 35.10 13.41 6.32
CA PHE A 176 35.93 12.57 7.11
C PHE A 176 35.11 11.91 8.23
N SER A 177 34.46 12.66 9.10
CA SER A 177 33.72 12.05 10.17
C SER A 177 32.68 11.02 9.66
N THR A 178 31.92 11.43 8.64
CA THR A 178 30.89 10.61 8.08
C THR A 178 31.45 9.22 7.68
N GLY A 179 32.47 9.33 6.87
CA GLY A 179 33.12 8.12 6.37
C GLY A 179 33.69 7.23 7.45
N TYR A 180 34.57 7.84 8.22
CA TYR A 180 35.26 7.13 9.29
C TYR A 180 34.31 6.48 10.28
N GLY A 181 33.35 7.18 10.80
CA GLY A 181 32.38 6.67 11.76
C GLY A 181 31.53 5.56 11.14
N SER A 182 31.18 5.69 9.88
CA SER A 182 30.38 4.69 9.22
C SER A 182 31.04 3.33 9.40
N ALA A 183 32.35 3.26 9.17
CA ALA A 183 33.08 2.01 9.28
C ALA A 183 33.25 1.59 10.74
N VAL A 184 33.93 2.49 11.47
CA VAL A 184 34.24 2.22 12.88
C VAL A 184 33.13 2.30 13.90
N LYS A 185 32.10 3.11 13.71
CA LYS A 185 31.03 3.21 14.68
C LYS A 185 29.71 2.55 14.31
N VAL A 186 29.36 2.66 13.00
CA VAL A 186 28.07 2.08 12.61
C VAL A 186 28.28 0.62 12.16
N ALA A 187 29.17 0.32 11.24
CA ALA A 187 29.39 -1.02 10.81
C ALA A 187 30.06 -1.78 11.95
N LYS A 188 31.03 -1.10 12.62
CA LYS A 188 31.83 -1.66 13.69
C LYS A 188 32.64 -2.80 13.07
N VAL A 189 33.37 -2.44 12.03
CA VAL A 189 34.26 -3.26 11.26
C VAL A 189 35.17 -4.00 12.23
N THR A 190 35.36 -5.30 11.91
CA THR A 190 36.20 -6.07 12.84
C THR A 190 37.58 -6.38 12.23
N GLN A 191 38.40 -6.71 13.23
CA GLN A 191 39.81 -7.08 12.90
C GLN A 191 39.80 -8.35 12.03
N GLY A 192 40.53 -8.35 10.91
CA GLY A 192 40.65 -9.44 9.99
C GLY A 192 39.56 -9.62 8.98
N SER A 193 38.53 -8.78 8.99
CA SER A 193 37.40 -8.85 8.07
C SER A 193 37.66 -8.38 6.67
N THR A 194 36.77 -8.56 5.73
CA THR A 194 36.88 -8.12 4.33
C THR A 194 35.80 -7.00 4.12
N CYS A 195 36.17 -5.86 3.53
CA CYS A 195 35.24 -4.76 3.35
C CYS A 195 35.05 -4.43 1.90
N ALA A 196 33.87 -3.90 1.57
CA ALA A 196 33.62 -3.52 0.18
C ALA A 196 33.06 -2.09 0.33
N VAL A 197 33.73 -1.13 -0.31
CA VAL A 197 33.38 0.31 -0.29
C VAL A 197 33.03 0.79 -1.69
N PHE A 198 31.78 1.11 -1.89
CA PHE A 198 31.26 1.58 -3.14
C PHE A 198 31.25 3.12 -3.14
N GLY A 199 32.08 3.71 -4.00
CA GLY A 199 32.21 5.15 -4.14
C GLY A 199 33.51 5.58 -3.50
N LEU A 200 34.44 6.04 -4.36
CA LEU A 200 35.75 6.45 -3.80
C LEU A 200 36.03 7.94 -3.76
N GLY A 201 35.03 8.75 -3.45
CA GLY A 201 35.16 10.19 -3.32
C GLY A 201 35.67 10.41 -1.87
N GLY A 202 35.48 11.64 -1.41
CA GLY A 202 35.90 11.96 -0.07
C GLY A 202 35.40 11.12 1.08
N VAL A 203 34.08 10.84 1.04
CA VAL A 203 33.53 10.03 2.09
C VAL A 203 33.97 8.57 1.94
N GLY A 204 34.03 8.08 0.71
CA GLY A 204 34.44 6.72 0.46
C GLY A 204 35.87 6.42 1.00
N LEU A 205 36.81 7.38 0.77
CA LEU A 205 38.19 7.24 1.19
C LEU A 205 38.26 7.27 2.71
N SER A 206 37.39 8.07 3.31
CA SER A 206 37.37 8.11 4.80
C SER A 206 36.74 6.83 5.31
N VAL A 207 35.87 6.15 4.56
CA VAL A 207 35.26 4.90 5.00
C VAL A 207 36.48 3.90 4.95
N ILE A 208 37.26 3.98 3.87
CA ILE A 208 38.43 3.15 3.75
C ILE A 208 39.37 3.33 4.97
N MET A 209 39.62 4.60 5.29
CA MET A 209 40.50 4.87 6.43
C MET A 209 39.94 4.23 7.68
N GLY A 210 38.63 4.23 7.90
CA GLY A 210 38.09 3.63 9.13
C GLY A 210 38.24 2.12 9.03
N CYS A 211 38.07 1.53 7.89
CA CYS A 211 38.20 0.09 7.78
C CYS A 211 39.64 -0.30 8.13
N LYS A 212 40.58 0.51 7.58
CA LYS A 212 42.01 0.26 7.84
C LYS A 212 42.24 0.47 9.32
N ALA A 213 41.74 1.53 9.92
CA ALA A 213 41.97 1.65 11.39
C ALA A 213 41.32 0.54 12.19
N ALA A 214 40.23 -0.10 11.79
CA ALA A 214 39.57 -1.18 12.53
C ALA A 214 40.30 -2.54 12.39
N GLY A 215 41.31 -2.59 11.48
CA GLY A 215 42.05 -3.80 11.29
C GLY A 215 41.50 -4.68 10.18
N ALA A 216 40.63 -4.15 9.32
CA ALA A 216 40.16 -5.02 8.25
C ALA A 216 41.41 -5.58 7.52
N ALA A 217 41.29 -6.78 7.03
CA ALA A 217 42.32 -7.49 6.29
C ALA A 217 42.22 -7.20 4.81
N ARG A 218 41.00 -7.07 4.28
CA ARG A 218 40.92 -6.79 2.80
C ARG A 218 39.97 -5.58 2.69
N ILE A 219 40.18 -4.66 1.79
CA ILE A 219 39.35 -3.50 1.61
C ILE A 219 39.26 -3.31 0.10
N ILE A 220 38.16 -3.74 -0.50
CA ILE A 220 37.97 -3.63 -1.93
C ILE A 220 37.26 -2.32 -2.28
N GLY A 221 37.92 -1.47 -3.08
CA GLY A 221 37.36 -0.20 -3.49
C GLY A 221 36.49 -0.36 -4.75
N VAL A 222 35.26 0.18 -4.91
CA VAL A 222 34.54 -0.06 -6.12
C VAL A 222 34.20 1.28 -6.75
N ASP A 223 34.48 1.52 -8.03
CA ASP A 223 34.17 2.84 -8.54
C ASP A 223 34.13 2.74 -10.08
N ILE A 224 33.31 3.43 -10.81
CA ILE A 224 33.29 3.35 -12.23
C ILE A 224 34.34 4.30 -12.83
N ASN A 225 35.04 5.10 -12.01
CA ASN A 225 36.06 6.02 -12.37
C ASN A 225 37.41 5.45 -11.86
N LYS A 226 38.09 4.79 -12.82
CA LYS A 226 39.40 4.21 -12.48
C LYS A 226 40.40 5.20 -11.91
N ASP A 227 40.25 6.51 -12.23
CA ASP A 227 41.20 7.49 -11.67
C ASP A 227 41.15 7.61 -10.15
N LYS A 228 40.14 6.99 -9.51
CA LYS A 228 40.04 7.08 -8.07
C LYS A 228 40.82 5.99 -7.38
N PHE A 229 41.19 4.98 -8.18
CA PHE A 229 41.88 3.86 -7.55
C PHE A 229 43.17 4.05 -6.76
N ALA A 230 44.04 4.86 -7.36
CA ALA A 230 45.35 5.17 -6.80
C ALA A 230 45.28 5.65 -5.36
N LYS A 231 44.46 6.74 -5.21
CA LYS A 231 44.29 7.33 -3.87
C LYS A 231 43.66 6.35 -2.90
N ALA A 232 42.69 5.60 -3.48
CA ALA A 232 42.01 4.57 -2.66
C ALA A 232 43.06 3.60 -2.14
N LYS A 233 43.92 3.16 -3.09
CA LYS A 233 44.96 2.22 -2.60
C LYS A 233 45.84 2.92 -1.56
N GLU A 234 46.21 4.22 -1.85
CA GLU A 234 47.07 4.92 -0.88
C GLU A 234 46.40 4.98 0.48
N VAL A 235 45.08 5.18 0.63
CA VAL A 235 44.63 5.21 2.06
C VAL A 235 44.28 3.85 2.65
N GLY A 236 44.49 2.71 1.96
CA GLY A 236 44.17 1.42 2.60
C GLY A 236 43.48 0.43 1.68
N ALA A 237 42.98 0.86 0.49
CA ALA A 237 42.28 -0.15 -0.31
C ALA A 237 43.30 -1.25 -0.66
N THR A 238 43.00 -2.53 -0.52
CA THR A 238 43.91 -3.62 -0.87
C THR A 238 43.62 -4.01 -2.31
N GLU A 239 42.45 -3.72 -2.90
CA GLU A 239 42.17 -4.08 -4.29
C GLU A 239 41.14 -3.08 -4.79
N CYS A 240 41.00 -2.77 -6.06
CA CYS A 240 39.99 -1.85 -6.50
C CYS A 240 39.32 -2.49 -7.72
N VAL A 241 38.02 -2.41 -7.88
CA VAL A 241 37.38 -3.05 -9.01
C VAL A 241 36.51 -2.06 -9.71
N ASN A 242 36.40 -2.03 -10.99
CA ASN A 242 35.55 -1.11 -11.70
C ASN A 242 34.53 -2.00 -12.39
N PRO A 243 33.27 -1.86 -12.01
CA PRO A 243 32.14 -2.58 -12.51
C PRO A 243 32.04 -2.54 -14.02
N GLN A 244 32.56 -1.52 -14.68
CA GLN A 244 32.46 -1.47 -16.16
C GLN A 244 33.39 -2.47 -16.82
N ASP A 245 34.38 -2.99 -16.09
CA ASP A 245 35.34 -3.93 -16.59
C ASP A 245 34.83 -5.37 -16.57
N TYR A 246 33.69 -5.70 -15.92
CA TYR A 246 33.21 -7.05 -15.89
C TYR A 246 31.95 -7.30 -16.69
N LYS A 247 31.75 -8.58 -17.04
CA LYS A 247 30.53 -8.85 -17.83
C LYS A 247 29.38 -9.22 -16.91
N LYS A 248 29.66 -9.62 -15.69
CA LYS A 248 28.65 -10.01 -14.72
C LYS A 248 28.51 -8.86 -13.69
N PRO A 249 27.35 -8.76 -13.05
CA PRO A 249 26.97 -7.80 -12.06
C PRO A 249 28.04 -7.78 -10.99
N ILE A 250 28.37 -6.59 -10.53
CA ILE A 250 29.43 -6.44 -9.53
C ILE A 250 29.19 -7.22 -8.28
N GLN A 251 27.90 -7.37 -7.84
CA GLN A 251 27.72 -8.18 -6.62
C GLN A 251 28.18 -9.61 -6.85
N GLU A 252 28.06 -10.23 -8.05
CA GLU A 252 28.57 -11.62 -8.16
C GLU A 252 30.10 -11.63 -8.02
N VAL A 253 30.76 -10.70 -8.72
CA VAL A 253 32.18 -10.49 -8.74
C VAL A 253 32.69 -10.39 -7.32
N LEU A 254 32.07 -9.44 -6.57
CA LEU A 254 32.50 -9.29 -5.16
C LEU A 254 32.20 -10.50 -4.30
N THR A 255 31.15 -11.24 -4.56
CA THR A 255 30.84 -12.43 -3.75
C THR A 255 31.93 -13.49 -4.07
N GLU A 256 32.24 -13.61 -5.37
CA GLU A 256 33.27 -14.55 -5.73
C GLU A 256 34.59 -14.14 -5.10
N MET A 257 35.04 -12.90 -5.30
CA MET A 257 36.29 -12.40 -4.77
C MET A 257 36.37 -12.60 -3.29
N SER A 258 35.26 -12.54 -2.51
CA SER A 258 35.31 -12.73 -1.05
C SER A 258 34.98 -14.16 -0.67
N ASN A 259 34.91 -15.02 -1.72
CA ASN A 259 34.58 -16.40 -1.45
C ASN A 259 33.28 -16.56 -0.64
N GLY A 260 32.22 -15.90 -1.17
CA GLY A 260 30.94 -16.01 -0.46
C GLY A 260 30.31 -14.76 0.07
N GLY A 261 30.95 -13.60 -0.14
CA GLY A 261 30.35 -12.37 0.36
C GLY A 261 31.18 -11.68 1.41
N VAL A 262 31.32 -10.36 1.37
CA VAL A 262 32.10 -9.62 2.32
C VAL A 262 31.45 -9.54 3.68
N ASP A 263 32.24 -9.23 4.72
CA ASP A 263 31.71 -9.09 6.06
C ASP A 263 30.99 -7.73 6.22
N PHE A 264 31.54 -6.68 5.62
CA PHE A 264 31.10 -5.32 5.63
C PHE A 264 31.05 -4.61 4.27
N SER A 265 29.95 -4.03 3.82
CA SER A 265 29.86 -3.34 2.55
C SER A 265 29.31 -1.93 2.88
N PHE A 266 29.65 -0.95 2.07
CA PHE A 266 29.28 0.44 2.28
C PHE A 266 28.81 1.12 1.04
N GLU A 267 27.65 1.78 1.01
CA GLU A 267 27.27 2.43 -0.27
C GLU A 267 27.62 3.89 0.04
N VAL A 268 28.56 4.48 -0.66
CA VAL A 268 29.02 5.84 -0.48
C VAL A 268 28.90 6.61 -1.77
N ILE A 269 27.78 6.41 -2.48
CA ILE A 269 27.57 7.05 -3.75
C ILE A 269 26.30 7.90 -3.77
N GLY A 270 25.13 7.26 -3.66
CA GLY A 270 23.87 7.92 -3.66
C GLY A 270 23.02 7.33 -4.75
N ARG A 271 23.04 6.03 -4.93
CA ARG A 271 22.19 5.42 -5.98
C ARG A 271 21.35 4.27 -5.37
N LEU A 272 20.10 4.16 -5.82
CA LEU A 272 19.24 3.12 -5.32
C LEU A 272 19.80 1.74 -5.68
N ASP A 273 20.20 1.56 -6.91
CA ASP A 273 20.74 0.29 -7.37
C ASP A 273 22.00 -0.16 -6.65
N THR A 274 22.92 0.76 -6.34
CA THR A 274 24.14 0.43 -5.66
C THR A 274 23.87 0.05 -4.24
N MET A 275 22.84 0.64 -3.67
CA MET A 275 22.42 0.37 -2.30
C MET A 275 22.01 -1.11 -2.25
N VAL A 276 21.18 -1.53 -3.15
CA VAL A 276 20.76 -2.92 -3.22
C VAL A 276 21.98 -3.79 -3.57
N THR A 277 22.84 -3.40 -4.48
CA THR A 277 24.02 -4.19 -4.81
C THR A 277 24.97 -4.38 -3.62
N ALA A 278 25.23 -3.33 -2.88
CA ALA A 278 26.12 -3.39 -1.75
C ALA A 278 25.52 -4.30 -0.72
N LEU A 279 24.22 -4.39 -0.52
CA LEU A 279 23.59 -5.26 0.43
C LEU A 279 23.76 -6.70 -0.03
N SER A 280 23.55 -7.04 -1.26
CA SER A 280 23.71 -8.35 -1.79
C SER A 280 25.13 -8.91 -1.71
N CYS A 281 26.15 -8.10 -1.91
CA CYS A 281 27.53 -8.48 -1.90
C CYS A 281 28.02 -8.87 -0.53
N CYS A 282 27.32 -8.49 0.52
CA CYS A 282 27.67 -8.81 1.88
C CYS A 282 27.13 -10.21 2.14
N GLN A 283 27.91 -11.05 2.86
CA GLN A 283 27.63 -12.45 3.18
C GLN A 283 26.17 -12.53 3.74
N GLU A 284 25.45 -13.42 3.03
CA GLU A 284 24.06 -13.66 3.36
C GLU A 284 23.65 -14.04 4.78
N ALA A 285 24.46 -14.71 5.59
CA ALA A 285 24.10 -15.04 6.93
C ALA A 285 24.60 -14.05 7.99
N TYR A 286 25.76 -13.41 7.76
CA TYR A 286 26.21 -12.50 8.80
C TYR A 286 26.77 -11.16 8.29
N GLY A 287 26.68 -10.87 6.99
CA GLY A 287 27.14 -9.66 6.41
C GLY A 287 26.34 -8.47 6.97
N VAL A 288 27.00 -7.31 6.91
CA VAL A 288 26.46 -6.06 7.36
C VAL A 288 26.71 -5.06 6.25
N SER A 289 25.71 -4.31 5.85
CA SER A 289 25.86 -3.30 4.80
C SER A 289 25.27 -1.98 5.38
N VAL A 290 26.05 -0.93 5.20
CA VAL A 290 25.72 0.40 5.65
C VAL A 290 25.51 1.39 4.51
N ILE A 291 24.36 2.07 4.48
CA ILE A 291 24.10 3.04 3.43
C ILE A 291 24.61 4.41 3.93
N VAL A 292 25.43 5.08 3.14
CA VAL A 292 25.98 6.37 3.48
C VAL A 292 25.53 7.41 2.46
N GLY A 293 25.47 7.06 1.19
CA GLY A 293 25.05 7.85 0.09
C GLY A 293 23.62 8.33 0.25
N VAL A 294 23.37 9.51 -0.35
CA VAL A 294 22.04 10.14 -0.29
C VAL A 294 21.47 10.00 -1.69
N PRO A 295 20.38 9.35 -1.86
CA PRO A 295 19.73 9.09 -3.11
C PRO A 295 18.80 10.25 -3.40
N PRO A 296 18.28 10.30 -4.61
CA PRO A 296 17.37 11.29 -5.09
C PRO A 296 16.12 11.32 -4.26
N ASP A 297 15.72 12.52 -3.87
CA ASP A 297 14.55 12.80 -3.08
C ASP A 297 13.29 12.01 -3.43
N SER A 298 12.64 11.50 -2.40
CA SER A 298 11.41 10.75 -2.56
C SER A 298 11.43 9.52 -3.43
N GLN A 299 12.51 8.88 -3.80
CA GLN A 299 12.44 7.68 -4.63
C GLN A 299 12.62 6.44 -3.75
N ASN A 300 11.85 5.42 -4.02
CA ASN A 300 11.91 4.17 -3.35
C ASN A 300 12.78 3.19 -4.14
N LEU A 301 13.42 2.33 -3.38
CA LEU A 301 14.24 1.28 -3.99
C LEU A 301 13.29 0.03 -3.87
N SER A 302 13.66 -0.96 -4.64
CA SER A 302 12.95 -2.25 -4.71
C SER A 302 13.95 -3.35 -4.33
N MET A 303 13.56 -4.21 -3.39
CA MET A 303 14.48 -5.26 -2.97
C MET A 303 13.77 -6.49 -2.47
N ASN A 304 14.50 -7.63 -2.55
CA ASN A 304 13.85 -8.86 -2.08
C ASN A 304 14.19 -9.07 -0.63
N PRO A 305 13.22 -9.15 0.26
CA PRO A 305 13.39 -9.33 1.68
C PRO A 305 14.13 -10.59 2.07
N MET A 306 14.30 -11.58 1.23
CA MET A 306 15.03 -12.81 1.53
C MET A 306 16.50 -12.45 1.75
N LEU A 307 16.97 -11.31 1.23
CA LEU A 307 18.33 -10.83 1.41
C LEU A 307 18.53 -10.58 2.88
N LEU A 308 17.46 -10.14 3.58
CA LEU A 308 17.56 -9.88 5.02
C LEU A 308 17.29 -11.15 5.84
N LEU A 309 16.28 -11.91 5.44
CA LEU A 309 15.86 -13.13 6.12
C LEU A 309 17.00 -14.15 6.25
N SER A 310 17.99 -14.26 5.35
CA SER A 310 19.07 -15.22 5.56
C SER A 310 19.95 -14.81 6.73
N GLY A 311 19.94 -13.54 7.14
CA GLY A 311 20.69 -13.01 8.24
C GLY A 311 21.38 -11.68 7.99
N ARG A 312 21.37 -11.10 6.81
CA ARG A 312 22.05 -9.83 6.63
C ARG A 312 21.52 -8.73 7.53
N THR A 313 22.38 -7.75 7.73
CA THR A 313 22.02 -6.59 8.57
C THR A 313 22.17 -5.38 7.63
N TRP A 314 21.15 -4.55 7.55
CA TRP A 314 21.16 -3.37 6.69
C TRP A 314 20.92 -2.13 7.54
N LYS A 315 21.83 -1.14 7.41
CA LYS A 315 21.68 0.07 8.20
C LYS A 315 22.18 1.31 7.48
N GLY A 316 21.87 2.47 8.08
CA GLY A 316 22.29 3.74 7.49
C GLY A 316 22.61 4.64 8.68
N ALA A 317 23.24 5.77 8.42
CA ALA A 317 23.59 6.77 9.41
C ALA A 317 23.92 8.13 8.77
N ILE A 318 23.78 9.15 9.58
CA ILE A 318 24.07 10.50 9.23
C ILE A 318 25.34 10.83 9.99
N PHE A 319 26.31 11.42 9.35
CA PHE A 319 27.52 11.85 10.05
C PHE A 319 28.23 10.72 10.76
N GLY A 320 28.37 9.56 10.06
CA GLY A 320 29.03 8.40 10.63
C GLY A 320 28.53 7.96 11.99
N GLY A 321 27.31 8.27 12.43
CA GLY A 321 26.73 7.88 13.72
C GLY A 321 27.22 8.70 14.91
N PHE A 322 28.13 9.66 14.71
CA PHE A 322 28.65 10.42 15.81
C PHE A 322 27.75 11.45 16.47
N LYS A 323 27.80 11.49 17.82
CA LYS A 323 27.05 12.56 18.52
C LYS A 323 27.97 13.80 18.19
N SER A 324 27.44 14.77 17.42
CA SER A 324 28.19 15.87 16.91
C SER A 324 29.01 16.78 17.83
N LYS A 325 28.37 17.34 18.82
CA LYS A 325 29.02 18.24 19.76
C LYS A 325 30.05 17.49 20.58
N ASP A 326 29.77 16.23 20.98
CA ASP A 326 30.79 15.54 21.74
C ASP A 326 31.95 15.03 20.92
N SER A 327 31.73 14.49 19.75
CA SER A 327 32.79 13.94 18.92
C SER A 327 33.64 14.85 18.08
N VAL A 328 33.10 15.95 17.59
CA VAL A 328 33.91 16.84 16.76
C VAL A 328 35.18 17.30 17.45
N PRO A 329 35.09 17.86 18.64
CA PRO A 329 36.25 18.31 19.42
C PRO A 329 37.21 17.14 19.67
N LYS A 330 36.77 15.92 19.94
CA LYS A 330 37.64 14.78 20.16
C LYS A 330 38.28 14.39 18.84
N LEU A 331 37.53 14.43 17.77
CA LEU A 331 38.08 14.11 16.44
C LEU A 331 39.21 15.08 16.08
N VAL A 332 39.07 16.37 16.42
CA VAL A 332 40.15 17.32 16.11
C VAL A 332 41.38 16.95 16.95
N ALA A 333 41.16 16.72 18.25
CA ALA A 333 42.20 16.32 19.18
C ALA A 333 42.96 15.11 18.59
N ASP A 334 42.22 14.07 18.19
CA ASP A 334 42.87 12.91 17.58
C ASP A 334 43.62 13.29 16.29
N PHE A 335 43.10 14.19 15.48
CA PHE A 335 43.83 14.58 14.27
C PHE A 335 45.14 15.31 14.63
N MET A 336 45.06 16.10 15.72
CA MET A 336 46.18 16.87 16.20
C MET A 336 47.26 15.89 16.66
N ALA A 337 46.78 14.75 17.19
CA ALA A 337 47.60 13.70 17.71
C ALA A 337 48.07 12.77 16.61
N LYS A 338 47.70 13.08 15.37
CA LYS A 338 48.10 12.24 14.22
C LYS A 338 47.49 10.83 14.18
N LYS A 339 46.29 10.65 14.80
CA LYS A 339 45.63 9.35 14.81
C LYS A 339 45.02 9.08 13.43
N PHE A 340 44.78 10.12 12.61
CA PHE A 340 44.23 9.82 11.27
C PHE A 340 44.72 10.89 10.30
N ALA A 341 44.67 10.74 8.98
CA ALA A 341 45.11 11.78 8.07
C ALA A 341 44.00 12.48 7.28
N LEU A 342 44.12 13.77 6.93
CA LEU A 342 43.13 14.55 6.20
C LEU A 342 43.67 15.00 4.85
N ASP A 343 44.98 15.15 4.73
CA ASP A 343 45.69 15.53 3.51
C ASP A 343 45.34 14.74 2.30
N PRO A 344 45.30 13.42 2.36
CA PRO A 344 44.93 12.59 1.22
C PRO A 344 43.56 12.92 0.58
N LEU A 345 42.56 13.50 1.28
CA LEU A 345 41.27 13.88 0.81
C LEU A 345 41.32 15.21 0.08
N ILE A 346 42.32 16.02 0.51
CA ILE A 346 42.46 17.36 -0.09
C ILE A 346 43.29 17.33 -1.40
N THR A 347 42.66 17.51 -2.54
CA THR A 347 43.40 17.46 -3.78
C THR A 347 43.44 18.83 -4.39
N HIS A 348 42.66 19.85 -4.04
CA HIS A 348 42.66 21.18 -4.62
C HIS A 348 42.36 22.22 -3.54
N VAL A 349 42.93 23.40 -3.68
CA VAL A 349 42.69 24.46 -2.68
C VAL A 349 42.31 25.70 -3.51
N LEU A 350 41.21 26.38 -3.22
CA LEU A 350 40.84 27.55 -3.99
C LEU A 350 40.27 28.63 -3.05
N PRO A 351 40.32 29.86 -3.49
CA PRO A 351 39.82 31.00 -2.74
C PRO A 351 38.30 30.88 -2.92
N PHE A 352 37.54 31.22 -1.85
CA PHE A 352 36.10 31.16 -1.85
C PHE A 352 35.40 31.63 -3.11
N GLU A 353 35.87 32.72 -3.68
CA GLU A 353 35.33 33.37 -4.87
C GLU A 353 35.28 32.48 -6.09
N LYS A 354 36.12 31.43 -6.09
CA LYS A 354 36.16 30.47 -7.18
C LYS A 354 35.30 29.22 -6.91
N ILE A 355 34.27 29.40 -6.07
CA ILE A 355 33.39 28.30 -5.71
C ILE A 355 32.85 27.50 -6.90
N ASN A 356 32.33 28.12 -7.93
CA ASN A 356 31.81 27.44 -9.11
C ASN A 356 32.88 26.53 -9.73
N GLU A 357 34.14 26.95 -9.80
CA GLU A 357 35.28 26.20 -10.29
C GLU A 357 35.42 24.92 -9.44
N GLY A 358 35.34 25.10 -8.13
CA GLY A 358 35.42 24.01 -7.20
C GLY A 358 34.26 23.02 -7.48
N PHE A 359 33.06 23.48 -7.81
CA PHE A 359 31.98 22.53 -8.09
C PHE A 359 32.27 21.84 -9.43
N ASP A 360 32.89 22.57 -10.35
CA ASP A 360 33.20 21.99 -11.64
C ASP A 360 34.22 20.85 -11.45
N LEU A 361 35.21 21.06 -10.59
CA LEU A 361 36.18 20.01 -10.39
C LEU A 361 35.50 18.74 -9.81
N LEU A 362 34.54 18.92 -8.87
CA LEU A 362 33.86 17.83 -8.27
C LEU A 362 33.03 17.10 -9.33
N ARG A 363 32.19 17.82 -10.06
CA ARG A 363 31.35 17.23 -11.09
C ARG A 363 32.11 16.58 -12.22
N SER A 364 33.33 17.06 -12.51
CA SER A 364 34.10 16.47 -13.60
C SER A 364 34.79 15.19 -13.23
N GLY A 365 34.86 14.86 -11.94
CA GLY A 365 35.48 13.68 -11.44
C GLY A 365 36.94 13.99 -11.11
N GLU A 366 37.40 15.21 -11.39
CA GLU A 366 38.82 15.48 -11.09
C GLU A 366 39.17 15.56 -9.60
N SER A 367 38.32 16.13 -8.73
CA SER A 367 38.81 16.18 -7.34
C SER A 367 38.12 15.23 -6.40
N ILE A 368 38.63 15.29 -5.21
CA ILE A 368 38.12 14.52 -4.08
C ILE A 368 37.49 15.73 -3.33
N ARG A 369 38.20 16.41 -2.50
CA ARG A 369 37.76 17.55 -1.77
C ARG A 369 38.55 18.80 -2.16
N THR A 370 37.84 19.82 -2.54
CA THR A 370 38.41 21.13 -2.87
C THR A 370 38.21 21.96 -1.59
N ILE A 371 39.20 22.58 -1.00
CA ILE A 371 38.94 23.39 0.20
C ILE A 371 38.79 24.85 -0.22
N LEU A 372 37.80 25.62 0.22
CA LEU A 372 37.64 27.00 -0.18
C LEU A 372 38.14 27.84 0.97
N THR A 373 39.01 28.80 0.65
CA THR A 373 39.48 29.64 1.78
C THR A 373 38.87 31.02 1.55
N PHE A 374 38.62 31.71 2.63
CA PHE A 374 38.03 33.04 2.68
C PHE A 374 39.07 34.14 2.78
N SER B 1 -4.90 52.29 -0.05
CA SER B 1 -5.06 53.22 -1.19
C SER B 1 -6.38 52.95 -1.92
N THR B 2 -6.66 51.69 -2.25
CA THR B 2 -7.93 51.46 -2.95
C THR B 2 -8.94 50.86 -1.96
N ALA B 3 -8.46 50.53 -0.78
CA ALA B 3 -9.37 49.90 0.19
C ALA B 3 -10.63 50.75 0.32
N GLY B 4 -11.75 50.05 0.54
CA GLY B 4 -13.03 50.73 0.70
C GLY B 4 -13.52 51.40 -0.57
N LYS B 5 -12.84 51.44 -1.70
CA LYS B 5 -13.38 52.12 -2.85
C LYS B 5 -13.63 51.17 -4.03
N VAL B 6 -14.51 51.63 -4.92
CA VAL B 6 -14.80 50.90 -6.14
C VAL B 6 -13.50 50.91 -6.99
N ILE B 7 -13.11 49.80 -7.58
CA ILE B 7 -11.87 49.83 -8.38
C ILE B 7 -12.27 49.70 -9.87
N LYS B 8 -11.59 50.44 -10.71
CA LYS B 8 -11.93 50.35 -12.15
C LYS B 8 -10.77 49.54 -12.68
N CYS B 9 -10.96 48.49 -13.46
CA CYS B 9 -9.82 47.70 -13.93
C CYS B 9 -10.29 46.95 -15.17
N LYS B 10 -9.39 46.20 -15.76
CA LYS B 10 -9.65 45.43 -16.95
C LYS B 10 -10.10 44.03 -16.56
N ALA B 11 -10.96 43.43 -17.28
CA ALA B 11 -11.45 42.06 -17.04
C ALA B 11 -11.88 41.47 -18.37
N ALA B 12 -11.88 40.18 -18.53
CA ALA B 12 -12.28 39.54 -19.80
C ALA B 12 -13.77 39.21 -19.61
N VAL B 13 -14.67 39.93 -20.27
CA VAL B 13 -16.10 39.74 -20.19
C VAL B 13 -16.62 38.83 -21.28
N LEU B 14 -17.39 37.83 -20.93
CA LEU B 14 -18.00 36.89 -21.84
C LEU B 14 -19.47 37.39 -21.93
N TRP B 15 -19.79 38.07 -23.01
CA TRP B 15 -21.12 38.61 -23.21
C TRP B 15 -22.02 37.54 -23.84
N GLU B 16 -21.56 36.72 -24.73
CA GLU B 16 -22.49 35.76 -25.31
C GLU B 16 -21.87 34.41 -25.56
N GLU B 17 -22.61 33.36 -25.66
CA GLU B 17 -21.89 32.10 -25.92
C GLU B 17 -21.15 32.14 -27.22
N LYS B 18 -20.19 31.28 -27.38
CA LYS B 18 -19.38 31.10 -28.57
C LYS B 18 -18.83 32.39 -29.16
N LYS B 19 -18.39 33.31 -28.33
CA LYS B 19 -17.84 34.58 -28.77
C LYS B 19 -16.52 34.73 -28.03
N PRO B 20 -15.62 35.48 -28.58
CA PRO B 20 -14.32 35.75 -28.00
C PRO B 20 -14.63 36.60 -26.75
N PHE B 21 -13.64 36.51 -25.87
CA PHE B 21 -13.76 37.28 -24.63
C PHE B 21 -13.61 38.77 -24.97
N SER B 22 -14.26 39.66 -24.22
CA SER B 22 -14.13 41.06 -24.52
C SER B 22 -13.30 41.72 -23.41
N ILE B 23 -12.06 42.12 -23.70
CA ILE B 23 -11.23 42.76 -22.68
C ILE B 23 -11.76 44.18 -22.45
N GLU B 24 -12.36 44.50 -21.33
CA GLU B 24 -12.85 45.87 -21.17
C GLU B 24 -12.80 46.35 -19.72
N GLU B 25 -13.14 47.62 -19.56
CA GLU B 25 -13.18 48.22 -18.26
C GLU B 25 -14.44 47.80 -17.42
N VAL B 26 -14.10 47.36 -16.19
CA VAL B 26 -15.09 46.95 -15.24
C VAL B 26 -14.90 47.71 -13.90
N GLU B 27 -15.97 47.78 -13.13
CA GLU B 27 -16.02 48.40 -11.85
C GLU B 27 -16.21 47.22 -10.86
N VAL B 28 -15.30 47.10 -9.94
CA VAL B 28 -15.27 46.06 -8.96
C VAL B 28 -15.56 46.71 -7.59
N ALA B 29 -16.72 46.31 -7.06
CA ALA B 29 -17.11 46.86 -5.76
C ALA B 29 -16.18 46.41 -4.64
N PRO B 30 -16.11 47.20 -3.59
CA PRO B 30 -15.33 46.91 -2.41
C PRO B 30 -16.03 45.72 -1.72
N PRO B 31 -15.28 44.86 -1.04
CA PRO B 31 -15.73 43.69 -0.35
C PRO B 31 -16.72 43.96 0.76
N LYS B 32 -17.78 43.21 0.86
CA LYS B 32 -18.75 43.40 1.94
C LYS B 32 -18.36 42.56 3.12
N ALA B 33 -19.16 42.35 4.14
CA ALA B 33 -18.75 41.48 5.27
C ALA B 33 -18.40 40.06 4.82
N HIS B 34 -17.32 39.53 5.37
CA HIS B 34 -16.86 38.19 5.02
C HIS B 34 -16.48 37.99 3.56
N GLU B 35 -16.09 39.02 2.83
CA GLU B 35 -15.70 39.03 1.45
C GLU B 35 -14.24 39.46 1.34
N VAL B 36 -13.56 39.01 0.31
CA VAL B 36 -12.16 39.33 0.11
C VAL B 36 -11.96 39.77 -1.34
N ARG B 37 -11.28 40.95 -1.43
CA ARG B 37 -10.97 41.48 -2.74
C ARG B 37 -9.48 41.17 -2.94
N ILE B 38 -9.17 40.52 -4.04
CA ILE B 38 -7.92 40.04 -4.53
C ILE B 38 -7.51 40.62 -5.88
N LYS B 39 -6.22 40.98 -5.89
CA LYS B 39 -5.57 41.50 -7.10
C LYS B 39 -4.98 40.20 -7.72
N MET B 40 -5.44 39.84 -8.92
CA MET B 40 -4.97 38.67 -9.59
C MET B 40 -3.50 38.78 -10.09
N VAL B 41 -2.75 37.67 -9.83
CA VAL B 41 -1.37 37.67 -10.29
C VAL B 41 -1.24 36.77 -11.52
N ALA B 42 -1.90 35.61 -11.54
CA ALA B 42 -1.83 34.70 -12.62
C ALA B 42 -3.05 33.79 -12.62
N THR B 43 -3.45 33.40 -13.83
CA THR B 43 -4.60 32.55 -13.98
C THR B 43 -4.40 31.63 -15.16
N GLY B 44 -4.73 30.35 -14.97
CA GLY B 44 -4.60 29.36 -16.02
C GLY B 44 -5.92 29.25 -16.82
N ILE B 45 -5.76 28.79 -18.04
CA ILE B 45 -6.94 28.63 -18.91
C ILE B 45 -7.31 27.15 -18.84
N CYS B 46 -8.32 26.73 -18.13
CA CYS B 46 -8.77 25.38 -18.00
C CYS B 46 -9.86 25.13 -19.02
N ARG B 47 -10.06 23.88 -19.45
CA ARG B 47 -11.07 23.52 -20.41
C ARG B 47 -12.47 23.88 -19.88
N SER B 48 -12.70 23.91 -18.55
CA SER B 48 -14.00 24.27 -18.02
C SER B 48 -14.39 25.72 -18.38
N ASP B 49 -13.43 26.60 -18.48
CA ASP B 49 -13.57 27.99 -18.86
C ASP B 49 -14.05 27.96 -20.33
N ASP B 50 -13.40 27.11 -21.14
CA ASP B 50 -13.78 26.95 -22.52
C ASP B 50 -15.26 26.45 -22.64
N HIS B 51 -15.69 25.57 -21.74
CA HIS B 51 -16.99 24.99 -21.67
C HIS B 51 -18.04 26.12 -21.46
N VAL B 52 -17.69 27.18 -20.73
CA VAL B 52 -18.67 28.28 -20.57
C VAL B 52 -18.86 28.99 -21.93
N VAL B 53 -17.76 29.13 -22.69
CA VAL B 53 -17.83 29.76 -23.98
C VAL B 53 -18.70 28.91 -24.95
N SER B 54 -18.39 27.61 -25.05
CA SER B 54 -19.04 26.70 -25.94
C SER B 54 -20.47 26.31 -25.56
N GLY B 55 -20.92 26.55 -24.34
CA GLY B 55 -22.26 26.17 -23.96
C GLY B 55 -22.21 24.75 -23.35
N THR B 56 -21.01 24.11 -23.25
CA THR B 56 -20.92 22.80 -22.65
C THR B 56 -21.28 22.95 -21.15
N LEU B 57 -20.74 23.99 -20.52
CA LEU B 57 -21.06 24.20 -19.07
C LEU B 57 -22.02 25.37 -18.93
N VAL B 58 -23.22 25.21 -18.42
CA VAL B 58 -24.16 26.34 -18.30
C VAL B 58 -24.01 27.18 -17.06
N THR B 59 -23.96 28.48 -17.13
CA THR B 59 -23.83 29.44 -16.06
C THR B 59 -24.38 30.74 -16.63
N PRO B 60 -24.99 31.56 -15.85
CA PRO B 60 -25.60 32.83 -16.28
C PRO B 60 -24.63 33.82 -16.95
N LEU B 61 -24.97 34.35 -18.12
CA LEU B 61 -24.17 35.35 -18.84
C LEU B 61 -24.87 36.70 -18.69
N PRO B 62 -24.17 37.77 -18.91
CA PRO B 62 -22.78 37.82 -19.24
C PRO B 62 -22.01 37.45 -17.94
N VAL B 63 -20.78 37.01 -18.11
CA VAL B 63 -19.98 36.60 -16.97
C VAL B 63 -18.49 36.85 -17.13
N ILE B 64 -17.86 36.94 -15.93
CA ILE B 64 -16.41 37.06 -15.83
C ILE B 64 -16.02 35.62 -15.50
N ALA B 65 -15.50 34.84 -16.43
CA ALA B 65 -15.11 33.44 -16.14
C ALA B 65 -13.77 33.39 -15.42
N GLY B 66 -13.12 32.23 -15.41
CA GLY B 66 -11.83 32.02 -14.79
C GLY B 66 -11.96 31.43 -13.37
N HIS B 67 -11.25 30.30 -13.11
CA HIS B 67 -11.41 29.78 -11.78
C HIS B 67 -10.11 29.22 -11.27
N GLU B 68 -9.09 29.11 -12.14
CA GLU B 68 -7.77 28.56 -11.82
C GLU B 68 -6.80 29.71 -11.59
N ALA B 69 -6.58 30.18 -10.37
CA ALA B 69 -5.67 31.33 -10.27
C ALA B 69 -5.03 31.53 -8.90
N ALA B 70 -4.28 32.61 -8.81
CA ALA B 70 -3.58 32.99 -7.61
C ALA B 70 -3.37 34.51 -7.65
N GLY B 71 -3.52 35.11 -6.45
CA GLY B 71 -3.34 36.57 -6.40
C GLY B 71 -2.95 36.99 -4.98
N ILE B 72 -3.00 38.27 -4.77
CA ILE B 72 -2.67 38.88 -3.50
C ILE B 72 -3.89 39.59 -2.91
N VAL B 73 -4.19 39.43 -1.62
CA VAL B 73 -5.36 40.13 -1.07
C VAL B 73 -5.15 41.66 -1.08
N GLU B 74 -6.12 42.37 -1.64
CA GLU B 74 -6.04 43.84 -1.74
C GLU B 74 -6.70 44.42 -0.47
N SER B 75 -7.80 43.80 -0.10
CA SER B 75 -8.49 44.27 1.11
C SER B 75 -9.49 43.24 1.58
N ILE B 76 -9.96 43.33 2.83
CA ILE B 76 -10.95 42.35 3.32
C ILE B 76 -12.16 43.08 3.89
N GLY B 77 -13.37 42.56 3.85
CA GLY B 77 -14.59 43.11 4.38
C GLY B 77 -14.60 42.86 5.88
N GLU B 78 -15.60 43.44 6.54
CA GLU B 78 -15.68 43.24 7.99
C GLU B 78 -15.81 41.75 8.35
N GLY B 79 -15.16 41.31 9.42
CA GLY B 79 -15.29 39.94 9.87
C GLY B 79 -14.37 38.89 9.28
N VAL B 80 -13.67 39.19 8.21
CA VAL B 80 -12.80 38.18 7.62
C VAL B 80 -11.76 37.81 8.67
N THR B 81 -11.52 36.51 8.85
CA THR B 81 -10.50 36.24 9.86
C THR B 81 -9.41 35.33 9.31
N THR B 82 -9.62 34.71 8.15
CA THR B 82 -8.64 33.76 7.56
C THR B 82 -7.64 34.36 6.64
N VAL B 83 -7.75 35.62 6.22
CA VAL B 83 -6.70 36.14 5.29
C VAL B 83 -6.46 37.61 5.60
N ARG B 84 -5.37 38.13 5.11
CA ARG B 84 -5.15 39.57 5.38
C ARG B 84 -4.54 40.20 4.13
N PRO B 85 -4.70 41.52 4.07
CA PRO B 85 -4.15 42.28 2.94
C PRO B 85 -2.67 41.90 2.82
N GLY B 86 -2.23 41.62 1.61
CA GLY B 86 -0.84 41.25 1.30
C GLY B 86 -0.65 39.75 1.25
N ASP B 87 -1.56 38.96 1.78
CA ASP B 87 -1.43 37.50 1.74
C ASP B 87 -1.54 36.96 0.32
N LYS B 88 -0.83 35.91 0.00
CA LYS B 88 -0.94 35.27 -1.33
C LYS B 88 -2.15 34.34 -1.15
N VAL B 89 -3.05 34.35 -2.13
CA VAL B 89 -4.22 33.47 -1.94
C VAL B 89 -4.60 32.72 -3.20
N ILE B 90 -5.41 31.68 -2.99
CA ILE B 90 -5.85 30.92 -4.19
C ILE B 90 -7.36 30.87 -4.01
N PRO B 91 -8.08 31.40 -4.99
CA PRO B 91 -9.56 31.41 -4.98
C PRO B 91 -10.02 29.95 -5.12
N LEU B 92 -11.05 29.60 -4.40
CA LEU B 92 -11.62 28.27 -4.37
C LEU B 92 -12.92 28.10 -5.12
N PHE B 93 -12.95 27.50 -6.31
CA PHE B 93 -14.16 27.30 -7.09
C PHE B 93 -15.15 26.46 -6.33
N THR B 94 -14.74 25.54 -5.49
CA THR B 94 -15.53 24.68 -4.66
C THR B 94 -15.20 25.23 -3.29
N PRO B 95 -16.18 25.81 -2.63
CA PRO B 95 -16.00 26.41 -1.32
C PRO B 95 -15.82 25.30 -0.26
N GLN B 96 -15.53 25.80 0.92
CA GLN B 96 -15.37 25.00 2.11
C GLN B 96 -15.99 25.75 3.29
N CYS B 97 -17.34 25.78 3.38
CA CYS B 97 -17.95 26.50 4.51
C CYS B 97 -17.59 25.94 5.88
N GLY B 98 -17.20 24.68 5.98
CA GLY B 98 -16.82 24.01 7.16
C GLY B 98 -18.01 23.76 8.09
N LYS B 99 -19.24 24.07 7.80
CA LYS B 99 -20.33 23.82 8.72
C LYS B 99 -21.41 22.94 8.09
N CYS B 100 -21.44 22.68 6.77
CA CYS B 100 -22.54 21.84 6.26
C CYS B 100 -22.22 20.36 6.44
N ARG B 101 -23.30 19.56 6.19
CA ARG B 101 -23.18 18.12 6.28
C ARG B 101 -22.08 17.58 5.39
N VAL B 102 -21.88 18.18 4.19
CA VAL B 102 -20.76 17.59 3.41
C VAL B 102 -19.43 18.02 4.00
N CYS B 103 -19.36 19.33 4.40
CA CYS B 103 -18.09 19.82 4.92
C CYS B 103 -17.67 19.02 6.15
N LYS B 104 -18.70 18.63 6.92
CA LYS B 104 -18.46 17.88 8.12
C LYS B 104 -18.15 16.41 7.88
N HIS B 105 -18.51 15.85 6.75
CA HIS B 105 -18.30 14.45 6.38
C HIS B 105 -16.85 14.26 6.02
N PRO B 106 -16.27 13.18 6.52
CA PRO B 106 -14.86 12.83 6.30
C PRO B 106 -14.54 12.63 4.85
N GLU B 107 -15.49 12.13 4.05
CA GLU B 107 -15.10 11.98 2.63
C GLU B 107 -15.77 13.06 1.78
N GLY B 108 -16.69 13.91 2.25
CA GLY B 108 -17.22 14.86 1.29
C GLY B 108 -16.37 16.13 1.05
N ASN B 109 -16.50 16.76 -0.14
CA ASN B 109 -15.79 17.97 -0.46
C ASN B 109 -16.69 18.93 -1.22
N PHE B 110 -17.83 18.40 -1.71
CA PHE B 110 -18.78 19.23 -2.52
C PHE B 110 -19.67 20.03 -1.58
N CYS B 111 -19.03 21.01 -0.94
CA CYS B 111 -19.71 21.91 0.01
C CYS B 111 -21.09 22.32 -0.45
N LEU B 112 -22.14 22.39 0.36
CA LEU B 112 -23.47 22.76 0.00
C LEU B 112 -23.62 24.21 -0.36
N LYS B 113 -22.58 25.06 -0.19
CA LYS B 113 -22.63 26.45 -0.59
C LYS B 113 -22.09 26.65 -2.00
N ASN B 114 -21.76 25.61 -2.75
CA ASN B 114 -21.23 25.72 -4.13
C ASN B 114 -22.23 26.41 -5.06
N ASP B 115 -21.71 26.90 -6.18
CA ASP B 115 -22.44 27.59 -7.22
C ASP B 115 -22.39 26.75 -8.52
N LEU B 116 -22.11 25.44 -8.31
CA LEU B 116 -22.02 24.51 -9.44
C LEU B 116 -23.34 23.79 -9.81
N SER B 117 -24.08 23.24 -8.86
CA SER B 117 -25.32 22.52 -9.00
C SER B 117 -26.42 23.35 -9.62
N MET B 118 -26.72 24.54 -9.12
CA MET B 118 -27.77 25.44 -9.69
C MET B 118 -27.11 26.82 -9.69
N PRO B 119 -26.32 27.03 -10.71
CA PRO B 119 -25.54 28.23 -10.93
C PRO B 119 -26.34 29.52 -10.91
N ARG B 120 -25.97 30.41 -10.03
CA ARG B 120 -26.63 31.68 -9.87
C ARG B 120 -25.68 32.76 -10.45
N GLY B 121 -24.39 32.52 -10.42
CA GLY B 121 -23.39 33.43 -10.91
C GLY B 121 -23.31 34.68 -10.03
N THR B 122 -23.40 34.59 -8.72
CA THR B 122 -23.36 35.70 -7.82
C THR B 122 -22.48 35.34 -6.63
N MET B 123 -22.37 36.25 -5.71
CA MET B 123 -21.65 36.10 -4.47
C MET B 123 -22.66 35.30 -3.58
N GLN B 124 -22.17 34.89 -2.41
CA GLN B 124 -22.99 34.14 -1.51
C GLN B 124 -24.23 34.95 -1.19
N ASP B 125 -24.18 36.29 -1.11
CA ASP B 125 -25.43 37.02 -0.80
C ASP B 125 -26.42 37.17 -1.95
N GLY B 126 -26.24 36.53 -3.12
CA GLY B 126 -27.19 36.70 -4.22
C GLY B 126 -26.95 37.88 -5.12
N THR B 127 -25.94 38.68 -4.84
CA THR B 127 -25.63 39.87 -5.67
C THR B 127 -24.20 39.74 -6.29
N SER B 128 -23.93 40.67 -7.19
CA SER B 128 -22.69 40.79 -7.91
C SER B 128 -21.89 42.02 -7.49
N ARG B 129 -20.56 41.82 -7.58
CA ARG B 129 -19.70 42.95 -7.25
C ARG B 129 -19.19 43.52 -8.56
N PHE B 130 -19.60 43.09 -9.72
CA PHE B 130 -19.11 43.55 -10.98
C PHE B 130 -20.11 44.34 -11.81
N THR B 131 -19.57 45.41 -12.40
CA THR B 131 -20.38 46.24 -13.27
C THR B 131 -19.67 46.49 -14.57
N CYS B 132 -20.31 46.47 -15.68
CA CYS B 132 -19.60 46.72 -16.93
C CYS B 132 -20.64 47.35 -17.86
N ARG B 133 -20.23 48.49 -18.43
CA ARG B 133 -21.15 49.24 -19.32
C ARG B 133 -22.46 49.54 -18.56
N GLY B 134 -22.45 49.83 -17.26
CA GLY B 134 -23.62 50.11 -16.46
C GLY B 134 -24.41 48.84 -16.11
N LYS B 135 -24.04 47.66 -16.59
CA LYS B 135 -24.75 46.45 -16.28
C LYS B 135 -23.99 45.51 -15.34
N PRO B 136 -24.75 44.86 -14.47
CA PRO B 136 -24.23 43.87 -13.52
C PRO B 136 -23.74 42.69 -14.35
N ILE B 137 -22.55 42.19 -13.99
CA ILE B 137 -21.98 41.04 -14.69
C ILE B 137 -21.93 39.88 -13.70
N HIS B 138 -22.31 38.68 -14.12
CA HIS B 138 -22.26 37.52 -13.27
C HIS B 138 -20.84 37.07 -12.90
N HIS B 139 -20.80 36.45 -11.73
CA HIS B 139 -19.63 35.86 -11.18
C HIS B 139 -19.62 34.40 -11.68
N PHE B 140 -18.51 33.67 -11.56
CA PHE B 140 -18.43 32.27 -12.04
C PHE B 140 -17.83 31.44 -10.93
N LEU B 141 -18.64 30.53 -10.43
CA LEU B 141 -18.22 29.63 -9.34
C LEU B 141 -17.64 30.33 -8.12
N GLY B 142 -18.09 31.55 -7.79
CA GLY B 142 -17.64 32.36 -6.71
C GLY B 142 -16.16 32.74 -6.88
N THR B 143 -15.55 32.76 -8.05
CA THR B 143 -14.13 33.06 -8.27
C THR B 143 -13.98 34.17 -9.32
N SER B 144 -14.33 34.03 -10.57
CA SER B 144 -14.17 35.11 -11.50
C SER B 144 -12.77 35.66 -11.48
N THR B 145 -11.83 34.88 -11.99
CA THR B 145 -10.42 35.20 -12.02
C THR B 145 -9.92 35.83 -13.28
N PHE B 146 -10.74 35.94 -14.34
CA PHE B 146 -10.26 36.59 -15.57
C PHE B 146 -10.55 38.10 -15.44
N SER B 147 -10.02 38.78 -14.44
CA SER B 147 -10.13 40.17 -14.13
C SER B 147 -8.93 40.55 -13.30
N GLN B 148 -8.46 41.75 -13.43
CA GLN B 148 -7.30 42.24 -12.68
C GLN B 148 -7.58 42.21 -11.17
N TYR B 149 -8.87 42.35 -10.82
CA TYR B 149 -9.31 42.31 -9.43
C TYR B 149 -10.64 41.53 -9.33
N THR B 150 -10.77 40.77 -8.25
CA THR B 150 -11.99 40.03 -8.08
C THR B 150 -12.39 40.12 -6.60
N VAL B 151 -13.68 39.72 -6.37
CA VAL B 151 -14.22 39.72 -5.02
C VAL B 151 -14.81 38.30 -4.80
N VAL B 152 -14.33 37.64 -3.74
CA VAL B 152 -14.77 36.29 -3.37
C VAL B 152 -15.24 36.19 -1.90
N ASP B 153 -16.14 35.21 -1.72
CA ASP B 153 -16.62 35.01 -0.35
C ASP B 153 -15.46 34.45 0.48
N GLU B 154 -15.42 34.72 1.80
CA GLU B 154 -14.37 34.17 2.65
C GLU B 154 -14.25 32.64 2.55
N ILE B 155 -15.37 31.91 2.47
CA ILE B 155 -15.26 30.46 2.32
C ILE B 155 -14.72 30.03 0.96
N SER B 156 -14.49 30.94 0.02
CA SER B 156 -14.00 30.65 -1.31
C SER B 156 -12.56 31.07 -1.52
N VAL B 157 -11.84 31.19 -0.42
CA VAL B 157 -10.44 31.58 -0.59
C VAL B 157 -9.58 30.94 0.49
N ALA B 158 -8.35 30.60 0.08
CA ALA B 158 -7.35 30.01 0.92
C ALA B 158 -6.04 30.82 0.92
N LYS B 159 -5.53 31.02 2.15
CA LYS B 159 -4.26 31.69 2.33
C LYS B 159 -3.17 30.65 2.03
N ILE B 160 -2.14 30.94 1.27
CA ILE B 160 -1.07 30.08 0.91
C ILE B 160 0.25 30.75 1.34
N ASP B 161 1.29 29.93 1.26
CA ASP B 161 2.66 30.27 1.62
C ASP B 161 3.05 31.60 1.00
N ALA B 162 3.66 32.52 1.75
CA ALA B 162 4.08 33.82 1.25
C ALA B 162 5.20 33.72 0.22
N ALA B 163 5.96 32.61 0.16
CA ALA B 163 7.02 32.59 -0.87
C ALA B 163 6.69 31.80 -2.16
N SER B 164 5.44 31.34 -2.24
CA SER B 164 5.11 30.56 -3.45
C SER B 164 5.03 31.38 -4.72
N PRO B 165 5.47 30.79 -5.80
CA PRO B 165 5.49 31.37 -7.14
C PRO B 165 4.08 31.24 -7.74
N LEU B 166 3.34 32.35 -7.65
CA LEU B 166 1.97 32.48 -8.07
C LEU B 166 1.80 32.11 -9.51
N GLU B 167 2.73 32.30 -10.42
CA GLU B 167 2.57 31.92 -11.81
C GLU B 167 2.59 30.40 -12.03
N LYS B 168 2.97 29.66 -10.98
CA LYS B 168 3.00 28.24 -11.04
C LYS B 168 1.88 27.68 -10.14
N VAL B 169 1.82 28.10 -8.88
CA VAL B 169 0.78 27.52 -8.03
C VAL B 169 -0.69 27.75 -8.36
N CYS B 170 -0.96 28.57 -9.39
CA CYS B 170 -2.36 28.82 -9.79
C CYS B 170 -3.00 27.47 -10.25
N LEU B 171 -2.20 26.54 -10.80
CA LEU B 171 -2.65 25.26 -11.26
C LEU B 171 -3.20 24.46 -10.09
N ILE B 172 -2.81 24.70 -8.82
CA ILE B 172 -3.36 24.02 -7.66
C ILE B 172 -4.78 24.45 -7.39
N GLY B 173 -5.25 25.52 -8.01
CA GLY B 173 -6.57 26.10 -7.93
C GLY B 173 -7.60 25.27 -8.72
N CYS B 174 -7.08 24.47 -9.67
CA CYS B 174 -7.95 23.64 -10.45
C CYS B 174 -7.33 22.38 -11.06
N GLY B 175 -6.75 22.46 -12.23
CA GLY B 175 -6.15 21.39 -12.96
C GLY B 175 -5.34 20.33 -12.26
N PHE B 176 -4.26 20.73 -11.60
CA PHE B 176 -3.36 19.89 -10.87
C PHE B 176 -4.09 19.20 -9.74
N SER B 177 -4.72 19.90 -8.80
CA SER B 177 -5.39 19.23 -7.73
C SER B 177 -6.45 18.24 -8.23
N THR B 178 -7.24 18.67 -9.22
CA THR B 178 -8.32 17.84 -9.73
C THR B 178 -7.78 16.47 -10.16
N GLY B 179 -6.84 16.56 -11.05
CA GLY B 179 -6.18 15.40 -11.62
C GLY B 179 -5.55 14.53 -10.56
N TYR B 180 -4.64 15.09 -9.77
CA TYR B 180 -3.92 14.39 -8.76
C TYR B 180 -4.84 13.77 -7.73
N GLY B 181 -5.78 14.45 -7.13
CA GLY B 181 -6.64 13.87 -6.15
C GLY B 181 -7.55 12.79 -6.76
N SER B 182 -7.92 12.92 -8.03
CA SER B 182 -8.76 11.92 -8.64
C SER B 182 -8.04 10.54 -8.54
N ALA B 183 -6.74 10.52 -8.76
CA ALA B 183 -5.98 9.30 -8.75
C ALA B 183 -5.72 8.84 -7.34
N VAL B 184 -5.09 9.71 -6.57
CA VAL B 184 -4.69 9.44 -5.21
C VAL B 184 -5.74 9.47 -4.13
N LYS B 185 -6.77 10.30 -4.24
CA LYS B 185 -7.77 10.32 -3.18
C LYS B 185 -9.09 9.70 -3.60
N VAL B 186 -9.53 9.83 -4.84
CA VAL B 186 -10.81 9.27 -5.19
C VAL B 186 -10.64 7.80 -5.62
N ALA B 187 -9.81 7.51 -6.58
CA ALA B 187 -9.58 6.18 -7.08
C ALA B 187 -8.85 5.40 -6.00
N LYS B 188 -7.87 6.09 -5.39
CA LYS B 188 -7.04 5.46 -4.36
C LYS B 188 -6.21 4.38 -5.07
N VAL B 189 -5.51 4.77 -6.12
CA VAL B 189 -4.66 3.96 -6.96
C VAL B 189 -3.67 3.20 -6.11
N THR B 190 -3.55 1.90 -6.42
CA THR B 190 -2.68 1.10 -5.57
C THR B 190 -1.34 0.79 -6.21
N GLN B 191 -0.44 0.46 -5.34
CA GLN B 191 0.96 0.12 -5.73
C GLN B 191 0.97 -1.12 -6.62
N GLY B 192 1.63 -1.08 -7.78
CA GLY B 192 1.70 -2.16 -8.73
C GLY B 192 0.52 -2.35 -9.69
N SER B 193 -0.52 -1.50 -9.58
CA SER B 193 -1.71 -1.56 -10.40
C SER B 193 -1.48 -1.06 -11.79
N THR B 194 -2.50 -1.24 -12.63
CA THR B 194 -2.51 -0.80 -14.03
C THR B 194 -3.61 0.29 -14.17
N CYS B 195 -3.31 1.47 -14.67
CA CYS B 195 -4.20 2.56 -14.86
C CYS B 195 -4.40 2.94 -16.32
N ALA B 196 -5.59 3.46 -16.61
CA ALA B 196 -5.87 3.88 -18.00
C ALA B 196 -6.44 5.30 -17.80
N VAL B 197 -5.80 6.27 -18.47
CA VAL B 197 -6.15 7.66 -18.41
C VAL B 197 -6.59 8.12 -19.78
N PHE B 198 -7.83 8.49 -19.88
CA PHE B 198 -8.42 8.98 -21.10
C PHE B 198 -8.44 10.51 -21.06
N GLY B 199 -7.69 11.11 -21.96
CA GLY B 199 -7.58 12.54 -22.11
C GLY B 199 -6.25 12.97 -21.52
N LEU B 200 -5.38 13.51 -22.39
CA LEU B 200 -4.06 13.90 -21.95
C LEU B 200 -3.78 15.39 -21.91
N GLY B 201 -4.74 16.19 -21.47
CA GLY B 201 -4.55 17.63 -21.35
C GLY B 201 -3.98 17.80 -19.90
N GLY B 202 -4.16 19.03 -19.40
CA GLY B 202 -3.68 19.35 -18.08
C GLY B 202 -4.17 18.49 -16.94
N VAL B 203 -5.49 18.19 -16.95
CA VAL B 203 -5.95 17.39 -15.82
C VAL B 203 -5.54 15.94 -16.00
N GLY B 204 -5.52 15.48 -17.27
CA GLY B 204 -5.13 14.07 -17.50
C GLY B 204 -3.66 13.82 -17.04
N LEU B 205 -2.76 14.74 -17.43
CA LEU B 205 -1.34 14.62 -17.06
C LEU B 205 -1.20 14.67 -15.54
N SER B 206 -2.09 15.40 -14.88
CA SER B 206 -1.99 15.42 -13.41
C SER B 206 -2.53 14.12 -12.89
N VAL B 207 -3.46 13.45 -13.54
CA VAL B 207 -4.02 12.17 -13.07
C VAL B 207 -2.81 11.22 -13.16
N ILE B 208 -2.13 11.30 -14.33
CA ILE B 208 -0.92 10.51 -14.57
C ILE B 208 0.06 10.72 -13.41
N MET B 209 0.26 12.01 -13.07
CA MET B 209 1.18 12.25 -11.95
C MET B 209 0.70 11.54 -10.68
N GLY B 210 -0.58 11.54 -10.32
CA GLY B 210 -1.05 10.88 -9.11
C GLY B 210 -0.91 9.36 -9.17
N CYS B 211 -1.07 8.83 -10.35
CA CYS B 211 -0.96 7.39 -10.52
C CYS B 211 0.49 7.00 -10.27
N LYS B 212 1.37 7.82 -10.87
CA LYS B 212 2.83 7.56 -10.66
C LYS B 212 3.16 7.74 -9.18
N ALA B 213 2.64 8.77 -8.53
CA ALA B 213 2.93 8.93 -7.12
C ALA B 213 2.41 7.78 -6.27
N ALA B 214 1.30 7.13 -6.66
CA ALA B 214 0.69 6.03 -5.93
C ALA B 214 1.41 4.68 -6.16
N GLY B 215 2.37 4.63 -7.09
CA GLY B 215 3.06 3.40 -7.32
C GLY B 215 2.47 2.54 -8.43
N ALA B 216 1.62 3.11 -9.27
CA ALA B 216 1.07 2.29 -10.35
C ALA B 216 2.21 1.68 -11.18
N ALA B 217 2.09 0.49 -11.67
CA ALA B 217 3.19 -0.09 -12.45
C ALA B 217 2.96 0.23 -13.92
N ARG B 218 1.73 0.34 -14.40
CA ARG B 218 1.53 0.63 -15.81
C ARG B 218 0.55 1.83 -15.86
N ILE B 219 0.75 2.77 -16.74
CA ILE B 219 -0.11 3.94 -16.86
C ILE B 219 -0.29 4.15 -18.36
N ILE B 220 -1.45 3.68 -18.83
CA ILE B 220 -1.73 3.81 -20.28
C ILE B 220 -2.40 5.14 -20.59
N GLY B 221 -1.75 6.02 -21.41
CA GLY B 221 -2.45 7.29 -21.68
C GLY B 221 -3.31 7.09 -22.91
N VAL B 222 -4.51 7.58 -23.05
CA VAL B 222 -5.28 7.37 -24.24
C VAL B 222 -5.60 8.74 -24.82
N ASP B 223 -5.38 9.02 -26.09
CA ASP B 223 -5.74 10.35 -26.60
C ASP B 223 -5.91 10.29 -28.10
N ILE B 224 -6.80 11.04 -28.72
CA ILE B 224 -6.90 10.95 -30.17
C ILE B 224 -5.87 11.89 -30.81
N ASN B 225 -5.13 12.65 -29.99
CA ASN B 225 -4.11 13.57 -30.41
C ASN B 225 -2.76 13.01 -29.96
N LYS B 226 -2.14 12.38 -30.99
CA LYS B 226 -0.82 11.76 -30.78
C LYS B 226 0.21 12.76 -30.28
N ASP B 227 0.06 14.07 -30.59
CA ASP B 227 1.03 15.03 -30.07
C ASP B 227 1.00 15.12 -28.56
N LYS B 228 0.07 14.53 -27.83
CA LYS B 228 0.06 14.64 -26.38
C LYS B 228 0.86 13.54 -25.72
N PHE B 229 1.20 12.53 -26.55
CA PHE B 229 1.91 11.38 -26.00
C PHE B 229 3.22 11.63 -25.31
N ALA B 230 4.08 12.40 -25.98
CA ALA B 230 5.43 12.74 -25.46
C ALA B 230 5.41 13.23 -24.01
N LYS B 231 4.66 14.33 -23.82
CA LYS B 231 4.53 14.90 -22.47
C LYS B 231 3.89 13.90 -21.54
N ALA B 232 2.88 13.12 -21.99
CA ALA B 232 2.28 12.10 -21.09
C ALA B 232 3.34 11.11 -20.65
N LYS B 233 4.18 10.70 -21.64
CA LYS B 233 5.25 9.77 -21.30
C LYS B 233 6.21 10.42 -20.30
N GLU B 234 6.49 11.73 -20.56
CA GLU B 234 7.37 12.40 -19.61
C GLU B 234 6.84 12.46 -18.17
N VAL B 235 5.54 12.60 -17.95
CA VAL B 235 5.13 12.63 -16.53
C VAL B 235 4.82 11.24 -15.99
N GLY B 236 4.97 10.15 -16.79
CA GLY B 236 4.67 8.87 -16.07
C GLY B 236 3.96 7.83 -16.92
N ALA B 237 3.33 8.25 -18.06
CA ALA B 237 2.67 7.27 -18.87
C ALA B 237 3.71 6.21 -19.33
N THR B 238 3.41 4.93 -19.15
CA THR B 238 4.33 3.86 -19.58
C THR B 238 3.96 3.51 -21.02
N GLU B 239 2.70 3.80 -21.47
CA GLU B 239 2.36 3.47 -22.85
C GLU B 239 1.32 4.46 -23.33
N CYS B 240 1.15 4.73 -24.59
CA CYS B 240 0.13 5.66 -24.99
C CYS B 240 -0.60 5.06 -26.17
N VAL B 241 -1.95 5.14 -26.20
CA VAL B 241 -2.61 4.53 -27.34
C VAL B 241 -3.56 5.51 -27.98
N ASN B 242 -3.71 5.50 -29.30
CA ASN B 242 -4.59 6.41 -29.98
C ASN B 242 -5.66 5.51 -30.60
N PRO B 243 -6.91 5.65 -30.17
CA PRO B 243 -8.04 4.93 -30.61
C PRO B 243 -8.22 4.96 -32.12
N GLN B 244 -7.76 6.06 -32.75
CA GLN B 244 -7.94 6.11 -34.22
C GLN B 244 -7.01 5.12 -34.91
N ASP B 245 -5.96 4.59 -34.31
CA ASP B 245 -5.02 3.70 -34.88
C ASP B 245 -5.50 2.25 -34.97
N TYR B 246 -6.54 1.89 -34.24
CA TYR B 246 -7.07 0.57 -34.18
C TYR B 246 -8.39 0.34 -34.87
N LYS B 247 -8.60 -0.94 -35.23
CA LYS B 247 -9.85 -1.25 -35.92
C LYS B 247 -10.94 -1.67 -34.94
N LYS B 248 -10.57 -2.07 -33.72
CA LYS B 248 -11.57 -2.45 -32.73
C LYS B 248 -11.66 -1.34 -31.67
N PRO B 249 -12.81 -1.26 -31.00
CA PRO B 249 -13.12 -0.32 -29.96
C PRO B 249 -11.99 -0.33 -28.94
N ILE B 250 -11.68 0.87 -28.44
CA ILE B 250 -10.59 1.06 -27.53
C ILE B 250 -10.73 0.24 -26.25
N GLN B 251 -11.97 0.06 -25.78
CA GLN B 251 -12.10 -0.75 -24.55
C GLN B 251 -11.61 -2.19 -24.79
N GLU B 252 -11.81 -2.78 -25.99
CA GLU B 252 -11.32 -4.13 -26.16
C GLU B 252 -9.78 -4.11 -26.15
N VAL B 253 -9.19 -3.17 -26.87
CA VAL B 253 -7.75 -2.96 -26.95
C VAL B 253 -7.17 -2.87 -25.55
N LEU B 254 -7.75 -1.98 -24.73
CA LEU B 254 -7.26 -1.82 -23.34
C LEU B 254 -7.47 -3.06 -22.49
N THR B 255 -8.51 -3.84 -22.70
CA THR B 255 -8.81 -5.04 -21.92
C THR B 255 -7.75 -6.09 -22.28
N GLU B 256 -7.51 -6.21 -23.62
CA GLU B 256 -6.47 -7.15 -24.04
C GLU B 256 -5.13 -6.69 -23.49
N MET B 257 -4.76 -5.39 -23.70
CA MET B 257 -3.48 -4.91 -23.19
C MET B 257 -3.31 -5.16 -21.71
N SER B 258 -4.39 -5.10 -20.91
CA SER B 258 -4.27 -5.30 -19.45
C SER B 258 -4.56 -6.73 -19.04
N ASN B 259 -4.70 -7.57 -20.07
CA ASN B 259 -4.94 -8.96 -19.80
C ASN B 259 -6.22 -9.17 -18.99
N GLY B 260 -7.28 -8.49 -19.47
CA GLY B 260 -8.54 -8.64 -18.78
C GLY B 260 -9.15 -7.39 -18.19
N GLY B 261 -8.56 -6.21 -18.35
CA GLY B 261 -9.17 -5.03 -17.78
C GLY B 261 -8.22 -4.36 -16.76
N VAL B 262 -8.19 -3.03 -16.73
CA VAL B 262 -7.31 -2.30 -15.85
C VAL B 262 -7.84 -2.23 -14.45
N ASP B 263 -7.02 -1.90 -13.48
CA ASP B 263 -7.50 -1.76 -12.12
C ASP B 263 -8.21 -0.42 -11.85
N PHE B 264 -7.64 0.59 -12.55
CA PHE B 264 -8.12 1.98 -12.46
C PHE B 264 -8.29 2.70 -13.78
N SER B 265 -9.47 3.27 -14.07
CA SER B 265 -9.63 3.99 -15.34
C SER B 265 -10.13 5.38 -14.96
N PHE B 266 -9.82 6.36 -15.77
CA PHE B 266 -10.15 7.76 -15.57
C PHE B 266 -10.68 8.44 -16.80
N GLU B 267 -11.86 9.07 -16.74
CA GLU B 267 -12.32 9.75 -17.99
C GLU B 267 -11.93 11.21 -17.72
N VAL B 268 -11.07 11.84 -18.48
CA VAL B 268 -10.65 13.21 -18.22
C VAL B 268 -10.82 13.99 -19.50
N ILE B 269 -11.94 13.80 -20.14
CA ILE B 269 -12.23 14.43 -21.41
C ILE B 269 -13.50 15.29 -21.34
N GLY B 270 -14.67 14.66 -21.19
CA GLY B 270 -15.94 15.31 -21.12
C GLY B 270 -16.82 14.73 -22.18
N ARG B 271 -16.75 13.42 -22.43
CA ARG B 271 -17.63 12.83 -23.46
C ARG B 271 -18.43 11.68 -22.83
N LEU B 272 -19.72 11.60 -23.18
CA LEU B 272 -20.54 10.53 -22.64
C LEU B 272 -20.01 9.16 -23.05
N ASP B 273 -19.66 8.95 -24.28
CA ASP B 273 -19.15 7.68 -24.79
C ASP B 273 -17.86 7.27 -24.14
N THR B 274 -16.91 8.20 -23.93
CA THR B 274 -15.66 7.82 -23.29
C THR B 274 -15.83 7.42 -21.84
N MET B 275 -16.83 7.95 -21.16
CA MET B 275 -17.19 7.70 -19.81
C MET B 275 -17.61 6.22 -19.74
N VAL B 276 -18.44 5.81 -20.67
CA VAL B 276 -18.89 4.46 -20.75
C VAL B 276 -17.71 3.57 -21.13
N THR B 277 -16.92 3.97 -22.09
CA THR B 277 -15.75 3.22 -22.52
C THR B 277 -14.77 3.04 -21.38
N ALA B 278 -14.53 4.11 -20.62
CA ALA B 278 -13.57 4.01 -19.52
C ALA B 278 -14.05 3.08 -18.48
N LEU B 279 -15.34 2.95 -18.20
CA LEU B 279 -15.84 2.02 -17.21
C LEU B 279 -15.70 0.57 -17.70
N SER B 280 -15.98 0.27 -18.95
CA SER B 280 -15.91 -1.04 -19.54
C SER B 280 -14.47 -1.57 -19.56
N CYS B 281 -13.47 -0.74 -19.74
CA CYS B 281 -12.10 -1.09 -19.80
C CYS B 281 -11.53 -1.51 -18.47
N CYS B 282 -12.18 -1.19 -17.40
CA CYS B 282 -11.74 -1.51 -16.06
C CYS B 282 -12.23 -2.91 -15.73
N GLN B 283 -11.43 -3.75 -15.11
CA GLN B 283 -11.70 -5.09 -14.75
C GLN B 283 -13.14 -5.22 -14.21
N GLU B 284 -13.89 -6.13 -14.85
CA GLU B 284 -15.28 -6.38 -14.49
C GLU B 284 -15.60 -6.78 -13.05
N ALA B 285 -14.79 -7.47 -12.30
CA ALA B 285 -15.05 -7.83 -10.93
C ALA B 285 -14.53 -6.86 -9.89
N TYR B 286 -13.37 -6.24 -10.15
CA TYR B 286 -12.89 -5.31 -9.13
C TYR B 286 -12.31 -4.00 -9.65
N GLY B 287 -12.53 -3.66 -10.92
CA GLY B 287 -12.02 -2.42 -11.46
C GLY B 287 -12.80 -1.22 -10.87
N VAL B 288 -12.18 -0.07 -10.99
CA VAL B 288 -12.73 1.20 -10.50
C VAL B 288 -12.49 2.22 -11.61
N SER B 289 -13.54 2.94 -11.96
CA SER B 289 -13.47 3.97 -12.98
C SER B 289 -14.01 5.28 -12.35
N VAL B 290 -13.25 6.35 -12.56
CA VAL B 290 -13.58 7.69 -12.05
C VAL B 290 -13.86 8.68 -13.18
N ILE B 291 -14.98 9.38 -13.11
CA ILE B 291 -15.33 10.34 -14.10
C ILE B 291 -14.77 11.69 -13.62
N VAL B 292 -14.01 12.37 -14.47
CA VAL B 292 -13.43 13.65 -14.11
C VAL B 292 -13.97 14.71 -15.09
N GLY B 293 -14.07 14.38 -16.38
CA GLY B 293 -14.55 15.15 -17.47
C GLY B 293 -16.00 15.65 -17.23
N VAL B 294 -16.24 16.85 -17.78
CA VAL B 294 -17.56 17.45 -17.66
C VAL B 294 -18.20 17.34 -19.02
N PRO B 295 -19.32 16.68 -19.09
CA PRO B 295 -20.03 16.48 -20.36
C PRO B 295 -20.97 17.65 -20.61
N PRO B 296 -21.49 17.70 -21.82
CA PRO B 296 -22.45 18.68 -22.29
C PRO B 296 -23.67 18.69 -21.37
N ASP B 297 -24.09 19.86 -20.97
CA ASP B 297 -25.18 20.09 -20.09
C ASP B 297 -26.45 19.31 -20.33
N SER B 298 -27.01 18.78 -19.23
CA SER B 298 -28.25 18.05 -19.35
C SER B 298 -28.22 16.83 -20.27
N GLN B 299 -27.14 16.23 -20.70
CA GLN B 299 -27.31 15.07 -21.57
C GLN B 299 -27.10 13.78 -20.75
N ASN B 300 -27.87 12.77 -21.01
CA ASN B 300 -27.73 11.50 -20.36
C ASN B 300 -26.90 10.52 -21.20
N LEU B 301 -26.25 9.62 -20.49
CA LEU B 301 -25.46 8.60 -21.12
C LEU B 301 -26.38 7.36 -21.00
N SER B 302 -26.07 6.38 -21.80
CA SER B 302 -26.77 5.09 -21.86
C SER B 302 -25.76 4.00 -21.51
N MET B 303 -26.12 3.12 -20.58
CA MET B 303 -25.15 2.05 -20.21
C MET B 303 -25.86 0.84 -19.69
N ASN B 304 -25.17 -0.31 -19.85
CA ASN B 304 -25.77 -1.56 -19.37
C ASN B 304 -25.35 -1.77 -17.92
N PRO B 305 -26.20 -1.90 -16.99
CA PRO B 305 -25.96 -2.08 -15.59
C PRO B 305 -25.23 -3.34 -15.22
N MET B 306 -25.08 -4.35 -16.05
CA MET B 306 -24.35 -5.58 -15.82
C MET B 306 -22.88 -5.21 -15.69
N LEU B 307 -22.43 -4.07 -16.20
CA LEU B 307 -21.09 -3.55 -16.12
C LEU B 307 -20.85 -3.32 -14.62
N LEU B 308 -21.89 -2.91 -13.88
CA LEU B 308 -21.68 -2.66 -12.46
C LEU B 308 -21.92 -3.92 -11.63
N LEU B 309 -22.95 -4.70 -11.95
CA LEU B 309 -23.31 -5.92 -11.30
C LEU B 309 -22.16 -6.92 -11.25
N SER B 310 -21.22 -7.02 -12.23
CA SER B 310 -20.13 -8.01 -12.07
C SER B 310 -19.19 -7.58 -10.92
N GLY B 311 -19.21 -6.32 -10.48
CA GLY B 311 -18.41 -5.83 -9.42
C GLY B 311 -17.72 -4.50 -9.69
N ARG B 312 -17.81 -3.91 -10.88
CA ARG B 312 -17.13 -2.63 -11.08
C ARG B 312 -17.63 -1.53 -10.14
N THR B 313 -16.75 -0.58 -9.93
CA THR B 313 -17.08 0.59 -9.10
C THR B 313 -17.01 1.82 -10.01
N TRP B 314 -18.06 2.63 -10.00
CA TRP B 314 -18.07 3.83 -10.84
C TRP B 314 -18.22 5.07 -9.96
N LYS B 315 -17.36 6.06 -10.11
CA LYS B 315 -17.48 7.27 -9.29
C LYS B 315 -17.02 8.54 -10.02
N GLY B 316 -17.29 9.68 -9.40
CA GLY B 316 -16.87 10.93 -9.98
C GLY B 316 -16.51 11.83 -8.82
N ALA B 317 -15.97 12.98 -9.02
CA ALA B 317 -15.58 13.98 -8.01
C ALA B 317 -15.28 15.35 -8.66
N ILE B 318 -15.44 16.35 -7.82
CA ILE B 318 -15.17 17.72 -8.14
C ILE B 318 -13.80 18.03 -7.53
N PHE B 319 -12.89 18.71 -8.20
CA PHE B 319 -11.60 19.06 -7.59
C PHE B 319 -10.83 17.95 -6.91
N GLY B 320 -10.64 16.80 -7.59
CA GLY B 320 -9.99 15.60 -7.12
C GLY B 320 -10.47 15.13 -5.75
N GLY B 321 -11.70 15.38 -5.24
CA GLY B 321 -12.15 14.98 -3.94
C GLY B 321 -11.64 15.79 -2.74
N PHE B 322 -10.75 16.76 -2.94
CA PHE B 322 -10.16 17.55 -1.91
C PHE B 322 -11.01 18.56 -1.17
N LYS B 323 -10.90 18.60 0.17
CA LYS B 323 -11.67 19.64 0.89
C LYS B 323 -10.77 20.89 0.57
N SER B 324 -11.34 21.86 -0.17
CA SER B 324 -10.63 23.00 -0.70
C SER B 324 -9.81 23.89 0.19
N LYS B 325 -10.40 24.45 1.22
CA LYS B 325 -9.67 25.34 2.13
C LYS B 325 -8.59 24.59 2.89
N ASP B 326 -8.80 23.34 3.31
CA ASP B 326 -7.77 22.62 3.99
C ASP B 326 -6.66 22.11 3.09
N SER B 327 -6.91 21.59 1.92
CA SER B 327 -5.91 21.03 1.04
C SER B 327 -5.14 21.99 0.16
N VAL B 328 -5.79 23.10 -0.22
CA VAL B 328 -5.02 24.01 -1.07
C VAL B 328 -3.73 24.44 -0.44
N PRO B 329 -3.81 24.94 0.78
CA PRO B 329 -2.58 25.37 1.50
C PRO B 329 -1.58 24.24 1.62
N LYS B 330 -2.07 23.01 1.92
CA LYS B 330 -1.11 21.91 2.03
C LYS B 330 -0.51 21.56 0.70
N LEU B 331 -1.32 21.64 -0.36
CA LEU B 331 -0.78 21.29 -1.69
C LEU B 331 0.34 22.24 -2.10
N VAL B 332 0.15 23.54 -1.74
CA VAL B 332 1.20 24.50 -2.06
C VAL B 332 2.46 24.11 -1.24
N ALA B 333 2.32 23.84 0.05
CA ALA B 333 3.49 23.46 0.84
C ALA B 333 4.24 22.28 0.16
N ASP B 334 3.45 21.24 -0.22
CA ASP B 334 4.07 20.11 -0.84
C ASP B 334 4.81 20.45 -2.11
N PHE B 335 4.29 21.38 -2.88
CA PHE B 335 4.92 21.80 -4.17
C PHE B 335 6.25 22.53 -3.88
N MET B 336 6.20 23.29 -2.79
CA MET B 336 7.30 24.10 -2.29
C MET B 336 8.39 23.11 -1.90
N ALA B 337 7.92 21.95 -1.38
CA ALA B 337 8.82 20.88 -0.92
C ALA B 337 9.21 20.00 -2.08
N LYS B 338 8.82 20.32 -3.30
CA LYS B 338 9.19 19.47 -4.44
C LYS B 338 8.55 18.09 -4.45
N LYS B 339 7.37 17.90 -3.80
CA LYS B 339 6.70 16.64 -3.76
C LYS B 339 6.04 16.31 -5.12
N PHE B 340 5.79 17.34 -5.95
CA PHE B 340 5.19 17.09 -7.27
C PHE B 340 5.63 18.22 -8.18
N ALA B 341 5.48 18.14 -9.48
CA ALA B 341 5.85 19.16 -10.42
C ALA B 341 4.67 19.85 -11.13
N LEU B 342 4.84 21.13 -11.52
CA LEU B 342 3.81 21.90 -12.19
C LEU B 342 4.29 22.34 -13.56
N ASP B 343 5.59 22.50 -13.72
CA ASP B 343 6.23 22.91 -14.93
C ASP B 343 5.81 22.15 -16.15
N PRO B 344 5.81 20.83 -16.13
CA PRO B 344 5.40 20.00 -17.24
C PRO B 344 3.97 20.34 -17.70
N LEU B 345 3.08 20.92 -16.93
CA LEU B 345 1.75 21.27 -17.35
C LEU B 345 1.69 22.62 -18.08
N ILE B 346 2.67 23.47 -17.82
CA ILE B 346 2.78 24.83 -18.38
C ILE B 346 3.56 24.80 -19.68
N THR B 347 2.88 24.99 -20.78
CA THR B 347 3.47 24.99 -22.10
C THR B 347 3.52 26.39 -22.74
N HIS B 348 2.76 27.37 -22.30
CA HIS B 348 2.77 28.70 -22.83
C HIS B 348 2.51 29.74 -21.76
N VAL B 349 3.13 30.90 -21.89
CA VAL B 349 2.89 31.95 -20.86
C VAL B 349 2.44 33.21 -21.64
N LEU B 350 1.36 33.87 -21.22
CA LEU B 350 0.94 35.05 -21.98
C LEU B 350 0.41 36.12 -21.04
N PRO B 351 0.43 37.33 -21.51
CA PRO B 351 -0.07 38.46 -20.74
C PRO B 351 -1.61 38.32 -20.81
N PHE B 352 -2.32 38.64 -19.71
CA PHE B 352 -3.73 38.55 -19.62
C PHE B 352 -4.52 39.11 -20.80
N GLU B 353 -4.05 40.19 -21.40
CA GLU B 353 -4.66 40.86 -22.53
C GLU B 353 -4.73 39.96 -23.74
N LYS B 354 -3.90 38.93 -23.81
CA LYS B 354 -3.92 37.98 -24.93
C LYS B 354 -4.74 36.72 -24.61
N ILE B 355 -5.74 36.87 -23.73
CA ILE B 355 -6.59 35.77 -23.37
C ILE B 355 -7.19 34.99 -24.53
N ASN B 356 -7.77 35.61 -25.54
CA ASN B 356 -8.32 34.98 -26.72
C ASN B 356 -7.28 34.08 -27.42
N GLU B 357 -6.02 34.45 -27.54
CA GLU B 357 -4.91 33.72 -28.10
C GLU B 357 -4.73 32.46 -27.25
N GLY B 358 -4.76 32.63 -25.91
CA GLY B 358 -4.62 31.53 -25.01
C GLY B 358 -5.80 30.55 -25.26
N PHE B 359 -7.05 31.00 -25.48
CA PHE B 359 -8.10 30.03 -25.75
C PHE B 359 -7.88 29.35 -27.11
N ASP B 360 -7.34 30.08 -28.12
CA ASP B 360 -7.05 29.55 -29.41
C ASP B 360 -5.96 28.44 -29.28
N LEU B 361 -5.02 28.64 -28.36
CA LEU B 361 -4.02 27.59 -28.23
C LEU B 361 -4.66 26.31 -27.69
N LEU B 362 -5.50 26.48 -26.67
CA LEU B 362 -6.16 25.31 -26.09
C LEU B 362 -7.09 24.61 -27.11
N ARG B 363 -7.88 25.36 -27.85
CA ARG B 363 -8.79 24.80 -28.81
C ARG B 363 -8.13 24.12 -30.01
N SER B 364 -6.92 24.57 -30.37
CA SER B 364 -6.19 24.03 -31.51
C SER B 364 -5.51 22.74 -31.11
N GLY B 365 -5.38 22.45 -29.82
CA GLY B 365 -4.69 21.20 -29.43
C GLY B 365 -3.22 21.55 -29.17
N GLU B 366 -2.78 22.77 -29.47
CA GLU B 366 -1.38 23.10 -29.22
C GLU B 366 -0.95 23.15 -27.78
N SER B 367 -1.74 23.67 -26.83
CA SER B 367 -1.21 23.69 -25.44
C SER B 367 -1.83 22.74 -24.45
N ILE B 368 -1.22 22.81 -23.29
CA ILE B 368 -1.66 22.02 -22.15
C ILE B 368 -2.28 23.17 -21.31
N ARG B 369 -1.49 23.85 -20.54
CA ARG B 369 -1.93 24.99 -19.75
C ARG B 369 -1.17 26.28 -20.17
N THR B 370 -1.90 27.29 -20.54
CA THR B 370 -1.43 28.58 -20.87
C THR B 370 -1.64 29.38 -19.55
N ILE B 371 -0.61 30.03 -19.02
CA ILE B 371 -0.75 30.82 -17.80
C ILE B 371 -0.86 32.29 -18.22
N LEU B 372 -1.84 33.04 -17.77
CA LEU B 372 -2.04 34.43 -18.10
C LEU B 372 -1.50 35.26 -16.91
N THR B 373 -0.64 36.22 -17.27
CA THR B 373 -0.10 37.03 -16.17
C THR B 373 -0.70 38.41 -16.32
N PHE B 374 -0.92 39.04 -15.18
CA PHE B 374 -1.53 40.36 -15.14
C PHE B 374 -0.53 41.50 -15.03
N SER C 1 -23.65 -47.59 -4.13
CA SER C 1 -24.91 -48.18 -4.69
C SER C 1 -25.13 -47.55 -6.08
N THR C 2 -25.23 -46.20 -6.15
CA THR C 2 -25.42 -45.60 -7.51
C THR C 2 -24.10 -45.07 -8.08
N ALA C 3 -23.08 -45.06 -7.17
CA ALA C 3 -21.78 -44.57 -7.61
C ALA C 3 -21.39 -45.18 -8.94
N GLY C 4 -20.85 -44.31 -9.81
CA GLY C 4 -20.44 -44.82 -11.12
C GLY C 4 -21.56 -45.13 -12.10
N LYS C 5 -22.83 -45.01 -11.67
CA LYS C 5 -23.92 -45.30 -12.59
C LYS C 5 -24.80 -44.05 -12.87
N VAL C 6 -25.44 -44.06 -14.03
CA VAL C 6 -26.41 -43.10 -14.50
C VAL C 6 -27.60 -43.16 -13.54
N ILE C 7 -28.06 -42.09 -12.96
CA ILE C 7 -29.19 -42.12 -12.05
C ILE C 7 -30.44 -41.56 -12.77
N LYS C 8 -31.56 -42.24 -12.55
CA LYS C 8 -32.82 -41.80 -13.15
C LYS C 8 -33.53 -41.08 -12.01
N CYS C 9 -33.99 -39.85 -12.16
CA CYS C 9 -34.66 -39.22 -10.99
C CYS C 9 -35.57 -38.15 -11.59
N LYS C 10 -36.23 -37.47 -10.70
CA LYS C 10 -37.15 -36.38 -11.07
C LYS C 10 -36.39 -35.05 -10.99
N ALA C 11 -36.76 -34.15 -11.93
CA ALA C 11 -36.16 -32.81 -12.01
C ALA C 11 -37.23 -31.91 -12.61
N ALA C 12 -37.18 -30.63 -12.33
CA ALA C 12 -38.12 -29.65 -12.89
C ALA C 12 -37.51 -29.10 -14.18
N VAL C 13 -37.96 -29.51 -15.36
CA VAL C 13 -37.42 -29.05 -16.61
C VAL C 13 -38.19 -27.85 -17.14
N LEU C 14 -37.48 -26.82 -17.59
CA LEU C 14 -38.09 -25.66 -18.17
C LEU C 14 -37.81 -25.84 -19.64
N TRP C 15 -38.80 -26.19 -20.43
CA TRP C 15 -38.64 -26.41 -21.85
C TRP C 15 -38.70 -25.17 -22.66
N GLU C 16 -39.47 -24.19 -22.30
CA GLU C 16 -39.61 -22.95 -23.02
C GLU C 16 -39.89 -21.78 -22.08
N GLU C 17 -39.55 -20.61 -22.57
CA GLU C 17 -39.84 -19.45 -21.70
C GLU C 17 -41.34 -19.34 -21.42
N LYS C 18 -41.66 -18.65 -20.36
CA LYS C 18 -42.99 -18.35 -19.84
C LYS C 18 -43.89 -19.56 -19.78
N LYS C 19 -43.42 -20.68 -19.31
CA LYS C 19 -44.16 -21.92 -19.20
C LYS C 19 -43.82 -22.40 -17.78
N PRO C 20 -44.75 -23.15 -17.21
CA PRO C 20 -44.60 -23.75 -15.92
C PRO C 20 -43.48 -24.80 -16.02
N PHE C 21 -42.93 -25.10 -14.84
CA PHE C 21 -41.87 -26.11 -14.93
C PHE C 21 -42.48 -27.49 -15.20
N SER C 22 -41.80 -28.40 -15.87
CA SER C 22 -42.33 -29.73 -16.14
C SER C 22 -41.57 -30.73 -15.26
N ILE C 23 -42.25 -31.30 -14.28
CA ILE C 23 -41.65 -32.29 -13.41
C ILE C 23 -41.52 -33.56 -14.24
N GLU C 24 -40.30 -33.97 -14.54
CA GLU C 24 -40.15 -35.20 -15.32
C GLU C 24 -38.94 -36.05 -14.98
N GLU C 25 -38.92 -37.25 -15.60
CA GLU C 25 -37.83 -38.16 -15.37
C GLU C 25 -36.66 -37.72 -16.25
N VAL C 26 -35.54 -37.64 -15.61
CA VAL C 26 -34.26 -37.29 -16.17
C VAL C 26 -33.22 -38.36 -15.76
N GLU C 27 -32.19 -38.40 -16.63
CA GLU C 27 -31.03 -39.28 -16.46
C GLU C 27 -29.84 -38.32 -16.10
N VAL C 28 -29.24 -38.57 -14.97
CA VAL C 28 -28.13 -37.80 -14.48
C VAL C 28 -26.84 -38.64 -14.63
N ALA C 29 -25.93 -38.24 -15.50
CA ALA C 29 -24.67 -38.96 -15.69
C ALA C 29 -23.81 -38.97 -14.44
N PRO C 30 -22.94 -39.94 -14.33
CA PRO C 30 -22.01 -40.07 -13.21
C PRO C 30 -21.02 -38.88 -13.43
N PRO C 31 -20.51 -38.40 -12.29
CA PRO C 31 -19.53 -37.31 -12.26
C PRO C 31 -18.25 -37.60 -13.02
N LYS C 32 -17.73 -36.66 -13.78
CA LYS C 32 -16.47 -36.95 -14.48
C LYS C 32 -15.31 -36.45 -13.59
N ALA C 33 -14.08 -36.45 -14.13
CA ALA C 33 -12.93 -35.97 -13.33
C ALA C 33 -13.18 -34.60 -12.67
N HIS C 34 -12.92 -34.42 -11.37
CA HIS C 34 -13.15 -33.09 -10.82
C HIS C 34 -14.60 -32.62 -10.78
N GLU C 35 -15.57 -33.51 -10.86
CA GLU C 35 -16.98 -33.15 -10.80
C GLU C 35 -17.57 -33.87 -9.59
N VAL C 36 -18.67 -33.34 -9.07
CA VAL C 36 -19.33 -33.90 -7.90
C VAL C 36 -20.81 -34.09 -8.20
N ARG C 37 -21.40 -35.23 -7.81
CA ARG C 37 -22.78 -35.53 -7.95
C ARG C 37 -23.36 -35.42 -6.53
N ILE C 38 -24.33 -34.53 -6.34
CA ILE C 38 -24.99 -34.28 -5.09
C ILE C 38 -26.49 -34.66 -5.20
N LYS C 39 -27.02 -35.15 -4.09
CA LYS C 39 -28.44 -35.54 -3.97
C LYS C 39 -28.94 -34.33 -3.22
N MET C 40 -29.89 -33.65 -3.85
CA MET C 40 -30.42 -32.43 -3.27
C MET C 40 -31.31 -32.71 -2.10
N VAL C 41 -31.21 -31.86 -1.08
CA VAL C 41 -32.01 -31.96 0.14
C VAL C 41 -33.00 -30.81 0.24
N ALA C 42 -32.51 -29.59 -0.15
CA ALA C 42 -33.46 -28.44 -0.10
C ALA C 42 -33.07 -27.36 -1.10
N THR C 43 -34.08 -26.67 -1.64
CA THR C 43 -33.70 -25.64 -2.63
C THR C 43 -34.72 -24.54 -2.51
N GLY C 44 -34.24 -23.27 -2.48
CA GLY C 44 -35.19 -22.14 -2.36
C GLY C 44 -35.52 -21.58 -3.73
N ILE C 45 -36.60 -20.85 -3.84
CA ILE C 45 -37.00 -20.28 -5.09
C ILE C 45 -36.59 -18.81 -5.08
N CYS C 46 -35.56 -18.46 -5.83
CA CYS C 46 -35.06 -17.07 -5.93
C CYS C 46 -35.70 -16.42 -7.16
N ARG C 47 -35.85 -15.12 -7.12
CA ARG C 47 -36.38 -14.34 -8.22
C ARG C 47 -35.57 -14.58 -9.52
N SER C 48 -34.26 -14.87 -9.43
CA SER C 48 -33.41 -15.12 -10.59
C SER C 48 -33.89 -16.36 -11.35
N ASP C 49 -34.42 -17.34 -10.62
CA ASP C 49 -34.94 -18.57 -11.24
C ASP C 49 -36.16 -18.19 -12.06
N ASP C 50 -37.00 -17.32 -11.57
CA ASP C 50 -38.19 -16.82 -12.25
C ASP C 50 -37.79 -15.92 -13.42
N HIS C 51 -36.61 -15.29 -13.33
CA HIS C 51 -36.10 -14.47 -14.43
C HIS C 51 -35.85 -15.39 -15.64
N VAL C 52 -35.41 -16.63 -15.38
CA VAL C 52 -35.16 -17.52 -16.51
C VAL C 52 -36.50 -17.83 -17.17
N VAL C 53 -37.54 -18.03 -16.36
CA VAL C 53 -38.83 -18.35 -16.92
C VAL C 53 -39.34 -17.18 -17.71
N SER C 54 -39.34 -16.00 -17.10
CA SER C 54 -39.85 -14.82 -17.81
C SER C 54 -38.97 -14.33 -18.95
N GLY C 55 -37.72 -14.75 -19.15
CA GLY C 55 -36.94 -14.20 -20.25
C GLY C 55 -36.15 -12.97 -19.79
N THR C 56 -36.26 -12.61 -18.53
CA THR C 56 -35.54 -11.48 -17.97
C THR C 56 -34.05 -11.88 -17.95
N LEU C 57 -33.76 -13.12 -17.55
CA LEU C 57 -32.35 -13.59 -17.51
C LEU C 57 -32.19 -14.64 -18.63
N VAL C 58 -31.39 -14.46 -19.64
CA VAL C 58 -31.15 -15.31 -20.75
C VAL C 58 -30.10 -16.36 -20.51
N THR C 59 -30.44 -17.60 -20.77
CA THR C 59 -29.59 -18.78 -20.60
C THR C 59 -30.15 -19.83 -21.52
N PRO C 60 -29.36 -20.70 -22.10
CA PRO C 60 -29.83 -21.73 -23.02
C PRO C 60 -30.89 -22.67 -22.51
N LEU C 61 -31.96 -22.87 -23.32
CA LEU C 61 -33.06 -23.77 -22.95
C LEU C 61 -32.98 -25.00 -23.85
N PRO C 62 -33.55 -26.11 -23.45
CA PRO C 62 -34.27 -26.29 -22.21
C PRO C 62 -33.28 -26.31 -21.05
N VAL C 63 -33.73 -26.11 -19.82
CA VAL C 63 -32.80 -26.11 -18.71
C VAL C 63 -33.41 -26.58 -17.43
N ILE C 64 -32.57 -26.99 -16.50
CA ILE C 64 -32.90 -27.43 -15.18
C ILE C 64 -32.38 -26.20 -14.39
N ALA C 65 -33.29 -25.31 -13.97
CA ALA C 65 -32.87 -24.13 -13.24
C ALA C 65 -32.61 -24.50 -11.78
N GLY C 66 -32.57 -23.52 -10.88
CA GLY C 66 -32.32 -23.70 -9.48
C GLY C 66 -30.84 -23.41 -9.14
N HIS C 67 -30.58 -22.51 -8.19
CA HIS C 67 -29.15 -22.21 -7.90
C HIS C 67 -28.93 -21.99 -6.39
N GLU C 68 -30.03 -21.91 -5.62
CA GLU C 68 -29.98 -21.72 -4.19
C GLU C 68 -30.36 -23.04 -3.48
N ALA C 69 -29.36 -23.80 -3.08
CA ALA C 69 -29.69 -25.09 -2.42
C ALA C 69 -28.59 -25.66 -1.54
N ALA C 70 -28.97 -26.83 -1.04
CA ALA C 70 -28.04 -27.65 -0.17
C ALA C 70 -28.39 -29.14 -0.29
N GLY C 71 -27.35 -29.97 -0.39
CA GLY C 71 -27.59 -31.41 -0.58
C GLY C 71 -26.42 -32.20 -0.02
N ILE C 72 -26.41 -33.50 -0.34
CA ILE C 72 -25.37 -34.36 0.20
C ILE C 72 -24.55 -35.02 -0.88
N VAL C 73 -23.20 -34.99 -0.76
CA VAL C 73 -22.48 -35.66 -1.89
C VAL C 73 -22.81 -37.14 -2.06
N GLU C 74 -23.23 -37.60 -3.24
CA GLU C 74 -23.57 -39.00 -3.51
C GLU C 74 -22.29 -39.66 -4.05
N SER C 75 -21.52 -38.97 -4.88
CA SER C 75 -20.30 -39.57 -5.37
C SER C 75 -19.36 -38.49 -5.95
N ILE C 76 -18.06 -38.78 -6.08
CA ILE C 76 -17.16 -37.73 -6.63
C ILE C 76 -16.36 -38.28 -7.79
N GLY C 77 -15.98 -37.46 -8.77
CA GLY C 77 -15.19 -37.97 -9.92
C GLY C 77 -13.71 -38.13 -9.51
N GLU C 78 -12.92 -38.65 -10.49
CA GLU C 78 -11.51 -38.85 -10.20
C GLU C 78 -10.84 -37.48 -9.91
N GLY C 79 -9.90 -37.46 -8.97
CA GLY C 79 -9.22 -36.17 -8.68
C GLY C 79 -9.97 -35.25 -7.72
N VAL C 80 -11.21 -35.49 -7.30
CA VAL C 80 -11.81 -34.50 -6.38
C VAL C 80 -11.08 -34.57 -5.08
N THR C 81 -10.75 -33.49 -4.42
CA THR C 81 -10.04 -33.55 -3.13
C THR C 81 -10.75 -32.73 -2.07
N THR C 82 -11.65 -31.83 -2.44
CA THR C 82 -12.33 -30.98 -1.47
C THR C 82 -13.60 -31.45 -0.83
N VAL C 83 -14.21 -32.51 -1.32
CA VAL C 83 -15.49 -32.99 -0.71
C VAL C 83 -15.52 -34.55 -0.83
N ARG C 84 -16.35 -35.12 0.04
CA ARG C 84 -16.45 -36.57 -0.03
C ARG C 84 -17.96 -36.97 0.09
N PRO C 85 -18.20 -38.17 -0.40
CA PRO C 85 -19.53 -38.79 -0.35
C PRO C 85 -19.99 -38.67 1.13
N GLY C 86 -21.21 -38.24 1.39
CA GLY C 86 -21.75 -38.07 2.70
C GLY C 86 -21.63 -36.63 3.19
N ASP C 87 -20.65 -35.88 2.55
CA ASP C 87 -20.53 -34.50 3.05
C ASP C 87 -21.74 -33.65 2.72
N LYS C 88 -22.12 -32.70 3.56
CA LYS C 88 -23.19 -31.78 3.29
C LYS C 88 -22.50 -30.67 2.40
N VAL C 89 -23.21 -30.20 1.34
CA VAL C 89 -22.58 -29.23 0.49
C VAL C 89 -23.62 -28.22 -0.01
N ILE C 90 -23.09 -27.10 -0.49
CA ILE C 90 -23.92 -26.05 -1.04
C ILE C 90 -23.21 -25.78 -2.37
N PRO C 91 -23.99 -25.93 -3.41
CA PRO C 91 -23.55 -25.65 -4.78
C PRO C 91 -23.31 -24.13 -4.82
N LEU C 92 -22.29 -23.75 -5.59
CA LEU C 92 -21.95 -22.32 -5.73
C LEU C 92 -22.19 -21.81 -7.12
N PHE C 93 -23.22 -20.94 -7.25
CA PHE C 93 -23.53 -20.39 -8.59
C PHE C 93 -22.44 -19.53 -9.18
N THR C 94 -21.59 -18.99 -8.31
CA THR C 94 -20.45 -18.20 -8.67
C THR C 94 -19.30 -19.12 -8.22
N PRO C 95 -18.49 -19.64 -9.10
CA PRO C 95 -17.41 -20.52 -8.78
C PRO C 95 -16.25 -19.76 -8.11
N GLN C 96 -15.35 -20.61 -7.63
CA GLN C 96 -14.13 -20.08 -7.00
C GLN C 96 -12.96 -20.94 -7.49
N CYS C 97 -12.46 -20.75 -8.71
CA CYS C 97 -11.39 -21.58 -9.20
C CYS C 97 -10.12 -21.35 -8.38
N GLY C 98 -9.90 -20.19 -7.82
CA GLY C 98 -8.73 -19.98 -6.99
C GLY C 98 -7.48 -19.75 -7.77
N LYS C 99 -7.43 -19.74 -9.07
CA LYS C 99 -6.24 -19.55 -9.87
C LYS C 99 -6.33 -18.40 -10.86
N CYS C 100 -7.50 -17.81 -11.10
CA CYS C 100 -7.52 -16.72 -12.09
C CYS C 100 -7.19 -15.39 -11.44
N ARG C 101 -7.00 -14.39 -12.28
CA ARG C 101 -6.69 -13.06 -11.76
C ARG C 101 -7.75 -12.51 -10.79
N VAL C 102 -9.04 -12.83 -10.99
CA VAL C 102 -10.08 -12.32 -10.07
C VAL C 102 -10.00 -13.09 -8.77
N CYS C 103 -9.88 -14.41 -8.95
CA CYS C 103 -9.82 -15.29 -7.78
C CYS C 103 -8.64 -14.87 -6.88
N LYS C 104 -7.52 -14.53 -7.56
CA LYS C 104 -6.35 -14.11 -6.79
C LYS C 104 -6.45 -12.68 -6.26
N HIS C 105 -7.32 -11.84 -6.79
CA HIS C 105 -7.43 -10.47 -6.29
C HIS C 105 -8.17 -10.43 -4.96
N PRO C 106 -7.72 -9.60 -4.03
CA PRO C 106 -8.30 -9.44 -2.71
C PRO C 106 -9.74 -9.01 -2.72
N GLU C 107 -10.18 -8.24 -3.69
CA GLU C 107 -11.58 -7.83 -3.65
C GLU C 107 -12.42 -8.51 -4.73
N GLY C 108 -11.84 -9.31 -5.63
CA GLY C 108 -12.72 -9.90 -6.65
C GLY C 108 -13.32 -11.24 -6.22
N ASN C 109 -14.51 -11.52 -6.73
CA ASN C 109 -15.27 -12.75 -6.50
C ASN C 109 -15.89 -13.35 -7.76
N PHE C 110 -15.97 -12.56 -8.82
CA PHE C 110 -16.57 -12.99 -10.05
C PHE C 110 -15.55 -13.78 -10.83
N CYS C 111 -15.30 -14.97 -10.34
CA CYS C 111 -14.33 -15.91 -10.91
C CYS C 111 -14.45 -15.98 -12.39
N LEU C 112 -13.38 -16.00 -13.18
CA LEU C 112 -13.46 -16.03 -14.65
C LEU C 112 -14.05 -17.32 -15.15
N LYS C 113 -14.26 -18.35 -14.34
CA LYS C 113 -14.82 -19.61 -14.84
C LYS C 113 -16.36 -19.64 -14.69
N ASN C 114 -16.99 -18.55 -14.31
CA ASN C 114 -18.43 -18.46 -14.17
C ASN C 114 -19.15 -18.70 -15.50
N ASP C 115 -20.44 -19.04 -15.40
CA ASP C 115 -21.29 -19.30 -16.53
C ASP C 115 -22.40 -18.22 -16.61
N LEU C 116 -22.05 -17.04 -16.04
CA LEU C 116 -22.95 -15.90 -16.01
C LEU C 116 -22.74 -14.92 -17.18
N SER C 117 -21.59 -14.45 -17.52
CA SER C 117 -21.32 -13.51 -18.57
C SER C 117 -21.69 -14.02 -19.94
N MET C 118 -21.28 -15.19 -20.37
CA MET C 118 -21.66 -15.71 -21.71
C MET C 118 -22.15 -17.13 -21.40
N PRO C 119 -23.38 -17.25 -20.91
CA PRO C 119 -23.99 -18.51 -20.54
C PRO C 119 -23.89 -19.57 -21.60
N ARG C 120 -23.34 -20.69 -21.20
CA ARG C 120 -23.20 -21.84 -22.08
C ARG C 120 -24.25 -22.91 -21.60
N GLY C 121 -24.47 -22.87 -20.30
CA GLY C 121 -25.41 -23.78 -19.70
C GLY C 121 -24.91 -25.22 -19.69
N THR C 122 -23.59 -25.32 -19.43
CA THR C 122 -22.96 -26.66 -19.43
C THR C 122 -22.08 -26.79 -18.23
N MET C 123 -21.35 -27.83 -18.12
CA MET C 123 -20.37 -28.13 -17.09
C MET C 123 -19.12 -27.39 -17.63
N GLN C 124 -18.06 -27.45 -16.74
CA GLN C 124 -16.85 -26.77 -17.17
C GLN C 124 -16.34 -27.34 -18.49
N ASP C 125 -16.49 -28.64 -18.76
CA ASP C 125 -15.98 -29.13 -20.02
C ASP C 125 -16.81 -28.83 -21.24
N GLY C 126 -17.87 -28.02 -21.21
CA GLY C 126 -18.61 -27.79 -22.44
C GLY C 126 -19.74 -28.78 -22.67
N THR C 127 -19.91 -29.79 -21.83
CA THR C 127 -20.97 -30.76 -22.02
C THR C 127 -21.95 -30.79 -20.86
N SER C 128 -23.08 -31.47 -21.03
CA SER C 128 -24.13 -31.65 -20.07
C SER C 128 -24.21 -33.07 -19.45
N ARG C 129 -24.58 -33.12 -18.17
CA ARG C 129 -24.71 -34.40 -17.50
C ARG C 129 -26.20 -34.75 -17.43
N PHE C 130 -27.09 -34.01 -18.10
CA PHE C 130 -28.51 -34.23 -18.08
C PHE C 130 -29.16 -34.60 -19.41
N THR C 131 -30.02 -35.59 -19.30
CA THR C 131 -30.74 -36.09 -20.45
C THR C 131 -32.21 -36.22 -20.11
N CYS C 132 -33.04 -35.81 -21.05
CA CYS C 132 -34.48 -35.93 -20.72
C CYS C 132 -35.17 -36.23 -22.01
N ARG C 133 -35.97 -37.30 -22.04
CA ARG C 133 -36.70 -37.69 -23.25
C ARG C 133 -35.66 -37.88 -24.37
N GLY C 134 -34.46 -38.40 -24.12
CA GLY C 134 -33.42 -38.59 -25.11
C GLY C 134 -32.65 -37.33 -25.50
N LYS C 135 -33.02 -36.17 -25.01
CA LYS C 135 -32.39 -34.90 -25.29
C LYS C 135 -31.54 -34.34 -24.16
N PRO C 136 -30.44 -33.73 -24.53
CA PRO C 136 -29.50 -33.11 -23.59
C PRO C 136 -30.20 -31.88 -23.02
N ILE C 137 -30.05 -31.77 -21.69
CA ILE C 137 -30.66 -30.62 -21.03
C ILE C 137 -29.58 -29.67 -20.49
N HIS C 138 -29.69 -28.38 -20.69
CA HIS C 138 -28.69 -27.47 -20.16
C HIS C 138 -28.66 -27.36 -18.62
N HIS C 139 -27.43 -27.05 -18.18
CA HIS C 139 -27.19 -26.81 -16.75
C HIS C 139 -27.50 -25.29 -16.56
N PHE C 140 -27.54 -24.84 -15.31
CA PHE C 140 -27.80 -23.42 -15.05
C PHE C 140 -26.79 -22.86 -14.02
N LEU C 141 -25.93 -21.94 -14.48
CA LEU C 141 -24.92 -21.41 -13.60
C LEU C 141 -24.08 -22.48 -12.94
N GLY C 142 -23.85 -23.65 -13.52
CA GLY C 142 -23.06 -24.69 -12.96
C GLY C 142 -23.65 -25.29 -11.70
N THR C 143 -24.98 -25.17 -11.50
CA THR C 143 -25.64 -25.66 -10.32
C THR C 143 -26.82 -26.54 -10.67
N SER C 144 -27.88 -25.99 -11.27
CA SER C 144 -29.07 -26.76 -11.60
C SER C 144 -29.55 -27.62 -10.40
N THR C 145 -30.10 -26.93 -9.41
CA THR C 145 -30.58 -27.60 -8.20
C THR C 145 -32.03 -27.97 -8.13
N PHE C 146 -32.81 -27.74 -9.17
CA PHE C 146 -34.24 -28.13 -9.21
C PHE C 146 -34.33 -29.55 -9.82
N SER C 147 -33.66 -30.49 -9.22
CA SER C 147 -33.55 -31.90 -9.61
C SER C 147 -33.19 -32.65 -8.33
N GLN C 148 -33.57 -33.91 -8.28
CA GLN C 148 -33.26 -34.74 -7.11
C GLN C 148 -31.76 -34.96 -7.03
N TYR C 149 -31.05 -35.02 -8.15
CA TYR C 149 -29.63 -35.21 -8.16
C TYR C 149 -29.00 -34.19 -9.10
N THR C 150 -27.84 -33.67 -8.77
CA THR C 150 -27.23 -32.77 -9.78
C THR C 150 -25.73 -33.03 -9.89
N VAL C 151 -25.07 -32.59 -10.95
CA VAL C 151 -23.65 -32.78 -11.14
C VAL C 151 -23.02 -31.39 -11.27
N VAL C 152 -22.08 -31.06 -10.36
CA VAL C 152 -21.38 -29.78 -10.41
C VAL C 152 -19.85 -29.90 -10.51
N ASP C 153 -19.19 -28.86 -11.05
CA ASP C 153 -17.73 -28.82 -11.16
C ASP C 153 -17.22 -28.66 -9.71
N GLU C 154 -16.01 -29.17 -9.41
CA GLU C 154 -15.44 -29.10 -8.04
C GLU C 154 -15.35 -27.64 -7.59
N ILE C 155 -14.96 -26.76 -8.51
CA ILE C 155 -14.89 -25.34 -8.12
C ILE C 155 -16.26 -24.72 -7.86
N SER C 156 -17.40 -25.34 -8.09
CA SER C 156 -18.74 -24.84 -7.89
C SER C 156 -19.40 -25.52 -6.71
N VAL C 157 -18.60 -26.01 -5.78
CA VAL C 157 -19.23 -26.66 -4.61
C VAL C 157 -18.36 -26.47 -3.37
N ALA C 158 -19.02 -26.25 -2.26
CA ALA C 158 -18.41 -26.03 -0.98
C ALA C 158 -18.90 -26.97 0.11
N LYS C 159 -17.86 -27.59 0.74
CA LYS C 159 -18.18 -28.52 1.85
C LYS C 159 -18.63 -27.72 3.06
N ILE C 160 -19.71 -27.92 3.74
CA ILE C 160 -20.16 -27.16 4.89
C ILE C 160 -20.25 -28.11 6.09
N ASP C 161 -20.48 -27.51 7.26
CA ASP C 161 -20.57 -28.25 8.51
C ASP C 161 -21.57 -29.41 8.42
N ALA C 162 -21.14 -30.59 8.95
CA ALA C 162 -21.97 -31.78 8.97
C ALA C 162 -23.24 -31.64 9.82
N ALA C 163 -23.38 -30.70 10.77
CA ALA C 163 -24.71 -30.73 11.47
C ALA C 163 -25.60 -29.58 11.02
N SER C 164 -25.19 -28.87 9.92
CA SER C 164 -26.13 -27.75 9.60
C SER C 164 -27.45 -28.26 9.05
N PRO C 165 -28.51 -27.51 9.36
CA PRO C 165 -29.85 -27.78 8.90
C PRO C 165 -29.88 -27.34 7.41
N LEU C 166 -29.90 -28.32 6.49
CA LEU C 166 -29.91 -28.11 5.06
C LEU C 166 -31.15 -27.35 4.62
N GLU C 167 -32.31 -27.47 5.29
CA GLU C 167 -33.49 -26.73 4.83
C GLU C 167 -33.48 -25.26 5.19
N LYS C 168 -32.46 -24.86 5.96
CA LYS C 168 -32.31 -23.43 6.28
C LYS C 168 -31.05 -22.92 5.59
N VAL C 169 -29.91 -23.60 5.74
CA VAL C 169 -28.70 -23.09 5.09
C VAL C 169 -28.64 -23.00 3.55
N CYS C 170 -29.71 -23.46 2.87
CA CYS C 170 -29.73 -23.39 1.42
C CYS C 170 -29.76 -21.91 1.06
N LEU C 171 -30.41 -21.07 1.85
CA LEU C 171 -30.45 -19.63 1.58
C LEU C 171 -29.07 -18.99 1.53
N ILE C 172 -28.02 -19.52 2.11
CA ILE C 172 -26.68 -19.00 2.05
C ILE C 172 -26.06 -19.23 0.68
N GLY C 173 -26.69 -20.05 -0.15
CA GLY C 173 -26.31 -20.41 -1.47
C GLY C 173 -26.65 -19.26 -2.43
N CYS C 174 -27.54 -18.36 -2.01
CA CYS C 174 -27.86 -17.24 -2.86
C CYS C 174 -28.40 -16.00 -2.09
N GLY C 175 -29.70 -15.98 -1.88
CA GLY C 175 -30.42 -14.91 -1.21
C GLY C 175 -29.78 -14.19 -0.06
N PHE C 176 -29.52 -14.93 0.99
CA PHE C 176 -28.96 -14.40 2.21
C PHE C 176 -27.61 -13.76 1.98
N SER C 177 -26.69 -14.58 1.47
CA SER C 177 -25.34 -14.12 1.23
C SER C 177 -25.25 -12.84 0.35
N THR C 178 -25.99 -12.87 -0.75
CA THR C 178 -26.09 -11.79 -1.70
C THR C 178 -26.49 -10.52 -0.96
N GLY C 179 -27.64 -10.62 -0.30
CA GLY C 179 -28.08 -9.42 0.42
C GLY C 179 -27.12 -8.94 1.48
N TYR C 180 -26.78 -9.79 2.42
CA TYR C 180 -25.90 -9.50 3.54
C TYR C 180 -24.54 -8.96 3.11
N GLY C 181 -23.87 -9.62 2.17
CA GLY C 181 -22.58 -9.19 1.63
C GLY C 181 -22.68 -7.81 0.93
N SER C 182 -23.82 -7.52 0.30
CA SER C 182 -24.07 -6.29 -0.38
C SER C 182 -23.89 -5.11 0.57
N ALA C 183 -24.54 -5.30 1.73
CA ALA C 183 -24.47 -4.25 2.74
C ALA C 183 -23.12 -4.13 3.44
N VAL C 184 -22.74 -5.21 4.04
CA VAL C 184 -21.51 -5.32 4.81
C VAL C 184 -20.24 -5.47 4.03
N LYS C 185 -20.18 -6.07 2.84
CA LYS C 185 -18.88 -6.16 2.13
C LYS C 185 -18.75 -5.20 0.95
N VAL C 186 -19.81 -4.98 0.16
CA VAL C 186 -19.72 -4.11 -1.02
C VAL C 186 -19.96 -2.65 -0.63
N ALA C 187 -21.08 -2.39 -0.01
CA ALA C 187 -21.37 -1.04 0.40
C ALA C 187 -20.44 -0.67 1.58
N LYS C 188 -20.23 -1.60 2.49
CA LYS C 188 -19.38 -1.37 3.66
C LYS C 188 -20.10 -0.32 4.48
N VAL C 189 -21.39 -0.60 4.75
CA VAL C 189 -22.24 0.32 5.53
C VAL C 189 -21.52 0.66 6.82
N THR C 190 -21.67 1.88 7.26
CA THR C 190 -20.99 2.33 8.47
C THR C 190 -21.95 2.57 9.63
N GLN C 191 -21.27 2.39 10.77
CA GLN C 191 -22.00 2.60 12.05
C GLN C 191 -22.69 3.95 12.12
N GLY C 192 -23.97 4.10 12.45
CA GLY C 192 -24.60 5.38 12.51
C GLY C 192 -25.12 5.96 11.24
N SER C 193 -24.84 5.33 10.09
CA SER C 193 -25.28 5.77 8.76
C SER C 193 -26.76 5.59 8.47
N THR C 194 -27.31 6.08 7.40
CA THR C 194 -28.71 5.95 7.03
C THR C 194 -28.76 5.15 5.69
N CYS C 195 -29.54 4.07 5.60
CA CYS C 195 -29.63 3.26 4.41
C CYS C 195 -31.00 3.30 3.77
N ALA C 196 -31.08 3.06 2.48
CA ALA C 196 -32.30 3.02 1.73
C ALA C 196 -32.21 1.69 0.94
N VAL C 197 -33.16 0.78 1.14
CA VAL C 197 -33.23 -0.52 0.51
C VAL C 197 -34.48 -0.61 -0.34
N PHE C 198 -34.38 -0.59 -1.64
CA PHE C 198 -35.41 -0.69 -2.61
C PHE C 198 -35.61 -2.18 -2.97
N GLY C 199 -36.77 -2.72 -2.57
CA GLY C 199 -37.14 -4.12 -2.84
C GLY C 199 -37.06 -4.85 -1.55
N LEU C 200 -38.18 -5.41 -1.07
CA LEU C 200 -38.12 -6.09 0.24
C LEU C 200 -38.44 -7.58 0.21
N GLY C 201 -37.95 -8.31 -0.77
CA GLY C 201 -38.13 -9.73 -0.95
C GLY C 201 -36.95 -10.25 -0.11
N GLY C 202 -36.62 -11.51 -0.33
CA GLY C 202 -35.58 -12.21 0.34
C GLY C 202 -34.23 -11.57 0.32
N VAL C 203 -33.84 -10.99 -0.85
CA VAL C 203 -32.47 -10.41 -0.83
C VAL C 203 -32.55 -9.05 -0.11
N GLY C 204 -33.61 -8.30 -0.35
CA GLY C 204 -33.76 -7.01 0.29
C GLY C 204 -33.59 -7.08 1.83
N LEU C 205 -34.37 -8.04 2.39
CA LEU C 205 -34.45 -8.29 3.83
C LEU C 205 -33.08 -8.63 4.28
N SER C 206 -32.39 -9.47 3.49
CA SER C 206 -30.99 -9.82 3.88
C SER C 206 -30.13 -8.57 3.73
N VAL C 207 -30.36 -7.63 2.84
CA VAL C 207 -29.54 -6.40 2.74
C VAL C 207 -29.88 -5.64 4.07
N ILE C 208 -31.21 -5.56 4.38
CA ILE C 208 -31.51 -4.91 5.67
C ILE C 208 -30.75 -5.70 6.81
N MET C 209 -30.72 -7.03 6.83
CA MET C 209 -29.98 -7.57 7.96
C MET C 209 -28.54 -7.13 8.06
N GLY C 210 -27.86 -6.97 6.90
CA GLY C 210 -26.42 -6.60 6.91
C GLY C 210 -26.32 -5.14 7.34
N CYS C 211 -27.30 -4.31 7.03
CA CYS C 211 -27.21 -2.90 7.41
C CYS C 211 -27.27 -2.88 8.93
N LYS C 212 -28.24 -3.65 9.47
CA LYS C 212 -28.39 -3.65 10.97
C LYS C 212 -27.11 -4.17 11.57
N ALA C 213 -26.63 -5.31 11.08
CA ALA C 213 -25.35 -5.83 11.62
C ALA C 213 -24.20 -4.83 11.51
N ALA C 214 -24.17 -3.89 10.57
CA ALA C 214 -23.07 -2.95 10.40
C ALA C 214 -23.26 -1.71 11.31
N GLY C 215 -24.41 -1.65 11.98
CA GLY C 215 -24.61 -0.52 12.85
C GLY C 215 -25.37 0.57 12.23
N ALA C 216 -26.00 0.37 11.07
CA ALA C 216 -26.74 1.56 10.56
C ALA C 216 -27.74 2.05 11.62
N ALA C 217 -28.01 3.32 11.68
CA ALA C 217 -28.92 3.98 12.58
C ALA C 217 -30.28 4.07 11.90
N ARG C 218 -30.38 4.22 10.59
CA ARG C 218 -31.77 4.32 10.05
C ARG C 218 -31.70 3.39 8.82
N ILE C 219 -32.76 2.67 8.53
CA ILE C 219 -32.81 1.72 7.41
C ILE C 219 -34.22 1.89 6.87
N ILE C 220 -34.38 2.64 5.78
CA ILE C 220 -35.68 2.83 5.20
C ILE C 220 -35.96 1.82 4.10
N GLY C 221 -36.96 1.00 4.25
CA GLY C 221 -37.36 -0.02 3.28
C GLY C 221 -38.22 0.61 2.21
N VAL C 222 -38.06 0.31 0.90
CA VAL C 222 -38.96 0.94 -0.08
C VAL C 222 -39.65 -0.17 -0.88
N ASP C 223 -40.94 -0.13 -1.12
CA ASP C 223 -41.56 -1.21 -1.87
C ASP C 223 -42.91 -0.79 -2.37
N ILE C 224 -43.48 -1.23 -3.45
CA ILE C 224 -44.82 -0.81 -3.87
C ILE C 224 -45.84 -1.84 -3.29
N ASN C 225 -45.41 -2.85 -2.55
CA ASN C 225 -46.19 -3.86 -1.90
C ASN C 225 -45.97 -3.74 -0.37
N LYS C 226 -47.01 -2.99 0.17
CA LYS C 226 -47.08 -2.69 1.60
C LYS C 226 -47.02 -3.92 2.48
N ASP C 227 -47.46 -5.09 1.92
CA ASP C 227 -47.44 -6.31 2.72
C ASP C 227 -46.04 -6.76 3.08
N LYS C 228 -45.03 -6.10 2.44
CA LYS C 228 -43.64 -6.49 2.76
C LYS C 228 -43.12 -5.71 3.93
N PHE C 229 -43.81 -4.59 4.24
CA PHE C 229 -43.31 -3.75 5.36
C PHE C 229 -43.09 -4.35 6.73
N ALA C 230 -44.03 -5.21 7.16
CA ALA C 230 -43.92 -5.78 8.49
C ALA C 230 -42.64 -6.55 8.74
N LYS C 231 -42.44 -7.57 7.87
CA LYS C 231 -41.20 -8.39 8.01
C LYS C 231 -39.95 -7.50 7.88
N ALA C 232 -40.08 -6.50 6.95
CA ALA C 232 -38.91 -5.56 6.77
C ALA C 232 -38.61 -4.92 8.14
N LYS C 233 -39.71 -4.39 8.80
CA LYS C 233 -39.43 -3.81 10.12
C LYS C 233 -38.91 -4.91 11.03
N GLU C 234 -39.52 -6.12 11.06
CA GLU C 234 -39.01 -7.10 11.98
C GLU C 234 -37.51 -7.35 11.78
N VAL C 235 -36.97 -7.35 10.53
CA VAL C 235 -35.50 -7.64 10.53
C VAL C 235 -34.66 -6.37 10.67
N GLY C 236 -35.30 -5.20 10.85
CA GLY C 236 -34.31 -4.07 11.02
C GLY C 236 -34.76 -2.78 10.37
N ALA C 237 -35.75 -2.82 9.46
CA ALA C 237 -36.09 -1.55 8.86
C ALA C 237 -36.58 -0.61 9.93
N THR C 238 -36.17 0.64 9.94
CA THR C 238 -36.65 1.62 10.95
C THR C 238 -37.85 2.36 10.35
N GLU C 239 -38.06 2.41 9.07
CA GLU C 239 -39.22 3.09 8.45
C GLU C 239 -39.46 2.42 7.09
N CYS C 240 -40.63 2.44 6.51
CA CYS C 240 -40.84 1.82 5.22
C CYS C 240 -41.71 2.80 4.44
N VAL C 241 -41.45 3.04 3.17
CA VAL C 241 -42.22 3.96 2.37
C VAL C 241 -42.67 3.27 1.09
N ASN C 242 -43.84 3.57 0.60
CA ASN C 242 -44.35 2.98 -0.60
C ASN C 242 -44.53 4.12 -1.57
N PRO C 243 -43.82 4.10 -2.66
CA PRO C 243 -43.76 5.07 -3.70
C PRO C 243 -45.11 5.47 -4.21
N GLN C 244 -46.06 4.56 -4.17
CA GLN C 244 -47.40 4.78 -4.69
C GLN C 244 -48.23 5.72 -3.82
N ASP C 245 -47.75 5.87 -2.58
CA ASP C 245 -48.38 6.73 -1.61
C ASP C 245 -48.02 8.21 -1.75
N TYR C 246 -46.95 8.55 -2.50
CA TYR C 246 -46.51 9.91 -2.68
C TYR C 246 -46.81 10.46 -4.05
N LYS C 247 -46.94 11.77 -4.14
CA LYS C 247 -47.23 12.48 -5.38
C LYS C 247 -45.92 12.90 -6.06
N LYS C 248 -44.82 13.01 -5.34
CA LYS C 248 -43.48 13.35 -5.86
C LYS C 248 -42.64 12.04 -5.92
N PRO C 249 -41.68 11.97 -6.84
CA PRO C 249 -40.78 10.88 -7.12
C PRO C 249 -40.16 10.42 -5.83
N ILE C 250 -40.03 9.14 -5.61
CA ILE C 250 -39.51 8.63 -4.37
C ILE C 250 -38.13 9.13 -4.05
N GLN C 251 -37.31 9.51 -5.09
CA GLN C 251 -35.98 9.99 -4.68
C GLN C 251 -36.14 11.34 -3.95
N GLU C 252 -37.13 12.17 -4.30
CA GLU C 252 -37.23 13.43 -3.56
C GLU C 252 -37.62 13.16 -2.10
N VAL C 253 -38.65 12.29 -1.97
CA VAL C 253 -39.12 11.92 -0.63
C VAL C 253 -37.92 11.40 0.15
N LEU C 254 -37.14 10.46 -0.39
CA LEU C 254 -36.00 10.00 0.43
C LEU C 254 -34.96 11.05 0.72
N THR C 255 -34.75 11.94 -0.22
CA THR C 255 -33.69 13.00 -0.01
C THR C 255 -34.14 13.86 1.19
N GLU C 256 -35.43 14.28 1.12
CA GLU C 256 -35.92 15.06 2.24
C GLU C 256 -35.88 14.21 3.54
N MET C 257 -36.46 13.00 3.58
CA MET C 257 -36.42 12.19 4.77
C MET C 257 -35.02 12.04 5.31
N SER C 258 -33.99 11.95 4.47
CA SER C 258 -32.62 11.81 5.00
C SER C 258 -31.98 13.20 5.12
N ASN C 259 -32.75 14.23 4.88
CA ASN C 259 -32.21 15.59 5.01
C ASN C 259 -30.99 15.82 4.12
N GLY C 260 -31.20 15.55 2.83
CA GLY C 260 -30.16 15.71 1.87
C GLY C 260 -29.63 14.49 1.16
N GLY C 261 -30.12 13.26 1.44
CA GLY C 261 -29.63 12.09 0.76
C GLY C 261 -29.18 11.00 1.70
N VAL C 262 -29.38 9.67 1.41
CA VAL C 262 -28.90 8.67 2.34
C VAL C 262 -27.41 8.37 2.20
N ASP C 263 -26.80 7.67 3.15
CA ASP C 263 -25.38 7.40 2.97
C ASP C 263 -25.13 6.21 2.01
N PHE C 264 -26.02 5.21 2.12
CA PHE C 264 -26.04 3.97 1.38
C PHE C 264 -27.40 3.63 0.81
N SER C 265 -27.57 3.34 -0.48
CA SER C 265 -28.88 3.01 -1.07
C SER C 265 -28.57 1.69 -1.82
N PHE C 266 -29.57 0.86 -1.99
CA PHE C 266 -29.46 -0.46 -2.61
C PHE C 266 -30.59 -0.79 -3.57
N GLU C 267 -30.25 -1.22 -4.82
CA GLU C 267 -31.43 -1.53 -5.69
C GLU C 267 -31.46 -3.07 -5.65
N VAL C 268 -32.54 -3.65 -5.13
CA VAL C 268 -32.77 -5.07 -4.92
C VAL C 268 -34.10 -5.48 -5.52
N ILE C 269 -34.28 -4.99 -6.76
CA ILE C 269 -35.48 -5.25 -7.51
C ILE C 269 -35.21 -5.82 -8.90
N GLY C 270 -34.56 -4.99 -9.74
CA GLY C 270 -34.25 -5.43 -11.09
C GLY C 270 -34.97 -4.59 -12.12
N ARG C 271 -34.91 -3.30 -11.86
CA ARG C 271 -35.54 -2.33 -12.80
C ARG C 271 -34.55 -1.22 -13.16
N LEU C 272 -34.56 -0.84 -14.42
CA LEU C 272 -33.60 0.23 -14.79
C LEU C 272 -33.87 1.51 -14.04
N ASP C 273 -35.14 1.88 -14.03
CA ASP C 273 -35.59 3.11 -13.35
C ASP C 273 -35.30 3.16 -11.87
N THR C 274 -35.48 2.13 -11.08
CA THR C 274 -35.17 2.15 -9.65
C THR C 274 -33.66 2.20 -9.38
N MET C 275 -32.86 1.68 -10.32
CA MET C 275 -31.43 1.69 -10.24
C MET C 275 -31.08 3.19 -10.28
N VAL C 276 -31.58 3.93 -11.22
CA VAL C 276 -31.31 5.33 -11.33
C VAL C 276 -31.83 6.09 -10.09
N THR C 277 -33.04 5.81 -9.68
CA THR C 277 -33.63 6.44 -8.50
C THR C 277 -32.82 6.17 -7.22
N ALA C 278 -32.40 4.92 -7.01
CA ALA C 278 -31.63 4.56 -5.85
C ALA C 278 -30.32 5.31 -5.92
N LEU C 279 -29.69 5.56 -7.07
CA LEU C 279 -28.43 6.33 -7.08
C LEU C 279 -28.71 7.80 -6.67
N SER C 280 -29.75 8.41 -7.21
CA SER C 280 -30.10 9.77 -6.95
C SER C 280 -30.41 10.12 -5.49
N CYS C 281 -31.06 9.18 -4.82
CA CYS C 281 -31.46 9.32 -3.43
C CYS C 281 -30.27 9.22 -2.57
N CYS C 282 -29.11 8.73 -3.00
CA CYS C 282 -27.93 8.70 -2.07
C CYS C 282 -27.31 10.08 -2.11
N GLN C 283 -26.73 10.56 -1.02
CA GLN C 283 -26.15 11.91 -0.93
C GLN C 283 -25.20 12.19 -2.07
N GLU C 284 -25.46 13.30 -2.76
CA GLU C 284 -24.64 13.70 -3.90
C GLU C 284 -23.13 13.82 -3.75
N ALA C 285 -22.55 14.11 -2.60
CA ALA C 285 -21.14 14.23 -2.38
C ALA C 285 -20.46 12.99 -1.84
N TYR C 286 -21.19 12.23 -1.04
CA TYR C 286 -20.43 11.03 -0.55
C TYR C 286 -21.26 9.76 -0.45
N GLY C 287 -22.47 9.77 -0.99
CA GLY C 287 -23.37 8.65 -1.00
C GLY C 287 -22.78 7.51 -1.86
N VAL C 288 -23.26 6.32 -1.48
CA VAL C 288 -22.88 5.08 -2.11
C VAL C 288 -24.16 4.35 -2.49
N SER C 289 -24.27 3.88 -3.71
CA SER C 289 -25.43 3.12 -4.16
C SER C 289 -24.89 1.81 -4.80
N VAL C 290 -25.49 0.71 -4.38
CA VAL C 290 -25.17 -0.64 -4.81
C VAL C 290 -26.31 -1.28 -5.61
N ILE C 291 -26.00 -1.74 -6.82
CA ILE C 291 -27.04 -2.37 -7.64
C ILE C 291 -26.96 -3.89 -7.31
N VAL C 292 -28.13 -4.43 -6.97
CA VAL C 292 -28.20 -5.81 -6.63
C VAL C 292 -29.09 -6.57 -7.59
N GLY C 293 -30.19 -5.95 -7.97
CA GLY C 293 -31.19 -6.46 -8.86
C GLY C 293 -30.68 -6.68 -10.27
N VAL C 294 -31.31 -7.71 -10.86
CA VAL C 294 -30.98 -8.09 -12.23
C VAL C 294 -32.08 -7.51 -13.13
N PRO C 295 -31.73 -6.67 -14.07
CA PRO C 295 -32.62 -6.05 -15.02
C PRO C 295 -32.73 -6.96 -16.23
N PRO C 296 -33.67 -6.61 -17.06
CA PRO C 296 -33.99 -7.29 -18.30
C PRO C 296 -32.80 -7.35 -19.25
N ASP C 297 -32.51 -8.50 -19.77
CA ASP C 297 -31.40 -8.70 -20.66
C ASP C 297 -31.19 -7.68 -21.78
N SER C 298 -29.92 -7.27 -21.89
CA SER C 298 -29.52 -6.33 -22.91
C SER C 298 -30.14 -4.95 -22.83
N GLN C 299 -30.74 -4.50 -21.74
CA GLN C 299 -31.33 -3.15 -21.78
C GLN C 299 -30.43 -2.15 -21.12
N ASN C 300 -30.36 -0.96 -21.71
CA ASN C 300 -29.52 0.10 -21.19
C ASN C 300 -30.36 1.07 -20.37
N LEU C 301 -29.69 1.58 -19.36
CA LEU C 301 -30.40 2.58 -18.54
C LEU C 301 -29.85 3.92 -19.06
N SER C 302 -30.51 4.97 -18.74
CA SER C 302 -30.16 6.34 -19.13
C SER C 302 -29.91 7.14 -17.87
N MET C 303 -28.78 7.82 -17.73
CA MET C 303 -28.54 8.60 -16.50
C MET C 303 -27.65 9.78 -16.79
N ASN C 304 -27.71 10.81 -15.99
CA ASN C 304 -26.92 12.00 -16.11
C ASN C 304 -25.71 11.82 -15.19
N PRO C 305 -24.53 11.87 -15.82
CA PRO C 305 -23.25 11.69 -15.20
C PRO C 305 -22.91 12.69 -14.13
N MET C 306 -23.58 13.78 -13.95
CA MET C 306 -23.42 14.79 -12.92
C MET C 306 -23.82 14.12 -11.63
N LEU C 307 -24.63 13.06 -11.64
CA LEU C 307 -24.98 12.40 -10.42
C LEU C 307 -23.73 11.78 -9.80
N LEU C 308 -22.70 11.45 -10.64
CA LEU C 308 -21.47 10.84 -10.21
C LEU C 308 -20.42 11.93 -9.97
N LEU C 309 -20.35 12.96 -10.81
CA LEU C 309 -19.36 14.00 -10.75
C LEU C 309 -19.39 14.74 -9.44
N SER C 310 -20.54 14.87 -8.74
CA SER C 310 -20.65 15.54 -7.46
C SER C 310 -19.92 14.73 -6.40
N GLY C 311 -19.71 13.43 -6.58
CA GLY C 311 -19.01 12.58 -5.67
C GLY C 311 -19.71 11.24 -5.39
N ARG C 312 -20.87 11.00 -5.97
CA ARG C 312 -21.48 9.72 -5.70
C ARG C 312 -20.68 8.50 -6.09
N THR C 313 -20.92 7.37 -5.47
CA THR C 313 -20.20 6.13 -5.80
C THR C 313 -21.23 5.16 -6.30
N TRP C 314 -21.07 4.56 -7.47
CA TRP C 314 -22.11 3.61 -7.94
C TRP C 314 -21.43 2.24 -8.11
N LYS C 315 -22.01 1.18 -7.57
CA LYS C 315 -21.35 -0.13 -7.76
C LYS C 315 -22.35 -1.27 -7.77
N GLY C 316 -21.80 -2.44 -8.15
CA GLY C 316 -22.70 -3.60 -8.19
C GLY C 316 -21.93 -4.79 -7.73
N ALA C 317 -22.53 -5.94 -7.57
CA ALA C 317 -21.89 -7.17 -7.20
C ALA C 317 -22.76 -8.42 -7.39
N ILE C 318 -22.04 -9.54 -7.54
CA ILE C 318 -22.69 -10.78 -7.66
C ILE C 318 -22.59 -11.46 -6.30
N PHE C 319 -23.62 -12.05 -5.74
CA PHE C 319 -23.47 -12.86 -4.50
C PHE C 319 -22.83 -12.11 -3.34
N GLY C 320 -23.28 -10.87 -3.09
CA GLY C 320 -22.78 -9.95 -2.10
C GLY C 320 -21.27 -9.79 -2.08
N GLY C 321 -20.45 -9.88 -3.09
CA GLY C 321 -19.03 -9.74 -3.16
C GLY C 321 -18.24 -10.86 -2.53
N PHE C 322 -18.96 -11.87 -1.98
CA PHE C 322 -18.21 -12.98 -1.38
C PHE C 322 -17.44 -13.97 -2.21
N LYS C 323 -16.21 -14.31 -1.86
CA LYS C 323 -15.44 -15.35 -2.62
C LYS C 323 -16.20 -16.64 -2.17
N SER C 324 -16.95 -17.24 -3.09
CA SER C 324 -17.82 -18.37 -2.84
C SER C 324 -17.35 -19.56 -2.02
N LYS C 325 -16.32 -20.25 -2.49
CA LYS C 325 -15.83 -21.41 -1.76
C LYS C 325 -15.24 -21.08 -0.39
N ASP C 326 -14.62 -19.91 -0.21
CA ASP C 326 -14.10 -19.57 1.12
C ASP C 326 -15.20 -19.06 2.07
N SER C 327 -16.14 -18.23 1.62
CA SER C 327 -17.16 -17.71 2.53
C SER C 327 -18.36 -18.55 2.83
N VAL C 328 -18.72 -19.46 1.89
CA VAL C 328 -19.93 -20.28 2.18
C VAL C 328 -19.86 -21.06 3.49
N PRO C 329 -18.75 -21.76 3.62
CA PRO C 329 -18.48 -22.59 4.79
C PRO C 329 -18.42 -21.73 6.03
N LYS C 330 -17.78 -20.53 5.99
CA LYS C 330 -17.74 -19.66 7.17
C LYS C 330 -19.13 -19.09 7.47
N LEU C 331 -19.91 -18.77 6.42
CA LEU C 331 -21.26 -18.23 6.66
C LEU C 331 -22.12 -19.28 7.37
N VAL C 332 -21.94 -20.56 6.95
CA VAL C 332 -22.79 -21.59 7.67
C VAL C 332 -22.32 -21.64 9.12
N ALA C 333 -20.94 -21.69 9.26
CA ALA C 333 -20.39 -21.67 10.66
C ALA C 333 -21.04 -20.56 11.50
N ASP C 334 -20.99 -19.33 10.96
CA ASP C 334 -21.61 -18.20 11.68
C ASP C 334 -23.09 -18.42 11.94
N PHE C 335 -23.79 -19.04 10.97
CA PHE C 335 -25.25 -19.26 11.17
C PHE C 335 -25.46 -20.24 12.34
N MET C 336 -24.48 -21.19 12.32
CA MET C 336 -24.49 -22.25 13.37
C MET C 336 -24.23 -21.59 14.72
N ALA C 337 -23.47 -20.47 14.64
CA ALA C 337 -23.17 -19.75 15.89
C ALA C 337 -24.23 -18.70 16.15
N LYS C 338 -25.36 -18.63 15.42
CA LYS C 338 -26.37 -17.61 15.74
C LYS C 338 -25.94 -16.16 15.47
N LYS C 339 -24.98 -15.97 14.51
CA LYS C 339 -24.52 -14.61 14.19
C LYS C 339 -25.57 -13.93 13.31
N PHE C 340 -26.43 -14.71 12.62
CA PHE C 340 -27.49 -14.06 11.78
C PHE C 340 -28.73 -14.96 11.71
N ALA C 341 -29.87 -14.48 11.28
CA ALA C 341 -31.01 -15.43 11.22
C ALA C 341 -31.46 -15.74 9.79
N LEU C 342 -32.02 -16.95 9.56
CA LEU C 342 -32.50 -17.32 8.21
C LEU C 342 -34.00 -17.50 8.19
N ASP C 343 -34.55 -17.86 9.37
CA ASP C 343 -35.96 -18.06 9.60
C ASP C 343 -36.83 -16.97 9.10
N PRO C 344 -36.61 -15.73 9.37
CA PRO C 344 -37.42 -14.62 8.88
C PRO C 344 -37.60 -14.56 7.37
N LEU C 345 -36.69 -15.16 6.56
CA LEU C 345 -36.82 -15.14 5.09
C LEU C 345 -37.76 -16.26 4.59
N ILE C 346 -37.76 -17.37 5.37
CA ILE C 346 -38.58 -18.52 5.03
C ILE C 346 -40.07 -18.32 5.38
N THR C 347 -40.94 -18.14 4.40
CA THR C 347 -42.33 -17.96 4.75
C THR C 347 -43.18 -19.14 4.32
N HIS C 348 -42.72 -20.10 3.48
CA HIS C 348 -43.53 -21.23 3.05
C HIS C 348 -42.60 -22.43 2.85
N VAL C 349 -43.11 -23.62 3.08
CA VAL C 349 -42.26 -24.82 2.86
C VAL C 349 -43.10 -25.75 1.98
N LEU C 350 -42.50 -26.32 0.92
CA LEU C 350 -43.24 -27.20 0.00
C LEU C 350 -42.33 -28.31 -0.49
N PRO C 351 -43.01 -29.38 -0.87
CA PRO C 351 -42.29 -30.57 -1.38
C PRO C 351 -41.92 -30.17 -2.79
N PHE C 352 -40.77 -30.60 -3.30
CA PHE C 352 -40.20 -30.33 -4.61
C PHE C 352 -41.16 -30.36 -5.79
N GLU C 353 -42.02 -31.31 -5.79
CA GLU C 353 -43.08 -31.63 -6.74
C GLU C 353 -44.07 -30.50 -6.85
N LYS C 354 -44.22 -29.65 -5.85
CA LYS C 354 -45.13 -28.52 -5.89
C LYS C 354 -44.40 -27.25 -6.31
N ILE C 355 -43.29 -27.36 -7.06
CA ILE C 355 -42.51 -26.22 -7.48
C ILE C 355 -43.39 -25.17 -8.15
N ASN C 356 -44.29 -25.50 -9.07
CA ASN C 356 -45.06 -24.44 -9.74
C ASN C 356 -45.81 -23.56 -8.75
N GLU C 357 -46.36 -24.12 -7.71
CA GLU C 357 -47.10 -23.46 -6.65
C GLU C 357 -46.14 -22.48 -5.97
N GLY C 358 -44.92 -22.96 -5.70
CA GLY C 358 -43.86 -22.15 -5.09
C GLY C 358 -43.58 -20.92 -6.00
N PHE C 359 -43.52 -21.04 -7.34
CA PHE C 359 -43.30 -19.93 -8.24
C PHE C 359 -44.56 -19.04 -8.23
N ASP C 360 -45.74 -19.63 -8.05
CA ASP C 360 -46.98 -18.84 -8.02
C ASP C 360 -47.02 -17.96 -6.78
N LEU C 361 -46.56 -18.51 -5.66
CA LEU C 361 -46.54 -17.72 -4.44
C LEU C 361 -45.56 -16.50 -4.58
N LEU C 362 -44.39 -16.70 -5.21
CA LEU C 362 -43.44 -15.62 -5.38
C LEU C 362 -44.03 -14.61 -6.36
N ARG C 363 -44.58 -15.10 -7.48
CA ARG C 363 -45.16 -14.20 -8.44
C ARG C 363 -46.34 -13.37 -7.94
N SER C 364 -47.14 -13.94 -7.06
CA SER C 364 -48.30 -13.32 -6.48
C SER C 364 -47.91 -12.31 -5.41
N GLY C 365 -46.68 -12.33 -4.91
CA GLY C 365 -46.27 -11.36 -3.90
C GLY C 365 -46.49 -11.93 -2.51
N GLU C 366 -47.12 -13.11 -2.43
CA GLU C 366 -47.35 -13.64 -1.09
C GLU C 366 -46.11 -14.13 -0.39
N SER C 367 -45.07 -14.69 -0.97
CA SER C 367 -43.98 -15.16 -0.15
C SER C 367 -42.72 -14.33 -0.32
N ILE C 368 -41.75 -14.72 0.45
CA ILE C 368 -40.43 -14.18 0.49
C ILE C 368 -39.70 -15.41 -0.08
N ARG C 369 -39.25 -16.33 0.77
CA ARG C 369 -38.59 -17.50 0.26
C ARG C 369 -39.42 -18.76 0.54
N THR C 370 -39.77 -19.52 -0.48
CA THR C 370 -40.47 -20.79 -0.31
C THR C 370 -39.31 -21.81 -0.34
N ILE C 371 -39.19 -22.76 0.56
CA ILE C 371 -38.07 -23.74 0.48
C ILE C 371 -38.67 -25.02 -0.09
N LEU C 372 -38.04 -25.65 -1.09
CA LEU C 372 -38.57 -26.89 -1.66
C LEU C 372 -37.81 -28.06 -1.04
N THR C 373 -38.54 -29.07 -0.55
CA THR C 373 -37.78 -30.22 0.01
C THR C 373 -38.00 -31.43 -0.91
N PHE C 374 -36.96 -32.23 -1.11
CA PHE C 374 -36.85 -33.42 -1.91
C PHE C 374 -37.25 -34.65 -1.12
N SER D 1 14.78 -54.39 14.53
CA SER D 1 13.69 -55.15 13.81
C SER D 1 13.55 -54.53 12.43
N THR D 2 13.49 -53.19 12.34
CA THR D 2 13.34 -52.63 10.97
C THR D 2 14.66 -52.09 10.44
N ALA D 3 15.63 -52.05 11.33
CA ALA D 3 16.95 -51.56 10.95
C ALA D 3 17.47 -52.21 9.67
N GLY D 4 18.06 -51.43 8.77
CA GLY D 4 18.57 -51.93 7.51
C GLY D 4 17.49 -52.24 6.51
N LYS D 5 16.19 -52.14 6.91
CA LYS D 5 15.14 -52.46 5.89
C LYS D 5 14.29 -51.24 5.48
N VAL D 6 13.73 -51.31 4.29
CA VAL D 6 12.80 -50.34 3.75
C VAL D 6 11.56 -50.37 4.64
N ILE D 7 11.06 -49.24 5.08
CA ILE D 7 9.88 -49.26 5.95
C ILE D 7 8.68 -48.75 5.15
N LYS D 8 7.52 -49.40 5.31
CA LYS D 8 6.32 -48.93 4.60
C LYS D 8 5.54 -48.24 5.73
N CYS D 9 5.10 -47.00 5.55
CA CYS D 9 4.37 -46.33 6.64
C CYS D 9 3.52 -45.28 5.95
N LYS D 10 2.74 -44.60 6.77
CA LYS D 10 1.88 -43.53 6.30
C LYS D 10 2.63 -42.18 6.34
N ALA D 11 2.28 -41.31 5.39
CA ALA D 11 2.94 -40.00 5.37
C ALA D 11 1.91 -39.08 4.67
N ALA D 12 1.96 -37.77 4.95
CA ALA D 12 1.04 -36.85 4.30
C ALA D 12 1.73 -36.36 3.05
N VAL D 13 1.29 -36.75 1.85
CA VAL D 13 1.96 -36.29 0.65
C VAL D 13 1.21 -35.12 0.06
N LEU D 14 1.96 -34.09 -0.36
CA LEU D 14 1.42 -32.94 -1.00
C LEU D 14 1.77 -33.16 -2.48
N TRP D 15 0.74 -33.52 -3.27
CA TRP D 15 0.98 -33.78 -4.68
C TRP D 15 0.94 -32.55 -5.53
N GLU D 16 0.10 -31.61 -5.19
CA GLU D 16 0.01 -30.40 -5.96
C GLU D 16 -0.26 -29.16 -5.12
N GLU D 17 0.09 -28.01 -5.66
CA GLU D 17 -0.20 -26.83 -4.86
C GLU D 17 -1.71 -26.71 -4.59
N LYS D 18 -2.08 -25.99 -3.56
CA LYS D 18 -3.41 -25.69 -3.13
C LYS D 18 -4.33 -26.90 -3.08
N LYS D 19 -3.90 -28.02 -2.62
CA LYS D 19 -4.62 -29.24 -2.49
C LYS D 19 -4.39 -29.71 -1.05
N PRO D 20 -5.36 -30.41 -0.51
CA PRO D 20 -5.28 -30.99 0.82
C PRO D 20 -4.17 -32.04 0.77
N PHE D 21 -3.63 -32.32 1.94
CA PHE D 21 -2.58 -33.36 1.97
C PHE D 21 -3.20 -34.74 1.72
N SER D 22 -2.47 -35.68 1.13
CA SER D 22 -3.01 -37.00 0.86
C SER D 22 -2.26 -37.96 1.77
N ILE D 23 -2.97 -38.50 2.74
CA ILE D 23 -2.41 -39.45 3.68
C ILE D 23 -2.25 -40.75 2.91
N GLU D 24 -1.07 -41.18 2.63
CA GLU D 24 -0.87 -42.43 1.93
C GLU D 24 0.34 -43.27 2.33
N GLU D 25 0.42 -44.45 1.72
CA GLU D 25 1.46 -45.41 2.00
C GLU D 25 2.70 -45.03 1.15
N VAL D 26 3.80 -44.90 1.89
CA VAL D 26 5.11 -44.57 1.40
C VAL D 26 6.08 -45.66 1.91
N GLU D 27 7.18 -45.71 1.16
CA GLU D 27 8.33 -46.58 1.41
C GLU D 27 9.49 -45.60 1.75
N VAL D 28 10.02 -45.77 2.94
CA VAL D 28 11.10 -44.97 3.49
C VAL D 28 12.36 -45.87 3.48
N ALA D 29 13.32 -45.51 2.62
CA ALA D 29 14.57 -46.26 2.50
C ALA D 29 15.36 -46.22 3.79
N PRO D 30 16.21 -47.18 4.07
CA PRO D 30 17.05 -47.26 5.27
C PRO D 30 18.11 -46.14 5.11
N PRO D 31 18.60 -45.59 6.17
CA PRO D 31 19.57 -44.53 6.25
C PRO D 31 20.91 -44.83 5.61
N LYS D 32 21.46 -43.96 4.82
CA LYS D 32 22.77 -44.23 4.20
C LYS D 32 23.86 -43.67 5.12
N ALA D 33 25.10 -43.63 4.65
CA ALA D 33 26.16 -43.12 5.55
C ALA D 33 25.84 -41.72 6.09
N HIS D 34 26.07 -41.55 7.41
CA HIS D 34 25.78 -40.24 8.02
C HIS D 34 24.32 -39.79 7.98
N GLU D 35 23.37 -40.75 7.90
CA GLU D 35 21.96 -40.40 7.81
C GLU D 35 21.29 -41.05 9.02
N VAL D 36 20.20 -40.48 9.48
CA VAL D 36 19.50 -41.02 10.64
C VAL D 36 18.02 -41.19 10.30
N ARG D 37 17.47 -42.38 10.58
CA ARG D 37 16.08 -42.60 10.32
C ARG D 37 15.42 -42.43 11.70
N ILE D 38 14.39 -41.59 11.73
CA ILE D 38 13.62 -41.24 12.88
C ILE D 38 12.11 -41.67 12.85
N LYS D 39 11.59 -42.11 14.00
CA LYS D 39 10.19 -42.48 13.97
C LYS D 39 9.54 -41.21 14.54
N MET D 40 8.60 -40.56 13.85
CA MET D 40 8.05 -39.36 14.42
C MET D 40 7.11 -39.58 15.61
N VAL D 41 7.19 -38.66 16.62
CA VAL D 41 6.29 -38.83 17.78
C VAL D 41 5.32 -37.67 17.77
N ALA D 42 5.75 -36.45 17.36
CA ALA D 42 4.88 -35.27 17.33
C ALA D 42 5.39 -34.24 16.32
N THR D 43 4.47 -33.53 15.71
CA THR D 43 4.90 -32.53 14.73
C THR D 43 3.85 -31.42 14.74
N GLY D 44 4.37 -30.16 14.76
CA GLY D 44 3.41 -29.04 14.81
C GLY D 44 3.12 -28.51 13.44
N ILE D 45 2.00 -27.85 13.23
CA ILE D 45 1.71 -27.33 11.91
C ILE D 45 2.13 -25.85 11.93
N CYS D 46 3.20 -25.50 11.22
CA CYS D 46 3.68 -24.13 11.17
C CYS D 46 3.22 -23.51 9.87
N ARG D 47 3.00 -22.22 9.85
CA ARG D 47 2.57 -21.44 8.70
C ARG D 47 3.48 -21.71 7.48
N SER D 48 4.78 -22.02 7.73
CA SER D 48 5.66 -22.30 6.58
C SER D 48 5.21 -23.54 5.80
N ASP D 49 4.68 -24.54 6.50
CA ASP D 49 4.18 -25.76 5.86
C ASP D 49 2.96 -25.35 5.01
N ASP D 50 2.11 -24.41 5.48
CA ASP D 50 0.96 -23.96 4.70
C ASP D 50 1.45 -23.13 3.50
N HIS D 51 2.59 -22.47 3.61
CA HIS D 51 3.18 -21.69 2.53
C HIS D 51 3.53 -22.66 1.37
N VAL D 52 3.92 -23.89 1.67
CA VAL D 52 4.24 -24.82 0.61
C VAL D 52 2.94 -25.13 -0.15
N VAL D 53 1.86 -25.30 0.64
CA VAL D 53 0.58 -25.61 0.03
C VAL D 53 0.10 -24.44 -0.79
N SER D 54 0.15 -23.24 -0.24
CA SER D 54 -0.35 -22.09 -0.98
C SER D 54 0.58 -21.62 -2.07
N GLY D 55 1.84 -22.04 -2.14
CA GLY D 55 2.63 -21.50 -3.26
C GLY D 55 3.42 -20.27 -2.81
N THR D 56 3.26 -19.82 -1.59
CA THR D 56 3.99 -18.71 -1.02
C THR D 56 5.45 -19.17 -0.94
N LEU D 57 5.69 -20.41 -0.47
CA LEU D 57 7.06 -20.91 -0.34
C LEU D 57 7.28 -21.99 -1.44
N VAL D 58 8.17 -21.78 -2.38
CA VAL D 58 8.45 -22.69 -3.45
C VAL D 58 9.51 -23.76 -3.14
N THR D 59 9.07 -24.99 -3.40
CA THR D 59 9.93 -26.15 -3.16
C THR D 59 9.42 -27.21 -4.12
N PRO D 60 10.29 -28.07 -4.65
CA PRO D 60 9.87 -29.11 -5.60
C PRO D 60 8.77 -30.05 -5.11
N LEU D 61 7.74 -30.25 -5.93
CA LEU D 61 6.64 -31.17 -5.61
C LEU D 61 6.78 -32.44 -6.49
N PRO D 62 6.18 -33.53 -6.06
CA PRO D 62 5.40 -33.67 -4.84
C PRO D 62 6.30 -33.69 -3.65
N VAL D 63 5.84 -33.45 -2.43
CA VAL D 63 6.75 -33.45 -1.28
C VAL D 63 6.06 -33.86 0.00
N ILE D 64 6.90 -34.27 0.96
CA ILE D 64 6.42 -34.64 2.30
C ILE D 64 6.89 -33.41 3.08
N ALA D 65 5.99 -32.51 3.42
CA ALA D 65 6.38 -31.32 4.16
C ALA D 65 6.56 -31.66 5.62
N GLY D 66 6.55 -30.70 6.50
CA GLY D 66 6.71 -30.92 7.94
C GLY D 66 8.13 -30.53 8.37
N HIS D 67 8.30 -29.60 9.34
CA HIS D 67 9.71 -29.29 9.67
C HIS D 67 9.81 -29.04 11.18
N GLU D 68 8.68 -28.94 11.85
CA GLU D 68 8.64 -28.71 13.29
C GLU D 68 8.25 -30.05 13.99
N ALA D 69 9.22 -30.79 14.51
CA ALA D 69 8.88 -32.05 15.14
C ALA D 69 9.92 -32.57 16.13
N ALA D 70 9.56 -33.71 16.66
CA ALA D 70 10.36 -34.49 17.58
C ALA D 70 10.04 -35.99 17.40
N GLY D 71 11.09 -36.79 17.44
CA GLY D 71 10.90 -38.23 17.27
C GLY D 71 11.98 -39.00 18.05
N ILE D 72 11.98 -40.30 17.73
CA ILE D 72 12.95 -41.21 18.36
C ILE D 72 13.76 -41.86 17.22
N VAL D 73 15.08 -41.92 17.41
CA VAL D 73 15.86 -42.52 16.34
C VAL D 73 15.49 -44.01 16.24
N GLU D 74 15.19 -44.41 14.99
CA GLU D 74 14.89 -45.83 14.80
C GLU D 74 16.19 -46.52 14.42
N SER D 75 17.04 -45.87 13.62
CA SER D 75 18.33 -46.54 13.25
C SER D 75 19.29 -45.47 12.70
N ILE D 76 20.61 -45.71 12.53
CA ILE D 76 21.54 -44.71 12.02
C ILE D 76 22.39 -45.33 10.91
N GLY D 77 22.85 -44.57 9.94
CA GLY D 77 23.67 -45.14 8.84
C GLY D 77 25.12 -45.25 9.32
N GLU D 78 25.98 -45.80 8.46
CA GLU D 78 27.36 -45.95 8.89
C GLU D 78 27.96 -44.60 9.26
N GLY D 79 28.85 -44.53 10.24
CA GLY D 79 29.49 -43.23 10.52
C GLY D 79 28.75 -42.28 11.44
N VAL D 80 27.46 -42.40 11.69
CA VAL D 80 26.81 -41.42 12.57
C VAL D 80 27.44 -41.49 13.94
N THR D 81 27.76 -40.35 14.55
CA THR D 81 28.37 -40.43 15.86
C THR D 81 27.60 -39.58 16.84
N THR D 82 26.71 -38.70 16.37
CA THR D 82 26.01 -37.82 17.32
C THR D 82 24.70 -38.27 17.92
N VAL D 83 24.14 -39.38 17.39
CA VAL D 83 22.86 -39.87 17.96
C VAL D 83 22.84 -41.41 17.93
N ARG D 84 21.93 -41.92 18.77
CA ARG D 84 21.85 -43.38 18.73
C ARG D 84 20.37 -43.80 18.73
N PRO D 85 20.15 -45.03 18.29
CA PRO D 85 18.79 -45.60 18.24
C PRO D 85 18.18 -45.40 19.60
N GLY D 86 16.94 -44.96 19.74
CA GLY D 86 16.35 -44.81 21.07
C GLY D 86 16.50 -43.37 21.51
N ASP D 87 17.45 -42.63 20.93
CA ASP D 87 17.55 -41.23 21.40
C ASP D 87 16.35 -40.35 21.02
N LYS D 88 16.01 -39.37 21.84
CA LYS D 88 14.94 -38.45 21.49
C LYS D 88 15.67 -37.38 20.64
N VAL D 89 15.02 -37.01 19.48
CA VAL D 89 15.72 -36.03 18.63
C VAL D 89 14.73 -35.07 18.00
N ILE D 90 15.35 -33.96 17.55
CA ILE D 90 14.55 -32.91 16.94
C ILE D 90 15.31 -32.66 15.63
N PRO D 91 14.60 -32.88 14.53
CA PRO D 91 15.13 -32.67 13.19
C PRO D 91 15.38 -31.15 13.12
N LEU D 92 16.40 -30.74 12.38
CA LEU D 92 16.78 -29.34 12.21
C LEU D 92 16.66 -28.86 10.77
N PHE D 93 15.62 -28.00 10.54
CA PHE D 93 15.36 -27.49 9.17
C PHE D 93 16.51 -26.67 8.60
N THR D 94 17.33 -26.08 9.45
CA THR D 94 18.49 -25.29 9.13
C THR D 94 19.56 -26.19 9.75
N PRO D 95 20.40 -26.76 8.93
CA PRO D 95 21.46 -27.60 9.39
C PRO D 95 22.55 -26.82 10.13
N GLN D 96 23.46 -27.65 10.68
CA GLN D 96 24.63 -27.10 11.35
C GLN D 96 25.81 -28.01 10.98
N CYS D 97 26.35 -27.86 9.75
CA CYS D 97 27.47 -28.72 9.37
C CYS D 97 28.70 -28.51 10.24
N GLY D 98 28.90 -27.31 10.82
CA GLY D 98 30.02 -27.05 11.70
C GLY D 98 31.37 -26.87 10.99
N LYS D 99 31.42 -26.90 9.66
CA LYS D 99 32.67 -26.71 8.97
C LYS D 99 32.60 -25.57 7.96
N CYS D 100 31.39 -25.02 7.66
CA CYS D 100 31.48 -23.93 6.64
C CYS D 100 31.78 -22.58 7.31
N ARG D 101 32.02 -21.59 6.42
CA ARG D 101 32.27 -20.24 6.88
C ARG D 101 31.18 -19.70 7.83
N VAL D 102 29.90 -20.00 7.52
CA VAL D 102 28.87 -19.47 8.41
C VAL D 102 28.87 -20.22 9.73
N CYS D 103 29.02 -21.60 9.54
CA CYS D 103 28.96 -22.34 10.84
C CYS D 103 30.14 -21.91 11.74
N LYS D 104 31.29 -21.61 11.14
CA LYS D 104 32.43 -21.15 11.91
C LYS D 104 32.31 -19.71 12.44
N HIS D 105 31.46 -18.85 11.86
CA HIS D 105 31.26 -17.48 12.26
C HIS D 105 30.46 -17.39 13.54
N PRO D 106 30.87 -16.57 14.45
CA PRO D 106 30.26 -16.37 15.74
C PRO D 106 28.80 -15.95 15.66
N GLU D 107 28.45 -15.18 14.65
CA GLU D 107 27.03 -14.79 14.63
C GLU D 107 26.27 -15.54 13.54
N GLY D 108 26.92 -16.29 12.62
CA GLY D 108 26.08 -16.93 11.60
C GLY D 108 25.35 -18.22 11.99
N ASN D 109 24.19 -18.49 11.33
CA ASN D 109 23.49 -19.74 11.65
C ASN D 109 22.96 -20.38 10.40
N PHE D 110 22.89 -19.62 9.31
CA PHE D 110 22.35 -20.09 8.03
C PHE D 110 23.41 -20.91 7.37
N CYS D 111 23.61 -22.09 7.91
CA CYS D 111 24.64 -23.03 7.38
C CYS D 111 24.63 -23.12 5.88
N LEU D 112 25.73 -23.18 5.16
CA LEU D 112 25.75 -23.25 3.71
C LEU D 112 25.21 -24.54 3.18
N LYS D 113 24.92 -25.55 3.97
CA LYS D 113 24.41 -26.81 3.44
C LYS D 113 22.89 -26.87 3.46
N ASN D 114 22.22 -25.77 3.79
CA ASN D 114 20.78 -25.65 3.85
C ASN D 114 20.17 -25.97 2.49
N ASP D 115 18.87 -26.29 2.59
CA ASP D 115 18.08 -26.59 1.39
C ASP D 115 17.02 -25.48 1.22
N LEU D 116 17.27 -24.31 1.81
CA LEU D 116 16.37 -23.19 1.72
C LEU D 116 16.62 -22.22 0.55
N SER D 117 17.82 -21.73 0.30
CA SER D 117 18.14 -20.83 -0.74
C SER D 117 17.81 -21.34 -2.13
N MET D 118 18.19 -22.54 -2.51
CA MET D 118 17.92 -23.08 -3.86
C MET D 118 17.47 -24.49 -3.55
N PRO D 119 16.22 -24.59 -3.17
CA PRO D 119 15.61 -25.88 -2.79
C PRO D 119 15.76 -26.97 -3.81
N ARG D 120 16.27 -28.09 -3.37
CA ARG D 120 16.45 -29.27 -4.22
C ARG D 120 15.37 -30.31 -3.76
N GLY D 121 15.04 -30.23 -2.49
CA GLY D 121 14.08 -31.12 -1.91
C GLY D 121 14.62 -32.55 -1.86
N THR D 122 15.90 -32.71 -1.51
CA THR D 122 16.50 -34.03 -1.42
C THR D 122 17.40 -34.14 -0.19
N MET D 123 18.10 -35.26 -0.09
CA MET D 123 19.02 -35.47 1.03
C MET D 123 20.29 -34.69 0.63
N GLN D 124 21.26 -34.71 1.58
CA GLN D 124 22.51 -34.00 1.21
C GLN D 124 23.11 -34.61 -0.08
N ASP D 125 23.01 -35.90 -0.32
CA ASP D 125 23.55 -36.52 -1.50
C ASP D 125 22.77 -36.24 -2.74
N GLY D 126 21.73 -35.38 -2.83
CA GLY D 126 21.05 -35.22 -4.12
C GLY D 126 19.94 -36.22 -4.43
N THR D 127 19.67 -37.21 -3.59
CA THR D 127 18.64 -38.22 -3.79
C THR D 127 17.61 -38.17 -2.64
N SER D 128 16.52 -38.92 -2.88
CA SER D 128 15.39 -39.03 -1.95
C SER D 128 15.26 -40.40 -1.30
N ARG D 129 14.82 -40.46 -0.06
CA ARG D 129 14.66 -41.74 0.60
C ARG D 129 13.16 -42.07 0.59
N PHE D 130 12.34 -41.32 -0.18
CA PHE D 130 10.91 -41.56 -0.15
C PHE D 130 10.35 -41.97 -1.53
N THR D 131 9.47 -42.96 -1.46
CA THR D 131 8.85 -43.47 -2.66
C THR D 131 7.34 -43.59 -2.45
N CYS D 132 6.59 -43.16 -3.43
CA CYS D 132 5.12 -43.27 -3.21
C CYS D 132 4.48 -43.65 -4.54
N ARG D 133 3.65 -44.68 -4.53
CA ARG D 133 3.00 -45.09 -5.81
C ARG D 133 4.13 -45.36 -6.84
N GLY D 134 5.31 -45.86 -6.50
CA GLY D 134 6.44 -46.09 -7.40
C GLY D 134 7.22 -44.82 -7.74
N LYS D 135 6.79 -43.63 -7.30
CA LYS D 135 7.51 -42.37 -7.62
C LYS D 135 8.23 -41.78 -6.45
N PRO D 136 9.36 -41.19 -6.77
CA PRO D 136 10.23 -40.56 -5.77
C PRO D 136 9.48 -39.29 -5.36
N ILE D 137 9.49 -39.10 -4.04
CA ILE D 137 8.85 -37.94 -3.44
C ILE D 137 9.96 -37.03 -2.84
N HIS D 138 9.88 -35.73 -3.05
CA HIS D 138 10.84 -34.83 -2.50
C HIS D 138 10.80 -34.69 -0.97
N HIS D 139 11.99 -34.30 -0.46
CA HIS D 139 12.14 -34.05 0.97
C HIS D 139 11.85 -32.53 1.09
N PHE D 140 11.72 -32.03 2.30
CA PHE D 140 11.45 -30.60 2.56
C PHE D 140 12.40 -30.10 3.64
N LEU D 141 13.29 -29.20 3.24
CA LEU D 141 14.31 -28.62 4.13
C LEU D 141 15.09 -29.71 4.83
N GLY D 142 15.40 -30.87 4.23
CA GLY D 142 16.09 -31.95 4.87
C GLY D 142 15.38 -32.49 6.11
N THR D 143 14.06 -32.37 6.32
CA THR D 143 13.36 -32.82 7.48
C THR D 143 12.18 -33.72 7.12
N SER D 144 11.19 -33.18 6.40
CA SER D 144 10.01 -33.98 6.05
C SER D 144 9.47 -34.73 7.25
N THR D 145 8.83 -34.07 8.18
CA THR D 145 8.30 -34.70 9.36
C THR D 145 6.85 -35.07 9.30
N PHE D 146 6.15 -34.84 8.20
CA PHE D 146 4.74 -35.23 8.06
C PHE D 146 4.68 -36.68 7.51
N SER D 147 5.32 -37.61 8.18
CA SER D 147 5.45 -39.01 7.92
C SER D 147 5.75 -39.73 9.23
N GLN D 148 5.31 -40.98 9.33
CA GLN D 148 5.54 -41.79 10.54
C GLN D 148 7.05 -42.00 10.67
N TYR D 149 7.77 -42.09 9.57
CA TYR D 149 9.21 -42.26 9.68
C TYR D 149 9.93 -41.34 8.68
N THR D 150 11.05 -40.75 9.07
CA THR D 150 11.71 -39.89 8.10
C THR D 150 13.19 -40.15 8.07
N VAL D 151 13.87 -39.70 7.06
CA VAL D 151 15.33 -39.93 6.97
C VAL D 151 16.01 -38.54 6.85
N VAL D 152 16.89 -38.22 7.82
CA VAL D 152 17.58 -36.92 7.79
C VAL D 152 19.10 -37.00 7.81
N ASP D 153 19.80 -36.00 7.26
CA ASP D 153 21.27 -35.96 7.26
C ASP D 153 21.70 -35.81 8.72
N GLU D 154 22.91 -36.32 9.09
CA GLU D 154 23.34 -36.18 10.53
C GLU D 154 23.40 -34.72 10.94
N ILE D 155 23.88 -33.88 9.97
CA ILE D 155 23.93 -32.45 10.35
C ILE D 155 22.54 -31.85 10.50
N SER D 156 21.44 -32.55 10.18
CA SER D 156 20.11 -31.99 10.31
C SER D 156 19.36 -32.58 11.50
N VAL D 157 20.12 -33.12 12.47
CA VAL D 157 19.43 -33.67 13.63
C VAL D 157 20.21 -33.41 14.91
N ALA D 158 19.45 -33.19 16.01
CA ALA D 158 20.03 -32.93 17.28
C ALA D 158 19.45 -33.86 18.38
N LYS D 159 20.39 -34.44 19.15
CA LYS D 159 19.97 -35.29 20.25
C LYS D 159 19.41 -34.48 21.38
N ILE D 160 18.25 -34.78 21.96
CA ILE D 160 17.78 -33.97 23.09
C ILE D 160 17.63 -34.92 24.30
N ASP D 161 17.33 -34.29 25.43
CA ASP D 161 17.13 -34.88 26.76
C ASP D 161 16.13 -36.03 26.71
N ALA D 162 16.55 -37.20 27.23
CA ALA D 162 15.71 -38.40 27.20
C ALA D 162 14.43 -38.24 27.93
N ALA D 163 14.26 -37.31 28.86
CA ALA D 163 12.93 -37.24 29.53
C ALA D 163 12.08 -36.08 29.01
N SER D 164 12.52 -35.46 27.89
CA SER D 164 11.64 -34.33 27.46
C SER D 164 10.36 -34.83 26.82
N PRO D 165 9.29 -34.15 27.08
CA PRO D 165 7.97 -34.42 26.51
C PRO D 165 7.94 -34.00 25.03
N LEU D 166 8.10 -35.03 24.14
CA LEU D 166 8.12 -34.81 22.70
C LEU D 166 6.91 -34.06 22.18
N GLU D 167 5.73 -34.20 22.78
CA GLU D 167 4.58 -33.49 22.25
C GLU D 167 4.57 -31.99 22.54
N LYS D 168 5.56 -31.55 23.30
CA LYS D 168 5.67 -30.13 23.63
C LYS D 168 6.99 -29.65 23.01
N VAL D 169 8.12 -30.32 23.26
CA VAL D 169 9.35 -29.81 22.66
C VAL D 169 9.58 -29.81 21.16
N CYS D 170 8.63 -30.26 20.34
CA CYS D 170 8.66 -30.25 18.89
C CYS D 170 8.61 -28.76 18.51
N LEU D 171 7.91 -27.90 19.25
CA LEU D 171 7.84 -26.49 18.96
C LEU D 171 9.24 -25.88 18.97
N ILE D 172 10.23 -26.43 19.66
CA ILE D 172 11.59 -25.91 19.67
C ILE D 172 12.26 -26.17 18.35
N GLY D 173 11.67 -27.02 17.54
CA GLY D 173 12.15 -27.37 16.21
C GLY D 173 11.93 -26.24 15.20
N CYS D 174 11.04 -25.29 15.49
CA CYS D 174 10.74 -24.16 14.65
C CYS D 174 10.18 -22.92 15.40
N GLY D 175 8.85 -22.90 15.51
CA GLY D 175 8.05 -21.88 16.09
C GLY D 175 8.64 -21.09 17.22
N PHE D 176 8.75 -21.72 18.36
CA PHE D 176 9.24 -21.15 19.58
C PHE D 176 10.65 -20.56 19.40
N SER D 177 11.58 -21.41 18.93
CA SER D 177 12.91 -20.93 18.81
C SER D 177 13.00 -19.73 17.89
N THR D 178 12.35 -19.81 16.73
CA THR D 178 12.39 -18.71 15.77
C THR D 178 11.99 -17.45 16.46
N GLY D 179 10.80 -17.44 17.03
CA GLY D 179 10.21 -16.33 17.76
C GLY D 179 11.09 -15.71 18.86
N TYR D 180 11.47 -16.58 19.79
CA TYR D 180 12.27 -16.26 20.96
C TYR D 180 13.65 -15.75 20.57
N GLY D 181 14.33 -16.49 19.68
CA GLY D 181 15.67 -16.02 19.27
C GLY D 181 15.62 -14.66 18.53
N SER D 182 14.61 -14.39 17.74
CA SER D 182 14.46 -13.19 16.98
C SER D 182 14.53 -12.02 17.97
N ALA D 183 13.83 -12.10 19.08
CA ALA D 183 13.78 -11.05 20.07
C ALA D 183 15.07 -10.99 20.86
N VAL D 184 15.43 -12.11 21.42
CA VAL D 184 16.59 -12.21 22.29
C VAL D 184 17.95 -12.33 21.68
N LYS D 185 18.06 -12.86 20.48
CA LYS D 185 19.38 -12.98 19.84
C LYS D 185 19.57 -12.08 18.63
N VAL D 186 18.53 -11.91 17.81
CA VAL D 186 18.77 -11.07 16.63
C VAL D 186 18.57 -9.60 16.97
N ALA D 187 17.43 -9.25 17.52
CA ALA D 187 17.10 -7.90 17.89
C ALA D 187 17.93 -7.49 19.09
N LYS D 188 18.13 -8.41 20.04
CA LYS D 188 18.84 -8.16 21.27
C LYS D 188 18.02 -7.11 22.03
N VAL D 189 16.73 -7.39 22.24
CA VAL D 189 15.80 -6.53 22.95
C VAL D 189 16.44 -6.07 24.26
N THR D 190 16.23 -4.78 24.63
CA THR D 190 16.93 -4.38 25.87
C THR D 190 15.94 -4.10 26.99
N GLN D 191 16.46 -4.11 28.20
CA GLN D 191 15.64 -3.86 29.40
C GLN D 191 14.98 -2.49 29.34
N GLY D 192 13.70 -2.38 29.62
CA GLY D 192 12.94 -1.13 29.61
C GLY D 192 12.45 -0.62 28.26
N SER D 193 12.84 -1.34 27.17
CA SER D 193 12.44 -0.92 25.84
C SER D 193 10.98 -1.09 25.51
N THR D 194 10.58 -0.53 24.38
CA THR D 194 9.22 -0.66 23.85
C THR D 194 9.29 -1.51 22.55
N CYS D 195 8.53 -2.60 22.46
CA CYS D 195 8.53 -3.49 21.30
C CYS D 195 7.22 -3.51 20.54
N ALA D 196 7.33 -3.78 19.25
CA ALA D 196 6.08 -3.85 18.44
C ALA D 196 6.25 -5.19 17.68
N VAL D 197 5.27 -6.07 17.89
CA VAL D 197 5.22 -7.41 17.27
C VAL D 197 3.98 -7.49 16.37
N PHE D 198 4.26 -7.59 15.08
CA PHE D 198 3.25 -7.67 14.02
C PHE D 198 3.05 -9.17 13.69
N GLY D 199 1.84 -9.66 14.00
CA GLY D 199 1.49 -11.07 13.77
C GLY D 199 1.54 -11.78 15.13
N LEU D 200 0.39 -12.27 15.58
CA LEU D 200 0.25 -12.90 16.86
C LEU D 200 -0.03 -14.38 16.77
N GLY D 201 0.54 -15.14 15.83
CA GLY D 201 0.35 -16.57 15.71
C GLY D 201 1.46 -17.09 16.65
N GLY D 202 1.76 -18.36 16.45
CA GLY D 202 2.75 -19.03 17.23
C GLY D 202 4.12 -18.44 17.28
N VAL D 203 4.62 -17.91 16.12
CA VAL D 203 6.00 -17.34 16.23
C VAL D 203 5.94 -15.96 16.90
N GLY D 204 4.92 -15.15 16.55
CA GLY D 204 4.72 -13.81 17.16
C GLY D 204 4.61 -13.93 18.70
N LEU D 205 3.79 -14.85 19.22
CA LEU D 205 3.63 -15.10 20.67
C LEU D 205 5.02 -15.48 21.22
N SER D 206 5.79 -16.27 20.49
CA SER D 206 7.11 -16.59 21.01
C SER D 206 7.98 -15.35 20.94
N VAL D 207 7.70 -14.44 19.98
CA VAL D 207 8.53 -13.24 19.89
C VAL D 207 8.21 -12.47 21.19
N ILE D 208 6.91 -12.40 21.48
CA ILE D 208 6.48 -11.72 22.69
C ILE D 208 7.13 -12.34 23.88
N MET D 209 7.22 -13.67 23.93
CA MET D 209 7.88 -14.27 25.08
C MET D 209 9.31 -13.78 25.18
N GLY D 210 10.06 -13.72 24.09
CA GLY D 210 11.45 -13.28 24.20
C GLY D 210 11.58 -11.82 24.68
N CYS D 211 10.70 -10.96 24.23
CA CYS D 211 10.74 -9.56 24.58
C CYS D 211 10.54 -9.42 26.10
N LYS D 212 9.52 -10.16 26.58
CA LYS D 212 9.21 -10.19 28.02
C LYS D 212 10.43 -10.77 28.73
N ALA D 213 11.06 -11.83 28.31
CA ALA D 213 12.21 -12.35 28.96
C ALA D 213 13.34 -11.36 28.90
N ALA D 214 13.49 -10.52 27.92
CA ALA D 214 14.57 -9.54 27.82
C ALA D 214 14.36 -8.27 28.70
N GLY D 215 13.19 -8.13 29.31
CA GLY D 215 12.93 -6.98 30.16
C GLY D 215 12.18 -5.88 29.46
N ALA D 216 11.62 -6.11 28.26
CA ALA D 216 10.95 -5.00 27.62
C ALA D 216 9.87 -4.47 28.59
N ALA D 217 9.63 -3.19 28.59
CA ALA D 217 8.67 -2.55 29.42
C ALA D 217 7.34 -2.45 28.69
N ARG D 218 7.38 -2.33 27.36
CA ARG D 218 6.07 -2.24 26.66
C ARG D 218 6.15 -3.23 25.50
N ILE D 219 5.12 -4.03 25.22
CA ILE D 219 5.11 -4.98 24.14
C ILE D 219 3.75 -4.84 23.44
N ILE D 220 3.76 -4.12 22.33
CA ILE D 220 2.54 -3.89 21.59
C ILE D 220 2.26 -4.96 20.55
N GLY D 221 1.22 -5.79 20.70
CA GLY D 221 0.90 -6.83 19.77
C GLY D 221 0.10 -6.22 18.65
N VAL D 222 0.35 -6.57 17.39
CA VAL D 222 -0.48 -5.97 16.33
C VAL D 222 -1.09 -7.14 15.52
N ASP D 223 -2.40 -7.12 15.25
CA ASP D 223 -2.97 -8.18 14.47
C ASP D 223 -4.28 -7.77 13.88
N ILE D 224 -4.75 -8.22 12.74
CA ILE D 224 -6.02 -7.79 12.24
C ILE D 224 -7.14 -8.74 12.78
N ASN D 225 -6.79 -9.74 13.56
CA ASN D 225 -7.67 -10.70 14.16
C ASN D 225 -7.58 -10.52 15.70
N LYS D 226 -8.61 -9.78 16.12
CA LYS D 226 -8.79 -9.45 17.55
C LYS D 226 -8.82 -10.67 18.43
N ASP D 227 -9.22 -11.86 17.96
CA ASP D 227 -9.22 -13.07 18.79
C ASP D 227 -7.85 -13.52 19.21
N LYS D 228 -6.78 -12.93 18.68
CA LYS D 228 -5.43 -13.32 19.05
C LYS D 228 -4.95 -12.49 20.24
N PHE D 229 -5.72 -11.40 20.50
CA PHE D 229 -5.27 -10.47 21.57
C PHE D 229 -5.11 -11.03 22.98
N ALA D 230 -6.12 -11.83 23.35
CA ALA D 230 -6.15 -12.44 24.66
C ALA D 230 -4.92 -13.22 25.03
N LYS D 231 -4.58 -14.21 24.23
CA LYS D 231 -3.38 -15.06 24.43
C LYS D 231 -2.15 -14.18 24.29
N ALA D 232 -2.17 -13.16 23.39
CA ALA D 232 -0.94 -12.30 23.32
C ALA D 232 -0.67 -11.59 24.67
N LYS D 233 -1.84 -11.09 25.22
CA LYS D 233 -1.72 -10.44 26.54
C LYS D 233 -1.19 -11.48 27.54
N GLU D 234 -1.76 -12.71 27.47
CA GLU D 234 -1.25 -13.71 28.44
C GLU D 234 0.24 -13.96 28.39
N VAL D 235 0.88 -14.01 27.22
CA VAL D 235 2.35 -14.28 27.32
C VAL D 235 3.15 -12.97 27.45
N GLY D 236 2.50 -11.79 27.62
CA GLY D 236 3.44 -10.63 27.76
C GLY D 236 3.01 -9.34 27.10
N ALA D 237 2.22 -9.34 26.05
CA ALA D 237 1.76 -8.13 25.42
C ALA D 237 1.09 -7.17 26.46
N THR D 238 1.58 -5.90 26.53
CA THR D 238 0.97 -4.99 27.50
C THR D 238 -0.13 -4.28 26.80
N GLU D 239 -0.24 -4.30 25.48
CA GLU D 239 -1.30 -3.64 24.73
C GLU D 239 -1.42 -4.35 23.36
N CYS D 240 -2.63 -4.28 22.79
CA CYS D 240 -2.76 -4.93 21.49
C CYS D 240 -3.54 -3.94 20.62
N VAL D 241 -3.15 -3.76 19.36
CA VAL D 241 -3.89 -2.86 18.49
C VAL D 241 -4.26 -3.59 17.22
N ASN D 242 -5.38 -3.31 16.62
CA ASN D 242 -5.88 -3.88 15.42
C ASN D 242 -5.99 -2.72 14.43
N PRO D 243 -5.14 -2.79 13.43
CA PRO D 243 -5.05 -1.80 12.37
C PRO D 243 -6.39 -1.45 11.73
N GLN D 244 -7.32 -2.40 11.70
CA GLN D 244 -8.64 -2.18 11.09
C GLN D 244 -9.53 -1.21 11.89
N ASP D 245 -9.15 -1.01 13.17
CA ASP D 245 -9.86 -0.12 14.06
C ASP D 245 -9.51 1.37 13.91
N TYR D 246 -8.40 1.68 13.24
CA TYR D 246 -7.92 3.02 13.06
C TYR D 246 -8.09 3.62 11.68
N LYS D 247 -8.22 4.97 11.71
CA LYS D 247 -8.41 5.55 10.37
C LYS D 247 -7.06 5.91 9.75
N LYS D 248 -6.02 5.95 10.57
CA LYS D 248 -4.67 6.30 10.04
C LYS D 248 -3.81 5.05 10.01
N PRO D 249 -2.81 4.99 9.15
CA PRO D 249 -1.85 3.89 8.96
C PRO D 249 -1.33 3.49 10.31
N ILE D 250 -1.22 2.20 10.55
CA ILE D 250 -0.77 1.68 11.83
C ILE D 250 0.59 2.19 12.23
N GLN D 251 1.50 2.51 11.32
CA GLN D 251 2.82 3.01 11.73
C GLN D 251 2.66 4.37 12.42
N GLU D 252 1.74 5.22 12.00
CA GLU D 252 1.55 6.50 12.68
C GLU D 252 1.02 6.24 14.11
N VAL D 253 0.02 5.38 14.22
CA VAL D 253 -0.57 5.03 15.48
C VAL D 253 0.54 4.54 16.39
N LEU D 254 1.36 3.58 15.96
CA LEU D 254 2.42 3.09 16.85
C LEU D 254 3.46 4.14 17.16
N THR D 255 3.76 5.02 16.22
CA THR D 255 4.79 6.07 16.43
C THR D 255 4.25 6.98 17.56
N GLU D 256 2.96 7.38 17.40
CA GLU D 256 2.36 8.21 18.45
C GLU D 256 2.28 7.45 19.79
N MET D 257 1.83 6.20 19.80
CA MET D 257 1.77 5.42 21.00
C MET D 257 3.11 5.31 21.70
N SER D 258 4.21 5.21 20.97
CA SER D 258 5.57 5.04 21.53
C SER D 258 6.26 6.43 21.61
N ASN D 259 5.47 7.48 21.37
CA ASN D 259 6.06 8.82 21.50
C ASN D 259 7.34 9.07 20.66
N GLY D 260 7.19 8.77 19.36
CA GLY D 260 8.28 8.91 18.42
C GLY D 260 8.82 7.65 17.77
N GLY D 261 8.28 6.44 18.01
CA GLY D 261 8.81 5.23 17.37
C GLY D 261 9.25 4.20 18.43
N VAL D 262 9.00 2.89 18.18
CA VAL D 262 9.43 1.88 19.13
C VAL D 262 10.94 1.59 19.05
N ASP D 263 11.54 0.90 20.02
CA ASP D 263 12.91 0.58 19.98
C ASP D 263 13.18 -0.63 19.10
N PHE D 264 12.21 -1.57 19.14
CA PHE D 264 12.26 -2.86 18.42
C PHE D 264 10.94 -3.25 17.81
N SER D 265 10.83 -3.57 16.54
CA SER D 265 9.62 -3.96 15.86
C SER D 265 10.07 -5.29 15.21
N PHE D 266 9.10 -6.15 14.99
CA PHE D 266 9.19 -7.48 14.42
C PHE D 266 8.09 -7.78 13.42
N GLU D 267 8.47 -8.26 12.20
CA GLU D 267 7.39 -8.58 11.25
C GLU D 267 7.38 -10.15 11.33
N VAL D 268 6.26 -10.71 11.79
CA VAL D 268 6.03 -12.11 11.97
C VAL D 268 4.73 -12.56 11.31
N ILE D 269 4.55 -12.02 10.09
CA ILE D 269 3.36 -12.32 9.29
C ILE D 269 3.75 -12.90 7.92
N GLY D 270 4.47 -12.12 7.12
CA GLY D 270 4.88 -12.57 5.79
C GLY D 270 4.25 -11.75 4.69
N ARG D 271 4.21 -10.44 4.91
CA ARG D 271 3.66 -9.49 3.95
C ARG D 271 4.67 -8.42 3.63
N LEU D 272 4.77 -8.05 2.37
CA LEU D 272 5.77 -7.00 2.02
C LEU D 272 5.43 -5.71 2.73
N ASP D 273 4.17 -5.33 2.67
CA ASP D 273 3.68 -4.07 3.27
C ASP D 273 3.90 -3.99 4.76
N THR D 274 3.65 -5.01 5.55
CA THR D 274 3.87 -4.95 6.99
C THR D 274 5.36 -4.93 7.34
N MET D 275 6.26 -5.43 6.46
CA MET D 275 7.68 -5.43 6.64
C MET D 275 8.06 -3.91 6.60
N VAL D 276 7.60 -3.23 5.54
CA VAL D 276 7.87 -1.82 5.43
C VAL D 276 7.24 -1.08 6.62
N THR D 277 6.03 -1.31 7.02
CA THR D 277 5.37 -0.69 8.10
C THR D 277 6.14 -0.94 9.40
N ALA D 278 6.52 -2.17 9.69
CA ALA D 278 7.25 -2.48 10.92
C ALA D 278 8.57 -1.73 10.94
N LEU D 279 9.19 -1.45 9.80
CA LEU D 279 10.48 -0.70 9.87
C LEU D 279 10.19 0.77 10.22
N SER D 280 9.14 1.34 9.59
CA SER D 280 8.79 2.75 9.79
C SER D 280 8.40 3.13 11.22
N CYS D 281 7.70 2.17 11.84
CA CYS D 281 7.23 2.31 13.21
C CYS D 281 8.37 2.25 14.20
N CYS D 282 9.56 1.77 13.87
CA CYS D 282 10.67 1.75 14.83
C CYS D 282 11.33 3.14 14.79
N GLN D 283 11.90 3.64 15.89
CA GLN D 283 12.51 4.94 16.02
C GLN D 283 13.53 5.24 14.91
N GLU D 284 13.30 6.35 14.19
CA GLU D 284 14.14 6.71 13.07
C GLU D 284 15.65 6.78 13.28
N ALA D 285 16.19 7.15 14.43
CA ALA D 285 17.58 7.25 14.70
C ALA D 285 18.26 6.04 15.29
N TYR D 286 17.55 5.29 16.10
CA TYR D 286 18.15 4.10 16.72
C TYR D 286 17.25 2.87 16.75
N GLY D 287 16.08 2.91 16.11
CA GLY D 287 15.19 1.73 16.11
C GLY D 287 15.82 0.58 15.32
N VAL D 288 15.36 -0.62 15.61
CA VAL D 288 15.79 -1.87 15.03
C VAL D 288 14.55 -2.66 14.63
N SER D 289 14.48 -3.15 13.40
CA SER D 289 13.29 -3.90 12.98
C SER D 289 13.86 -5.19 12.40
N VAL D 290 13.26 -6.32 12.79
CA VAL D 290 13.57 -7.66 12.41
C VAL D 290 12.45 -8.33 11.62
N ILE D 291 12.82 -8.79 10.42
CA ILE D 291 11.83 -9.45 9.56
C ILE D 291 11.90 -10.93 9.92
N VAL D 292 10.81 -11.56 10.22
CA VAL D 292 10.71 -12.94 10.57
C VAL D 292 9.82 -13.70 9.58
N GLY D 293 8.75 -13.08 9.10
CA GLY D 293 7.75 -13.53 8.17
C GLY D 293 8.37 -13.77 6.78
N VAL D 294 7.81 -14.82 6.16
CA VAL D 294 8.27 -15.20 4.82
C VAL D 294 7.20 -14.66 3.87
N PRO D 295 7.58 -13.88 2.91
CA PRO D 295 6.71 -13.27 1.93
C PRO D 295 6.62 -14.18 0.75
N PRO D 296 5.75 -13.88 -0.13
CA PRO D 296 5.50 -14.65 -1.36
C PRO D 296 6.76 -14.68 -2.20
N ASP D 297 7.09 -15.84 -2.70
CA ASP D 297 8.26 -16.08 -3.52
C ASP D 297 8.52 -15.07 -4.64
N SER D 298 9.79 -14.67 -4.71
CA SER D 298 10.21 -13.76 -5.75
C SER D 298 9.57 -12.39 -5.70
N GLN D 299 8.93 -11.87 -4.69
CA GLN D 299 8.37 -10.54 -4.80
C GLN D 299 9.24 -9.51 -4.08
N ASN D 300 9.37 -8.36 -4.69
CA ASN D 300 10.15 -7.28 -4.15
C ASN D 300 9.24 -6.28 -3.44
N LEU D 301 9.79 -5.73 -2.38
CA LEU D 301 9.10 -4.72 -1.62
C LEU D 301 9.73 -3.43 -2.14
N SER D 302 9.04 -2.34 -1.88
CA SER D 302 9.43 -0.99 -2.28
C SER D 302 9.56 -0.14 -1.02
N MET D 303 10.69 0.52 -0.81
CA MET D 303 10.90 1.32 0.37
C MET D 303 11.82 2.50 0.11
N ASN D 304 11.69 3.51 0.91
CA ASN D 304 12.48 4.70 0.84
C ASN D 304 13.69 4.53 1.79
N PRO D 305 14.90 4.56 1.21
CA PRO D 305 16.12 4.44 1.90
C PRO D 305 16.38 5.50 2.96
N MET D 306 15.72 6.61 3.07
CA MET D 306 15.87 7.60 4.11
C MET D 306 15.42 6.94 5.39
N LEU D 307 14.55 5.88 5.35
CA LEU D 307 14.14 5.24 6.54
C LEU D 307 15.36 4.66 7.29
N LEU D 308 16.39 4.27 6.48
CA LEU D 308 17.60 3.68 6.99
C LEU D 308 18.65 4.76 7.23
N LEU D 309 18.81 5.77 6.38
CA LEU D 309 19.81 6.78 6.50
C LEU D 309 19.72 7.55 7.81
N SER D 310 18.57 7.72 8.45
CA SER D 310 18.39 8.44 9.72
C SER D 310 19.05 7.66 10.87
N GLY D 311 19.31 6.36 10.71
CA GLY D 311 19.92 5.48 11.61
C GLY D 311 19.18 4.18 11.82
N ARG D 312 18.01 3.92 11.27
CA ARG D 312 17.36 2.65 11.56
C ARG D 312 18.24 1.44 11.17
N THR D 313 17.98 0.30 11.81
CA THR D 313 18.69 -0.92 11.54
C THR D 313 17.63 -1.92 11.04
N TRP D 314 17.87 -2.57 9.92
CA TRP D 314 16.86 -3.51 9.40
C TRP D 314 17.50 -4.88 9.28
N LYS D 315 16.87 -5.93 9.86
CA LYS D 315 17.52 -7.25 9.72
C LYS D 315 16.51 -8.38 9.69
N GLY D 316 17.02 -9.58 9.35
CA GLY D 316 16.13 -10.72 9.30
C GLY D 316 16.98 -11.87 9.81
N ALA D 317 16.36 -13.06 9.96
CA ALA D 317 17.02 -14.27 10.38
C ALA D 317 16.14 -15.51 10.20
N ILE D 318 16.90 -16.62 10.05
CA ILE D 318 16.25 -17.89 9.95
C ILE D 318 16.29 -18.58 11.32
N PHE D 319 15.26 -19.18 11.81
CA PHE D 319 15.22 -19.88 13.07
C PHE D 319 15.79 -19.10 14.25
N GLY D 320 15.33 -17.85 14.45
CA GLY D 320 15.73 -16.92 15.46
C GLY D 320 17.23 -16.72 15.56
N GLY D 321 18.09 -16.91 14.58
CA GLY D 321 19.50 -16.72 14.62
C GLY D 321 20.31 -17.79 15.31
N PHE D 322 19.58 -18.76 15.86
CA PHE D 322 20.27 -19.87 16.54
C PHE D 322 21.05 -20.89 15.77
N LYS D 323 22.26 -21.22 16.21
CA LYS D 323 23.06 -22.27 15.55
C LYS D 323 22.24 -23.52 16.06
N SER D 324 21.60 -24.22 15.08
CA SER D 324 20.71 -25.33 15.35
C SER D 324 21.14 -26.50 16.22
N LYS D 325 22.20 -27.22 15.81
CA LYS D 325 22.64 -28.35 16.59
C LYS D 325 23.03 -27.98 18.02
N ASP D 326 23.71 -26.84 18.23
CA ASP D 326 24.11 -26.47 19.55
C ASP D 326 22.93 -25.86 20.31
N SER D 327 21.98 -25.07 19.77
CA SER D 327 20.96 -24.56 20.68
C SER D 327 19.72 -25.35 20.96
N VAL D 328 19.44 -26.25 20.02
CA VAL D 328 18.23 -27.09 20.21
C VAL D 328 18.31 -27.85 21.52
N PRO D 329 19.33 -28.60 21.76
CA PRO D 329 19.50 -29.33 23.00
C PRO D 329 19.45 -28.42 24.24
N LYS D 330 20.05 -27.18 24.16
CA LYS D 330 20.06 -26.31 25.30
C LYS D 330 18.68 -25.77 25.54
N LEU D 331 17.99 -25.48 24.40
CA LEU D 331 16.62 -24.90 24.58
C LEU D 331 15.71 -25.92 25.27
N VAL D 332 15.95 -27.22 24.93
CA VAL D 332 15.12 -28.25 25.57
C VAL D 332 15.51 -28.24 27.07
N ALA D 333 16.81 -28.31 27.39
CA ALA D 333 17.23 -28.26 28.79
C ALA D 333 16.53 -27.09 29.51
N ASP D 334 16.64 -25.89 28.92
CA ASP D 334 16.00 -24.76 29.57
C ASP D 334 14.51 -24.94 29.74
N PHE D 335 13.89 -25.60 28.72
CA PHE D 335 12.42 -25.82 28.83
C PHE D 335 12.13 -26.75 30.04
N MET D 336 12.96 -27.78 30.14
CA MET D 336 12.90 -28.77 31.20
C MET D 336 13.05 -28.01 32.55
N ALA D 337 13.92 -26.95 32.48
CA ALA D 337 14.15 -26.16 33.70
C ALA D 337 13.09 -25.11 33.92
N LYS D 338 12.09 -25.09 33.07
CA LYS D 338 11.02 -24.08 33.27
C LYS D 338 11.43 -22.67 33.00
N LYS D 339 12.48 -22.45 32.17
CA LYS D 339 12.94 -21.11 31.84
C LYS D 339 11.94 -20.44 30.86
N PHE D 340 11.12 -21.24 30.13
CA PHE D 340 10.13 -20.62 29.20
C PHE D 340 8.96 -21.59 29.07
N ALA D 341 7.81 -21.24 28.62
CA ALA D 341 6.61 -22.06 28.45
C ALA D 341 6.24 -22.34 26.97
N LEU D 342 5.69 -23.56 26.79
CA LEU D 342 5.30 -23.99 25.43
C LEU D 342 3.78 -24.16 25.35
N ASP D 343 3.17 -24.45 26.53
CA ASP D 343 1.72 -24.64 26.59
C ASP D 343 0.81 -23.58 26.02
N PRO D 344 1.10 -22.30 26.23
CA PRO D 344 0.35 -21.20 25.69
C PRO D 344 0.33 -21.21 24.16
N LEU D 345 1.35 -21.87 23.51
CA LEU D 345 1.28 -21.88 22.01
C LEU D 345 0.42 -23.03 21.50
N ILE D 346 0.28 -24.08 22.31
CA ILE D 346 -0.52 -25.26 21.90
C ILE D 346 -2.00 -25.09 22.16
N THR D 347 -2.78 -24.91 21.09
CA THR D 347 -4.21 -24.72 21.34
C THR D 347 -5.02 -25.94 20.92
N HIS D 348 -4.55 -26.88 20.11
CA HIS D 348 -5.29 -28.02 19.70
C HIS D 348 -4.34 -29.21 19.59
N VAL D 349 -4.82 -30.41 19.85
CA VAL D 349 -3.96 -31.58 19.69
C VAL D 349 -4.77 -32.58 18.80
N LEU D 350 -4.17 -33.13 17.75
CA LEU D 350 -4.85 -34.06 16.87
C LEU D 350 -3.90 -35.20 16.48
N PRO D 351 -4.51 -36.31 16.11
CA PRO D 351 -3.79 -37.50 15.66
C PRO D 351 -3.30 -37.14 14.27
N PHE D 352 -2.15 -37.60 13.87
CA PHE D 352 -1.58 -37.30 12.55
C PHE D 352 -2.48 -37.39 11.34
N GLU D 353 -3.34 -38.39 11.33
CA GLU D 353 -4.26 -38.67 10.26
C GLU D 353 -5.23 -37.52 10.04
N LYS D 354 -5.48 -36.67 11.04
CA LYS D 354 -6.37 -35.53 10.90
C LYS D 354 -5.60 -34.27 10.47
N ILE D 355 -4.45 -34.41 9.80
CA ILE D 355 -3.67 -33.26 9.38
C ILE D 355 -4.46 -32.22 8.63
N ASN D 356 -5.31 -32.51 7.65
CA ASN D 356 -6.05 -31.51 6.90
C ASN D 356 -6.87 -30.63 7.82
N GLU D 357 -7.46 -31.24 8.86
CA GLU D 357 -8.26 -30.60 9.89
C GLU D 357 -7.36 -29.58 10.62
N GLY D 358 -6.15 -30.03 10.94
CA GLY D 358 -5.19 -29.14 11.60
C GLY D 358 -4.87 -27.91 10.70
N PHE D 359 -4.75 -28.08 9.40
CA PHE D 359 -4.46 -27.01 8.45
C PHE D 359 -5.69 -26.14 8.37
N ASP D 360 -6.88 -26.73 8.46
CA ASP D 360 -8.11 -25.92 8.41
C ASP D 360 -8.24 -25.02 9.64
N LEU D 361 -7.79 -25.56 10.77
CA LEU D 361 -7.86 -24.74 11.98
C LEU D 361 -6.88 -23.55 11.84
N LEU D 362 -5.68 -23.76 11.32
CA LEU D 362 -4.72 -22.68 11.16
C LEU D 362 -5.25 -21.67 10.14
N ARG D 363 -5.73 -22.14 9.00
CA ARG D 363 -6.25 -21.25 8.00
C ARG D 363 -7.47 -20.49 8.45
N SER D 364 -8.26 -21.10 9.33
CA SER D 364 -9.47 -20.37 9.76
C SER D 364 -9.12 -19.33 10.81
N GLY D 365 -7.93 -19.35 11.40
CA GLY D 365 -7.70 -18.26 12.39
C GLY D 365 -8.00 -18.83 13.75
N GLU D 366 -8.64 -20.00 13.84
CA GLU D 366 -8.91 -20.55 15.19
C GLU D 366 -7.71 -21.00 15.99
N SER D 367 -6.65 -21.58 15.45
CA SER D 367 -5.55 -22.04 16.30
C SER D 367 -4.25 -21.23 16.25
N ILE D 368 -3.43 -21.68 17.17
CA ILE D 368 -2.09 -21.07 17.27
C ILE D 368 -1.29 -22.25 16.72
N ARG D 369 -0.91 -23.22 17.52
CA ARG D 369 -0.20 -24.37 17.07
C ARG D 369 -1.00 -25.63 17.34
N THR D 370 -1.30 -26.41 16.31
CA THR D 370 -2.01 -27.68 16.47
C THR D 370 -0.85 -28.70 16.53
N ILE D 371 -0.79 -29.61 17.47
CA ILE D 371 0.30 -30.61 17.50
C ILE D 371 -0.29 -31.94 16.97
N LEU D 372 0.36 -32.58 16.03
CA LEU D 372 -0.06 -33.83 15.43
C LEU D 372 0.73 -34.98 16.12
N THR D 373 -0.03 -35.93 16.63
CA THR D 373 0.68 -37.04 17.28
C THR D 373 0.51 -38.30 16.41
N PHE D 374 1.55 -39.11 16.39
CA PHE D 374 1.60 -40.32 15.59
C PHE D 374 1.19 -41.58 16.34
#